data_6AEI
#
_entry.id   6AEI
#
_cell.length_a   1.00
_cell.length_b   1.00
_cell.length_c   1.00
_cell.angle_alpha   90.00
_cell.angle_beta   90.00
_cell.angle_gamma   90.00
#
_symmetry.space_group_name_H-M   'P 1'
#
loop_
_entity.id
_entity.type
_entity.pdbx_description
1 polymer 'Short transient receptor potential channel 5'
2 non-polymer 'SODIUM ION'
3 non-polymer 'CHOLESTEROL HEMISUCCINATE'
4 non-polymer '2-(HEXADECANOYLOXY)-1-[(PHOSPHONOOXY)METHYL]ETHYL HEXADECANOATE'
#
_entity_poly.entity_id   1
_entity_poly.type   'polypeptide(L)'
_entity_poly.pdbx_seq_one_letter_code
;MAQLYYKKVNYSPYRDRIPLQIVRAETELSAEEKAFLSAVEKGDYATVKQALQEAEIYYNVNINCMDPLGRSALLIAIEN
ENLEIMELLLNHSVYVGDALLYAIRKEVVGAVELLLSYRKPSGEKQVPTLMMDTQFSEFTPDITPIMLAAHTNNYEIIKL
LVQKRVTIPRPHQIRCNCVECVSSSEVDSLRHSRSRLNIYKALASPSLIALSSEDPILTAFRLGWELKELSKVENEFKAE
YEELSQQCKLFAKDLLDQARSSRELEIILNHRDDHSEELDPQKYHDLAKLKVAIKYHQKEFVAQPNCQQLLATLWYDGFP
GWRRKHWVVKLLTCMTIGFLFPMLSIAYLISPRSNLGLFIKKPFIKFICHTASYLTFLFMLLLASQHIVRTDLHVQGPPP
TVVEWMILPWVLGFIWGEIKEMWDGGFTEYIHDWWNLMDFAMNSLYLATISLKIVAYVKYNGSRPREEWEMWHPTLIAEA
LFAISNILSSLRLISLFTANSHLGPLQISLGRMLLDILKFLFIYCLVLLAFANGLNQLYFYYETRAIDEPNNCKGIRCEK
QNNAFSTLFETLQSLFWSVFGLLNLYVTNVKARHEFTEFVGATMFGTYNVISLVVLLNMLIAMMNNSYQLIADHADIEWK
FARTKLWMSYFDEGGTLPPPFNIIPSPKSFLYLGNWFNNTFCPKRDPDGRRRRHNLRSFTERHADSLIQNQHYQEVIRNL
VKRYVAAMIRNSKTNEGLTEENFKELKQDISSFRYEVLDLLGNRK
;
_entity_poly.pdbx_strand_id   A,B,C,D
#
# COMPACT_ATOMS: atom_id res chain seq x y z
N LEU A 29 -29.85 40.01 -20.29
CA LEU A 29 -31.12 39.37 -20.62
C LEU A 29 -32.30 40.20 -20.15
N SER A 30 -33.36 40.21 -20.95
CA SER A 30 -34.60 40.85 -20.55
C SER A 30 -35.32 40.01 -19.50
N ALA A 31 -36.27 40.64 -18.81
CA ALA A 31 -37.07 39.93 -17.82
C ALA A 31 -38.04 38.96 -18.47
N GLU A 32 -38.51 39.28 -19.67
CA GLU A 32 -39.37 38.36 -20.41
C GLU A 32 -38.56 37.24 -21.05
N GLU A 33 -37.30 37.50 -21.40
CA GLU A 33 -36.42 36.44 -21.89
C GLU A 33 -36.08 35.47 -20.77
N LYS A 34 -35.87 35.98 -19.55
CA LYS A 34 -35.69 35.11 -18.40
C LYS A 34 -36.98 34.42 -18.02
N ALA A 35 -38.13 35.04 -18.31
CA ALA A 35 -39.41 34.38 -18.09
C ALA A 35 -39.62 33.24 -19.08
N PHE A 36 -39.11 33.38 -20.31
CA PHE A 36 -39.19 32.29 -21.27
C PHE A 36 -38.21 31.18 -20.96
N LEU A 37 -36.99 31.54 -20.54
CA LEU A 37 -36.00 30.53 -20.20
C LEU A 37 -36.26 29.89 -18.85
N SER A 38 -37.12 30.49 -18.02
CA SER A 38 -37.64 29.85 -16.84
C SER A 38 -38.99 29.18 -17.09
N ALA A 39 -39.63 29.46 -18.22
CA ALA A 39 -40.79 28.66 -18.63
C ALA A 39 -40.34 27.26 -19.05
N VAL A 40 -39.31 27.19 -19.89
CA VAL A 40 -38.56 25.96 -20.06
C VAL A 40 -37.67 25.76 -18.83
N GLU A 41 -37.23 24.52 -18.61
CA GLU A 41 -36.57 23.92 -17.44
C GLU A 41 -37.60 23.66 -16.33
N LYS A 42 -38.86 24.04 -16.54
CA LYS A 42 -39.94 23.64 -15.65
C LYS A 42 -40.93 22.70 -16.31
N GLY A 43 -40.90 22.57 -17.63
CA GLY A 43 -41.76 21.62 -18.30
C GLY A 43 -43.09 22.16 -18.78
N ASP A 44 -43.23 23.48 -18.88
CA ASP A 44 -44.47 24.08 -19.38
C ASP A 44 -44.67 23.76 -20.86
N TYR A 45 -45.89 23.36 -21.21
CA TYR A 45 -46.31 23.31 -22.59
C TYR A 45 -47.28 24.44 -22.91
N ALA A 46 -47.72 25.20 -21.92
CA ALA A 46 -48.64 26.30 -22.12
C ALA A 46 -47.91 27.63 -22.27
N THR A 47 -47.11 28.01 -21.28
CA THR A 47 -46.47 29.33 -21.31
C THR A 47 -45.32 29.38 -22.32
N VAL A 48 -44.71 28.23 -22.59
CA VAL A 48 -43.70 28.16 -23.65
C VAL A 48 -44.35 28.37 -25.01
N LYS A 49 -45.49 27.70 -25.25
CA LYS A 49 -46.21 27.84 -26.51
C LYS A 49 -46.82 29.23 -26.65
N GLN A 50 -47.26 29.83 -25.54
CA GLN A 50 -47.76 31.20 -25.58
C GLN A 50 -46.64 32.19 -25.87
N ALA A 51 -45.45 31.94 -25.34
CA ALA A 51 -44.33 32.81 -25.65
C ALA A 51 -43.83 32.63 -27.08
N LEU A 52 -43.93 31.42 -27.63
CA LEU A 52 -43.53 31.19 -29.01
C LEU A 52 -44.57 31.65 -30.01
N GLN A 53 -45.83 31.80 -29.59
CA GLN A 53 -46.83 32.42 -30.44
C GLN A 53 -46.85 33.93 -30.31
N GLU A 54 -46.44 34.48 -29.17
CA GLU A 54 -46.24 35.92 -29.06
C GLU A 54 -44.96 36.36 -29.77
N ALA A 55 -43.97 35.46 -29.89
CA ALA A 55 -42.76 35.79 -30.63
C ALA A 55 -43.03 35.99 -32.12
N GLU A 56 -44.03 35.28 -32.66
CA GLU A 56 -44.39 35.48 -34.05
C GLU A 56 -45.11 36.81 -34.27
N ILE A 57 -46.01 37.17 -33.35
CA ILE A 57 -46.83 38.36 -33.54
C ILE A 57 -46.01 39.62 -33.30
N TYR A 58 -45.31 39.68 -32.17
CA TYR A 58 -44.45 40.81 -31.85
C TYR A 58 -43.01 40.33 -31.67
N TYR A 59 -42.07 41.20 -32.02
CA TYR A 59 -40.65 40.94 -31.82
C TYR A 59 -40.26 41.36 -30.40
N ASN A 60 -40.82 40.65 -29.43
CA ASN A 60 -40.67 40.97 -28.02
C ASN A 60 -39.56 40.16 -27.37
N VAL A 61 -39.50 38.86 -27.65
CA VAL A 61 -38.48 37.96 -27.10
C VAL A 61 -37.88 37.18 -28.26
N ASN A 62 -36.56 37.19 -28.38
CA ASN A 62 -35.90 36.30 -29.32
C ASN A 62 -35.86 34.90 -28.75
N ILE A 63 -36.21 33.92 -29.59
CA ILE A 63 -36.24 32.53 -29.15
C ILE A 63 -34.82 32.04 -28.90
N ASN A 64 -33.87 32.51 -29.71
CA ASN A 64 -32.46 32.15 -29.54
C ASN A 64 -31.79 33.08 -28.53
N CYS A 65 -32.33 33.07 -27.32
CA CYS A 65 -31.80 33.86 -26.22
C CYS A 65 -31.02 32.94 -25.30
N MET A 66 -29.80 33.33 -24.98
CA MET A 66 -28.88 32.49 -24.25
C MET A 66 -29.03 32.74 -22.75
N ASP A 67 -28.67 31.74 -21.96
CA ASP A 67 -28.42 31.97 -20.54
C ASP A 67 -27.10 32.73 -20.39
N PRO A 68 -26.76 33.18 -19.17
CA PRO A 68 -25.38 33.63 -18.94
C PRO A 68 -24.30 32.55 -19.05
N LEU A 69 -24.64 31.30 -19.38
CA LEU A 69 -23.66 30.21 -19.49
C LEU A 69 -23.91 29.48 -20.81
N GLY A 70 -24.03 30.23 -21.89
CA GLY A 70 -24.46 29.64 -23.15
C GLY A 70 -25.94 29.33 -23.05
N ARG A 71 -26.30 28.08 -23.40
CA ARG A 71 -27.57 27.47 -23.00
C ARG A 71 -28.80 28.16 -23.60
N SER A 72 -29.01 27.94 -24.90
CA SER A 72 -30.27 28.30 -25.55
C SER A 72 -31.45 27.50 -25.00
N ALA A 73 -32.67 27.91 -25.33
CA ALA A 73 -33.86 27.20 -24.88
C ALA A 73 -33.93 25.77 -25.38
N LEU A 74 -33.41 25.53 -26.60
CA LEU A 74 -33.34 24.18 -27.15
C LEU A 74 -32.41 23.29 -26.32
N LEU A 75 -31.28 23.83 -25.88
CA LEU A 75 -30.34 23.05 -25.08
C LEU A 75 -30.87 22.80 -23.69
N ILE A 76 -31.66 23.74 -23.15
CA ILE A 76 -32.37 23.53 -21.90
C ILE A 76 -33.40 22.43 -22.04
N ALA A 77 -34.09 22.39 -23.19
CA ALA A 77 -35.01 21.30 -23.47
C ALA A 77 -34.31 20.00 -23.86
N ILE A 78 -32.98 20.01 -24.02
CA ILE A 78 -32.22 18.79 -24.27
C ILE A 78 -31.64 18.21 -22.98
N GLU A 79 -31.12 19.06 -22.08
CA GLU A 79 -30.58 18.53 -20.82
C GLU A 79 -31.70 17.96 -19.93
N ASN A 80 -32.90 18.48 -20.07
CA ASN A 80 -34.07 17.87 -19.46
C ASN A 80 -34.80 17.14 -20.56
N GLU A 81 -34.84 15.81 -20.49
CA GLU A 81 -35.19 14.99 -21.64
C GLU A 81 -36.69 15.06 -21.90
N ASN A 82 -37.10 16.20 -22.45
CA ASN A 82 -38.50 16.46 -22.77
C ASN A 82 -38.61 16.67 -24.28
N LEU A 83 -39.28 15.76 -24.95
CA LEU A 83 -39.35 15.79 -26.40
C LEU A 83 -40.47 16.69 -26.92
N GLU A 84 -41.43 17.04 -26.06
CA GLU A 84 -42.54 17.87 -26.49
C GLU A 84 -42.12 19.33 -26.63
N ILE A 85 -41.28 19.82 -25.72
CA ILE A 85 -40.73 21.17 -25.87
C ILE A 85 -39.72 21.20 -27.00
N MET A 86 -39.05 20.08 -27.28
CA MET A 86 -38.15 20.03 -28.42
C MET A 86 -38.91 20.09 -29.74
N GLU A 87 -40.02 19.37 -29.86
CA GLU A 87 -40.84 19.47 -31.06
C GLU A 87 -41.49 20.84 -31.17
N LEU A 88 -41.89 21.41 -30.03
CA LEU A 88 -42.52 22.72 -30.02
C LEU A 88 -41.55 23.82 -30.44
N LEU A 89 -40.28 23.70 -30.05
CA LEU A 89 -39.28 24.66 -30.49
C LEU A 89 -38.88 24.42 -31.94
N LEU A 90 -38.64 23.16 -32.31
CA LEU A 90 -38.19 22.85 -33.67
C LEU A 90 -39.27 23.06 -34.72
N ASN A 91 -40.54 23.17 -34.33
CA ASN A 91 -41.55 23.64 -35.27
C ASN A 91 -41.36 25.11 -35.62
N HIS A 92 -40.77 25.89 -34.71
CA HIS A 92 -40.41 27.27 -34.99
C HIS A 92 -38.99 27.36 -35.54
N SER A 93 -38.62 28.55 -35.98
CA SER A 93 -37.32 28.77 -36.61
C SER A 93 -36.27 29.08 -35.54
N VAL A 94 -35.98 28.05 -34.76
CA VAL A 94 -34.90 28.10 -33.78
C VAL A 94 -33.59 27.76 -34.47
N TYR A 95 -32.51 28.43 -34.08
CA TYR A 95 -31.17 28.07 -34.52
C TYR A 95 -30.79 26.71 -33.93
N VAL A 96 -30.72 25.69 -34.79
CA VAL A 96 -30.42 24.33 -34.35
C VAL A 96 -28.92 24.07 -34.32
N GLY A 97 -28.11 25.02 -34.78
CA GLY A 97 -26.69 24.86 -35.02
C GLY A 97 -25.83 24.41 -33.84
N ASP A 98 -25.12 23.30 -34.05
CA ASP A 98 -24.22 22.65 -33.10
C ASP A 98 -24.92 22.21 -31.83
N ALA A 99 -26.23 21.92 -31.90
CA ALA A 99 -27.02 21.45 -30.77
C ALA A 99 -27.38 19.98 -30.87
N LEU A 100 -27.07 19.33 -31.99
CA LEU A 100 -27.25 17.88 -32.09
C LEU A 100 -26.19 17.15 -31.28
N LEU A 101 -25.01 17.75 -31.16
CA LEU A 101 -23.92 17.16 -30.38
C LEU A 101 -24.26 17.11 -28.90
N TYR A 102 -24.96 18.14 -28.40
CA TYR A 102 -25.42 18.15 -27.01
C TYR A 102 -26.41 17.03 -26.74
N ALA A 103 -27.24 16.70 -27.73
CA ALA A 103 -28.13 15.55 -27.59
C ALA A 103 -27.37 14.24 -27.64
N ILE A 104 -26.24 14.21 -28.35
CA ILE A 104 -25.47 12.97 -28.37
C ILE A 104 -24.69 12.77 -27.06
N ARG A 105 -24.28 13.86 -26.39
CA ARG A 105 -23.51 13.74 -25.14
C ARG A 105 -24.30 13.01 -24.06
N LYS A 106 -25.58 13.34 -23.92
CA LYS A 106 -26.39 12.79 -22.86
C LYS A 106 -27.05 11.47 -23.22
N GLU A 107 -26.72 10.92 -24.39
CA GLU A 107 -27.22 9.63 -24.87
C GLU A 107 -28.74 9.63 -25.03
N VAL A 108 -29.30 10.79 -25.35
CA VAL A 108 -30.73 10.91 -25.58
C VAL A 108 -31.02 10.39 -26.99
N VAL A 109 -32.12 9.67 -27.14
CA VAL A 109 -32.51 9.11 -28.42
C VAL A 109 -33.59 10.04 -28.98
N GLY A 110 -33.56 11.28 -28.51
CA GLY A 110 -34.25 12.40 -29.14
C GLY A 110 -33.34 13.10 -30.11
N ALA A 111 -32.28 12.40 -30.53
CA ALA A 111 -31.49 12.78 -31.70
C ALA A 111 -32.17 12.38 -33.00
N VAL A 112 -33.24 11.59 -32.92
CA VAL A 112 -34.03 11.28 -34.11
C VAL A 112 -34.76 12.53 -34.59
N GLU A 113 -35.20 13.38 -33.67
CA GLU A 113 -35.82 14.65 -34.05
C GLU A 113 -34.80 15.59 -34.68
N LEU A 114 -33.58 15.61 -34.15
CA LEU A 114 -32.56 16.50 -34.68
C LEU A 114 -31.95 15.99 -35.97
N LEU A 115 -32.07 14.69 -36.25
CA LEU A 115 -31.74 14.17 -37.57
C LEU A 115 -32.92 14.20 -38.53
N LEU A 116 -34.14 14.38 -38.02
CA LEU A 116 -35.31 14.44 -38.88
C LEU A 116 -35.46 15.82 -39.52
N SER A 117 -35.47 16.87 -38.70
CA SER A 117 -35.60 18.22 -39.21
C SER A 117 -34.27 18.76 -39.70
N GLN A 135 -19.62 31.00 -32.08
CA GLN A 135 -20.69 31.28 -31.14
C GLN A 135 -20.60 30.37 -29.93
N PHE A 136 -19.40 30.27 -29.37
CA PHE A 136 -19.16 29.44 -28.19
C PHE A 136 -19.61 27.97 -28.25
N SER A 137 -19.15 27.22 -29.24
CA SER A 137 -19.49 25.81 -29.29
C SER A 137 -18.74 25.27 -28.09
N GLU A 138 -19.27 24.26 -27.42
CA GLU A 138 -18.58 23.70 -26.26
C GLU A 138 -17.67 22.56 -26.69
N PHE A 139 -17.29 22.56 -27.97
CA PHE A 139 -16.45 21.55 -28.58
C PHE A 139 -15.43 22.21 -29.47
N THR A 140 -14.30 21.55 -29.64
CA THR A 140 -13.39 21.87 -30.72
C THR A 140 -14.12 21.63 -32.04
N PRO A 141 -14.03 22.56 -33.01
CA PRO A 141 -14.86 22.45 -34.22
C PRO A 141 -14.48 21.32 -35.18
N ASP A 142 -13.55 20.44 -34.82
CA ASP A 142 -13.31 19.22 -35.57
C ASP A 142 -14.37 18.15 -35.36
N ILE A 143 -15.18 18.28 -34.31
CA ILE A 143 -16.07 17.21 -33.87
C ILE A 143 -17.24 17.08 -34.84
N THR A 144 -17.34 15.93 -35.48
CA THR A 144 -18.50 15.45 -36.22
C THR A 144 -19.40 14.66 -35.28
N PRO A 145 -20.69 14.47 -35.61
CA PRO A 145 -21.57 13.71 -34.70
C PRO A 145 -21.18 12.25 -34.47
N ILE A 146 -20.49 11.60 -35.41
CA ILE A 146 -20.13 10.21 -35.21
C ILE A 146 -18.88 10.07 -34.35
N MET A 147 -17.98 11.07 -34.35
CA MET A 147 -16.86 11.06 -33.42
C MET A 147 -17.35 11.19 -31.99
N LEU A 148 -18.31 12.07 -31.76
CA LEU A 148 -18.84 12.26 -30.41
C LEU A 148 -19.74 11.09 -30.01
N ALA A 149 -20.43 10.49 -30.97
CA ALA A 149 -21.22 9.29 -30.69
C ALA A 149 -20.33 8.12 -30.28
N ALA A 150 -19.16 8.02 -30.91
CA ALA A 150 -18.19 7.02 -30.49
C ALA A 150 -17.51 7.38 -29.17
N HIS A 151 -17.36 8.67 -28.86
CA HIS A 151 -16.82 9.05 -27.57
C HIS A 151 -17.79 8.72 -26.44
N THR A 152 -19.10 8.76 -26.72
CA THR A 152 -20.07 8.42 -25.70
C THR A 152 -20.38 6.92 -25.64
N ASN A 153 -19.95 6.17 -26.66
CA ASN A 153 -20.02 4.70 -26.69
C ASN A 153 -21.45 4.17 -26.60
N ASN A 154 -22.42 4.91 -27.14
CA ASN A 154 -23.80 4.47 -27.14
C ASN A 154 -24.10 3.77 -28.46
N TYR A 155 -24.57 2.53 -28.39
CA TYR A 155 -24.72 1.71 -29.58
C TYR A 155 -25.86 2.18 -30.47
N GLU A 156 -26.93 2.72 -29.87
CA GLU A 156 -28.10 3.10 -30.63
C GLU A 156 -27.86 4.35 -31.48
N ILE A 157 -27.15 5.34 -30.91
CA ILE A 157 -26.87 6.57 -31.64
C ILE A 157 -25.83 6.32 -32.73
N ILE A 158 -24.87 5.45 -32.45
CA ILE A 158 -23.89 5.08 -33.46
C ILE A 158 -24.56 4.32 -34.60
N LYS A 159 -25.56 3.49 -34.29
CA LYS A 159 -26.30 2.85 -35.38
C LYS A 159 -27.16 3.84 -36.14
N LEU A 160 -27.76 4.82 -35.45
CA LEU A 160 -28.55 5.86 -36.11
C LEU A 160 -27.72 6.80 -36.97
N LEU A 161 -26.42 6.90 -36.72
CA LEU A 161 -25.57 7.76 -37.54
C LEU A 161 -24.81 6.99 -38.61
N VAL A 162 -24.47 5.72 -38.36
CA VAL A 162 -23.91 4.86 -39.40
C VAL A 162 -24.96 4.55 -40.45
N GLN A 163 -26.23 4.47 -40.06
CA GLN A 163 -27.30 4.36 -41.06
C GLN A 163 -27.53 5.64 -41.87
N LYS A 164 -26.82 6.74 -41.57
CA LYS A 164 -26.85 7.94 -42.39
C LYS A 164 -25.66 8.06 -43.33
N ARG A 165 -24.81 7.02 -43.39
CA ARG A 165 -23.68 6.90 -44.32
C ARG A 165 -22.68 8.05 -44.19
N VAL A 166 -22.29 8.35 -42.95
CA VAL A 166 -21.26 9.35 -42.70
C VAL A 166 -19.89 8.68 -42.59
N THR A 167 -18.84 9.47 -42.75
CA THR A 167 -17.47 8.98 -42.83
C THR A 167 -16.61 9.54 -41.70
N ILE A 168 -15.40 8.99 -41.57
CA ILE A 168 -14.41 9.41 -40.58
C ILE A 168 -13.05 9.54 -41.29
N PRO A 169 -12.29 10.62 -41.06
CA PRO A 169 -11.00 10.78 -41.75
C PRO A 169 -9.96 9.78 -41.28
N ARG A 170 -9.02 9.50 -42.18
CA ARG A 170 -7.85 8.69 -41.84
C ARG A 170 -6.74 9.58 -41.31
N PRO A 171 -6.03 9.15 -40.25
CA PRO A 171 -5.22 10.09 -39.46
C PRO A 171 -3.88 10.51 -40.08
N HIS A 172 -3.31 9.70 -40.97
CA HIS A 172 -1.93 9.93 -41.41
C HIS A 172 -1.81 11.14 -42.33
N GLN A 173 -0.61 11.72 -42.33
CA GLN A 173 -0.30 13.01 -42.95
C GLN A 173 0.91 12.80 -43.86
N ILE A 174 1.29 13.85 -44.59
CA ILE A 174 2.39 13.79 -45.56
C ILE A 174 3.74 13.51 -44.88
N ASP A 188 -2.72 25.52 -34.48
CA ASP A 188 -1.90 24.99 -35.56
C ASP A 188 -1.36 23.63 -35.18
N SER A 189 -0.99 23.48 -33.92
CA SER A 189 -0.43 22.23 -33.43
C SER A 189 -1.20 21.60 -32.28
N LEU A 190 -2.04 22.34 -31.56
CA LEU A 190 -2.94 21.71 -30.60
C LEU A 190 -4.16 21.13 -31.30
N ARG A 191 -4.61 21.77 -32.38
CA ARG A 191 -5.74 21.25 -33.14
C ARG A 191 -5.36 19.99 -33.88
N HIS A 192 -4.09 19.84 -34.24
CA HIS A 192 -3.68 18.68 -35.02
C HIS A 192 -3.56 17.44 -34.13
N SER A 193 -2.91 17.58 -32.98
CA SER A 193 -2.83 16.45 -32.05
C SER A 193 -4.14 16.20 -31.34
N ARG A 194 -4.91 17.27 -31.07
CA ARG A 194 -6.23 17.12 -30.49
C ARG A 194 -7.19 16.44 -31.46
N SER A 195 -7.10 16.79 -32.74
CA SER A 195 -7.96 16.16 -33.74
C SER A 195 -7.55 14.73 -34.01
N ARG A 196 -6.24 14.45 -33.98
CA ARG A 196 -5.79 13.06 -34.13
C ARG A 196 -6.20 12.22 -32.94
N LEU A 197 -6.19 12.82 -31.73
CA LEU A 197 -6.64 12.10 -30.54
C LEU A 197 -8.14 11.91 -30.55
N ASN A 198 -8.89 12.82 -31.19
CA ASN A 198 -10.33 12.61 -31.33
C ASN A 198 -10.63 11.52 -32.36
N ILE A 199 -9.85 11.45 -33.44
CA ILE A 199 -10.07 10.43 -34.46
C ILE A 199 -9.73 9.05 -33.92
N TYR A 200 -8.56 8.91 -33.29
CA TYR A 200 -8.22 7.64 -32.65
C TYR A 200 -9.09 7.35 -31.44
N LYS A 201 -9.62 8.37 -30.78
CA LYS A 201 -10.53 8.14 -29.67
C LYS A 201 -11.89 7.65 -30.16
N ALA A 202 -12.28 8.03 -31.37
CA ALA A 202 -13.54 7.56 -31.92
C ALA A 202 -13.40 6.18 -32.55
N LEU A 203 -12.25 5.90 -33.19
CA LEU A 203 -12.04 4.60 -33.80
C LEU A 203 -11.85 3.50 -32.76
N ALA A 204 -11.38 3.86 -31.56
CA ALA A 204 -11.11 2.89 -30.51
C ALA A 204 -12.32 2.62 -29.64
N SER A 205 -13.51 3.01 -30.09
CA SER A 205 -14.68 2.69 -29.30
C SER A 205 -15.21 1.31 -29.65
N PRO A 206 -15.65 0.54 -28.66
CA PRO A 206 -16.10 -0.83 -28.92
C PRO A 206 -17.46 -0.96 -29.58
N SER A 207 -18.04 0.12 -30.10
CA SER A 207 -19.26 0.04 -30.87
C SER A 207 -19.07 0.44 -32.33
N LEU A 208 -18.07 1.27 -32.65
CA LEU A 208 -17.64 1.43 -34.04
C LEU A 208 -16.73 0.32 -34.48
N ILE A 209 -16.21 -0.47 -33.54
CA ILE A 209 -15.52 -1.68 -33.95
C ILE A 209 -16.52 -2.83 -34.08
N ALA A 210 -17.59 -2.82 -33.27
CA ALA A 210 -18.62 -3.85 -33.36
C ALA A 210 -19.46 -3.68 -34.61
N LEU A 211 -19.71 -2.44 -35.00
CA LEU A 211 -20.33 -2.11 -36.28
C LEU A 211 -19.24 -1.77 -37.29
N SER A 212 -19.65 -1.75 -38.57
CA SER A 212 -18.92 -1.11 -39.67
C SER A 212 -17.51 -1.68 -39.88
N SER A 213 -17.25 -2.89 -39.41
CA SER A 213 -15.94 -3.50 -39.53
C SER A 213 -16.11 -4.96 -39.89
N GLU A 214 -15.16 -5.48 -40.68
CA GLU A 214 -15.27 -6.83 -41.19
C GLU A 214 -15.12 -7.85 -40.07
N ASP A 215 -14.02 -7.78 -39.33
CA ASP A 215 -13.91 -8.51 -38.09
C ASP A 215 -13.39 -7.60 -36.97
N PRO A 216 -14.10 -7.52 -35.85
CA PRO A 216 -13.69 -6.60 -34.78
C PRO A 216 -12.47 -7.06 -34.00
N ILE A 217 -12.06 -8.31 -34.11
CA ILE A 217 -10.93 -8.79 -33.32
C ILE A 217 -9.61 -8.31 -33.90
N LEU A 218 -9.43 -8.40 -35.23
CA LEU A 218 -8.24 -7.85 -35.85
C LEU A 218 -8.21 -6.33 -35.78
N THR A 219 -9.38 -5.68 -35.82
CA THR A 219 -9.44 -4.23 -35.70
C THR A 219 -9.05 -3.80 -34.29
N ALA A 220 -9.50 -4.54 -33.28
CA ALA A 220 -9.09 -4.25 -31.91
C ALA A 220 -7.62 -4.54 -31.70
N PHE A 221 -7.07 -5.55 -32.38
CA PHE A 221 -5.65 -5.86 -32.25
C PHE A 221 -4.79 -4.77 -32.88
N ARG A 222 -5.09 -4.42 -34.14
CA ARG A 222 -4.30 -3.43 -34.85
C ARG A 222 -4.46 -2.04 -34.27
N LEU A 223 -5.66 -1.70 -33.77
CA LEU A 223 -5.83 -0.42 -33.09
C LEU A 223 -5.13 -0.41 -31.75
N GLY A 224 -5.12 -1.52 -31.02
CA GLY A 224 -4.35 -1.58 -29.78
C GLY A 224 -2.86 -1.40 -30.02
N TRP A 225 -2.35 -1.97 -31.11
CA TRP A 225 -0.95 -1.79 -31.46
C TRP A 225 -0.65 -0.37 -31.90
N GLU A 226 -1.49 0.22 -32.76
CA GLU A 226 -1.24 1.57 -33.26
C GLU A 226 -1.38 2.61 -32.16
N LEU A 227 -2.27 2.37 -31.20
CA LEU A 227 -2.38 3.27 -30.06
C LEU A 227 -1.26 3.06 -29.05
N LYS A 228 -0.72 1.84 -28.95
CA LYS A 228 0.42 1.63 -28.06
C LYS A 228 1.69 2.27 -28.61
N GLU A 229 1.99 2.04 -29.89
CA GLU A 229 3.12 2.71 -30.53
C GLU A 229 2.90 4.21 -30.59
N LEU A 230 1.65 4.64 -30.79
CA LEU A 230 1.37 6.07 -30.85
C LEU A 230 1.51 6.73 -29.48
N SER A 231 1.28 5.95 -28.41
CA SER A 231 1.58 6.45 -27.07
C SER A 231 3.08 6.50 -26.83
N LYS A 232 3.83 5.55 -27.39
CA LYS A 232 5.29 5.58 -27.24
C LYS A 232 5.95 6.70 -28.03
N VAL A 233 5.35 7.11 -29.14
CA VAL A 233 5.93 8.18 -29.95
C VAL A 233 5.76 9.53 -29.26
N GLU A 234 4.54 9.84 -28.84
CA GLU A 234 4.22 11.15 -28.29
C GLU A 234 4.36 11.10 -26.79
N ASN A 235 5.32 11.87 -26.26
CA ASN A 235 5.56 11.90 -24.82
C ASN A 235 4.38 12.54 -24.10
N GLU A 236 3.87 13.63 -24.64
CA GLU A 236 2.61 14.18 -24.18
C GLU A 236 1.46 13.31 -24.67
N PHE A 237 0.36 13.33 -23.92
CA PHE A 237 -0.87 12.57 -24.17
C PHE A 237 -0.66 11.06 -24.12
N LYS A 238 0.37 10.60 -23.41
CA LYS A 238 0.70 9.18 -23.37
C LYS A 238 -0.34 8.40 -22.58
N ALA A 239 -0.81 8.96 -21.47
CA ALA A 239 -1.75 8.27 -20.58
C ALA A 239 -3.15 8.17 -21.17
N GLU A 240 -3.44 8.86 -22.26
CA GLU A 240 -4.73 8.74 -22.93
C GLU A 240 -4.71 7.75 -24.07
N TYR A 241 -3.64 7.73 -24.88
CA TYR A 241 -3.51 6.70 -25.90
C TYR A 241 -3.28 5.33 -25.29
N GLU A 242 -2.61 5.26 -24.14
CA GLU A 242 -2.52 3.97 -23.45
C GLU A 242 -3.87 3.51 -22.92
N GLU A 243 -4.71 4.46 -22.50
CA GLU A 243 -6.06 4.14 -22.06
C GLU A 243 -6.91 3.64 -23.22
N LEU A 244 -6.75 4.23 -24.40
CA LEU A 244 -7.47 3.78 -25.58
C LEU A 244 -6.98 2.41 -26.03
N SER A 245 -5.68 2.14 -25.88
CA SER A 245 -5.16 0.82 -26.25
C SER A 245 -5.66 -0.25 -25.29
N GLN A 246 -5.75 0.06 -23.99
CA GLN A 246 -6.32 -0.89 -23.04
C GLN A 246 -7.82 -1.08 -23.27
N GLN A 247 -8.49 -0.05 -23.78
CA GLN A 247 -9.88 -0.18 -24.20
C GLN A 247 -10.01 -1.16 -25.36
N CYS A 248 -9.10 -1.06 -26.35
CA CYS A 248 -9.12 -1.98 -27.48
C CYS A 248 -8.78 -3.40 -27.10
N LYS A 249 -7.89 -3.60 -26.12
CA LYS A 249 -7.58 -4.95 -25.68
C LYS A 249 -8.72 -5.55 -24.87
N LEU A 250 -9.32 -4.75 -23.99
CA LEU A 250 -10.44 -5.18 -23.16
C LEU A 250 -11.66 -5.53 -24.01
N PHE A 251 -11.84 -4.84 -25.14
CA PHE A 251 -12.94 -5.17 -26.06
C PHE A 251 -12.78 -6.55 -26.67
N ALA A 252 -11.60 -6.88 -27.17
CA ALA A 252 -11.39 -8.18 -27.81
C ALA A 252 -11.45 -9.32 -26.80
N LYS A 253 -10.94 -9.06 -25.59
CA LYS A 253 -11.07 -10.04 -24.52
C LYS A 253 -12.53 -10.27 -24.15
N ASP A 254 -13.34 -9.21 -24.15
CA ASP A 254 -14.76 -9.38 -23.86
C ASP A 254 -15.51 -9.99 -25.04
N LEU A 255 -14.95 -9.95 -26.25
CA LEU A 255 -15.50 -10.77 -27.32
C LEU A 255 -15.21 -12.26 -27.12
N LEU A 256 -14.03 -12.62 -26.59
CA LEU A 256 -13.84 -14.04 -26.26
C LEU A 256 -14.66 -14.49 -25.07
N ASP A 257 -15.02 -13.58 -24.17
CA ASP A 257 -15.83 -13.98 -23.01
C ASP A 257 -17.23 -14.41 -23.41
N GLN A 258 -17.72 -13.98 -24.57
CA GLN A 258 -19.08 -14.29 -25.00
C GLN A 258 -19.19 -15.58 -25.79
N ALA A 259 -18.10 -16.33 -25.98
CA ALA A 259 -18.18 -17.60 -26.70
C ALA A 259 -18.75 -18.67 -25.78
N ARG A 260 -19.90 -19.22 -26.15
CA ARG A 260 -20.61 -20.17 -25.30
C ARG A 260 -20.55 -21.60 -25.83
N SER A 261 -19.59 -21.90 -26.70
CA SER A 261 -19.33 -23.26 -27.13
C SER A 261 -17.90 -23.32 -27.64
N SER A 262 -17.43 -24.54 -27.93
CA SER A 262 -16.07 -24.72 -28.40
C SER A 262 -15.96 -24.77 -29.91
N ARG A 263 -17.07 -24.99 -30.63
CA ARG A 263 -17.05 -24.78 -32.07
C ARG A 263 -16.86 -23.32 -32.40
N GLU A 264 -17.52 -22.43 -31.65
CA GLU A 264 -17.33 -21.00 -31.84
C GLU A 264 -15.91 -20.58 -31.49
N LEU A 265 -15.36 -21.14 -30.40
CA LEU A 265 -14.02 -20.77 -29.97
C LEU A 265 -12.96 -21.28 -30.94
N GLU A 266 -13.17 -22.46 -31.52
CA GLU A 266 -12.24 -22.95 -32.53
C GLU A 266 -12.40 -22.23 -33.86
N ILE A 267 -13.58 -21.70 -34.16
CA ILE A 267 -13.71 -20.88 -35.36
C ILE A 267 -12.99 -19.55 -35.18
N ILE A 268 -13.07 -18.98 -33.97
CA ILE A 268 -12.34 -17.73 -33.68
C ILE A 268 -10.85 -17.94 -33.77
N LEU A 269 -10.31 -18.88 -32.99
CA LEU A 269 -8.87 -18.96 -32.83
C LEU A 269 -8.13 -19.56 -34.02
N ASN A 270 -8.84 -20.10 -35.02
CA ASN A 270 -8.21 -20.70 -36.18
C ASN A 270 -8.36 -19.87 -37.44
N HIS A 271 -8.92 -18.66 -37.33
CA HIS A 271 -9.30 -17.89 -38.52
C HIS A 271 -8.06 -17.27 -39.15
N ARG A 272 -7.67 -17.82 -40.30
CA ARG A 272 -6.61 -17.25 -41.10
C ARG A 272 -7.17 -16.15 -41.98
N ASP A 273 -6.55 -14.98 -41.95
CA ASP A 273 -7.01 -13.84 -42.76
C ASP A 273 -6.52 -14.04 -44.21
N ASP A 286 -3.35 -25.30 -37.37
CA ASP A 286 -2.71 -24.07 -36.95
C ASP A 286 -3.66 -23.26 -36.07
N LEU A 287 -3.12 -22.24 -35.41
CA LEU A 287 -3.88 -21.30 -34.60
C LEU A 287 -3.49 -19.90 -35.08
N ALA A 288 -4.17 -19.40 -36.11
CA ALA A 288 -3.74 -18.15 -36.71
C ALA A 288 -4.06 -16.96 -35.84
N LYS A 289 -5.23 -16.96 -35.21
CA LYS A 289 -5.66 -15.79 -34.45
C LYS A 289 -4.91 -15.66 -33.13
N LEU A 290 -4.43 -16.79 -32.58
CA LEU A 290 -3.54 -16.70 -31.43
C LEU A 290 -2.14 -16.23 -31.82
N LYS A 291 -1.64 -16.62 -32.99
CA LYS A 291 -0.35 -16.10 -33.43
C LYS A 291 -0.40 -14.60 -33.67
N VAL A 292 -1.53 -14.12 -34.19
CA VAL A 292 -1.72 -12.69 -34.37
C VAL A 292 -1.92 -12.01 -33.02
N ALA A 293 -2.56 -12.70 -32.08
CA ALA A 293 -2.77 -12.13 -30.75
C ALA A 293 -1.48 -12.03 -29.95
N ILE A 294 -0.57 -12.99 -30.11
CA ILE A 294 0.73 -12.91 -29.46
C ILE A 294 1.63 -11.94 -30.20
N LYS A 295 1.45 -11.84 -31.53
CA LYS A 295 2.21 -10.89 -32.33
C LYS A 295 1.92 -9.45 -31.96
N TYR A 296 0.65 -9.14 -31.68
CA TYR A 296 0.26 -7.80 -31.26
C TYR A 296 0.22 -7.63 -29.75
N HIS A 297 0.79 -8.59 -29.00
CA HIS A 297 0.96 -8.52 -27.54
C HIS A 297 -0.36 -8.34 -26.80
N GLN A 298 -1.32 -9.20 -27.12
CA GLN A 298 -2.66 -9.12 -26.54
C GLN A 298 -2.73 -10.11 -25.39
N LYS A 299 -2.27 -9.65 -24.22
CA LYS A 299 -2.03 -10.55 -23.11
C LYS A 299 -3.31 -10.96 -22.41
N GLU A 300 -4.33 -10.10 -22.40
CA GLU A 300 -5.60 -10.47 -21.79
C GLU A 300 -6.43 -11.36 -22.70
N PHE A 301 -6.24 -11.25 -24.01
CA PHE A 301 -6.90 -12.12 -24.97
C PHE A 301 -6.43 -13.55 -24.83
N VAL A 302 -5.11 -13.74 -24.70
CA VAL A 302 -4.54 -15.08 -24.65
C VAL A 302 -4.78 -15.72 -23.29
N ALA A 303 -4.69 -14.93 -22.21
CA ALA A 303 -4.88 -15.46 -20.87
C ALA A 303 -6.34 -15.66 -20.50
N GLN A 304 -7.26 -15.42 -21.41
CA GLN A 304 -8.67 -15.71 -21.17
C GLN A 304 -8.86 -17.22 -21.01
N PRO A 305 -9.60 -17.69 -20.00
CA PRO A 305 -9.49 -19.09 -19.58
C PRO A 305 -10.08 -20.10 -20.54
N ASN A 306 -10.98 -19.70 -21.43
CA ASN A 306 -11.45 -20.65 -22.44
C ASN A 306 -10.36 -20.93 -23.46
N CYS A 307 -9.61 -19.88 -23.83
CA CYS A 307 -8.42 -20.05 -24.66
C CYS A 307 -7.37 -20.87 -23.95
N GLN A 308 -7.26 -20.74 -22.63
CA GLN A 308 -6.29 -21.54 -21.89
C GLN A 308 -6.73 -22.99 -21.78
N GLN A 309 -8.05 -23.25 -21.78
CA GLN A 309 -8.50 -24.64 -21.85
C GLN A 309 -8.24 -25.25 -23.22
N LEU A 310 -8.42 -24.48 -24.30
CA LEU A 310 -8.13 -25.01 -25.63
C LEU A 310 -6.65 -25.28 -25.80
N LEU A 311 -5.80 -24.34 -25.37
CA LEU A 311 -4.36 -24.54 -25.43
C LEU A 311 -3.90 -25.65 -24.48
N ALA A 312 -4.62 -25.86 -23.38
CA ALA A 312 -4.27 -26.97 -22.49
C ALA A 312 -4.66 -28.31 -23.07
N THR A 313 -5.76 -28.39 -23.82
CA THR A 313 -6.08 -29.67 -24.46
C THR A 313 -5.20 -29.93 -25.66
N LEU A 314 -4.74 -28.88 -26.35
CA LEU A 314 -3.75 -29.08 -27.40
C LEU A 314 -2.40 -29.44 -26.79
N TRP A 315 -2.14 -28.96 -25.58
CA TRP A 315 -0.86 -29.18 -24.92
C TRP A 315 -0.75 -30.59 -24.36
N TYR A 316 -1.79 -31.06 -23.67
CA TYR A 316 -1.78 -32.37 -23.02
C TYR A 316 -2.46 -33.45 -23.84
N ASP A 317 -2.36 -33.40 -25.18
CA ASP A 317 -2.93 -34.48 -25.98
C ASP A 317 -2.18 -35.78 -25.72
N GLY A 318 -2.93 -36.88 -25.71
CA GLY A 318 -2.38 -38.11 -25.21
C GLY A 318 -2.34 -38.20 -23.70
N PHE A 319 -3.12 -37.36 -23.01
CA PHE A 319 -3.26 -37.42 -21.56
C PHE A 319 -4.72 -37.15 -21.22
N PRO A 320 -5.50 -38.16 -20.90
CA PRO A 320 -6.84 -37.93 -20.37
C PRO A 320 -6.79 -37.43 -18.93
N GLY A 321 -6.96 -36.13 -18.74
CA GLY A 321 -6.97 -35.55 -17.41
C GLY A 321 -5.63 -35.59 -16.71
N TRP A 322 -4.68 -34.78 -17.18
CA TRP A 322 -3.40 -34.70 -16.50
C TRP A 322 -3.53 -33.95 -15.18
N ARG A 323 -4.35 -32.90 -15.15
CA ARG A 323 -4.53 -32.10 -13.95
C ARG A 323 -5.32 -32.83 -12.88
N ARG A 324 -6.07 -33.87 -13.25
CA ARG A 324 -6.77 -34.69 -12.27
C ARG A 324 -5.83 -35.59 -11.49
N LYS A 325 -4.64 -35.86 -12.02
CA LYS A 325 -3.70 -36.78 -11.40
C LYS A 325 -3.02 -36.14 -10.19
N HIS A 326 -2.51 -36.99 -9.31
CA HIS A 326 -1.73 -36.53 -8.17
C HIS A 326 -0.31 -36.21 -8.61
N TRP A 327 0.33 -35.29 -7.88
CA TRP A 327 1.63 -34.77 -8.31
C TRP A 327 2.76 -35.79 -8.19
N VAL A 328 2.57 -36.85 -7.42
CA VAL A 328 3.55 -37.93 -7.40
C VAL A 328 3.46 -38.74 -8.69
N VAL A 329 2.25 -38.98 -9.18
CA VAL A 329 2.07 -39.63 -10.48
C VAL A 329 2.56 -38.72 -11.60
N LYS A 330 2.36 -37.41 -11.44
CA LYS A 330 2.91 -36.43 -12.38
C LYS A 330 4.44 -36.50 -12.39
N LEU A 331 5.05 -36.60 -11.21
CA LEU A 331 6.51 -36.69 -11.11
C LEU A 331 7.04 -37.98 -11.72
N LEU A 332 6.30 -39.09 -11.54
CA LEU A 332 6.75 -40.36 -12.12
C LEU A 332 6.60 -40.37 -13.63
N THR A 333 5.57 -39.72 -14.17
CA THR A 333 5.46 -39.62 -15.62
C THR A 333 6.52 -38.67 -16.19
N CYS A 334 6.83 -37.59 -15.46
CA CYS A 334 7.89 -36.67 -15.90
C CYS A 334 9.26 -37.35 -15.89
N MET A 335 9.53 -38.17 -14.87
CA MET A 335 10.83 -38.83 -14.80
C MET A 335 10.93 -39.97 -15.81
N THR A 336 9.92 -40.84 -15.87
CA THR A 336 10.00 -42.01 -16.76
C THR A 336 9.90 -41.63 -18.22
N ILE A 337 9.16 -40.57 -18.56
CA ILE A 337 9.23 -40.04 -19.92
C ILE A 337 10.56 -39.28 -20.10
N GLY A 338 11.12 -38.75 -19.02
CA GLY A 338 12.40 -38.07 -19.11
C GLY A 338 13.59 -38.98 -19.42
N PHE A 339 13.58 -40.21 -18.91
CA PHE A 339 14.69 -41.12 -19.19
C PHE A 339 14.68 -41.63 -20.62
N LEU A 340 13.55 -41.60 -21.31
CA LEU A 340 13.37 -42.30 -22.57
C LEU A 340 13.54 -41.39 -23.78
N PHE A 341 14.32 -40.32 -23.66
CA PHE A 341 14.50 -39.46 -24.85
C PHE A 341 15.34 -40.09 -25.97
N PRO A 342 16.30 -41.00 -25.74
CA PRO A 342 16.74 -41.80 -26.89
C PRO A 342 15.72 -42.83 -27.33
N MET A 343 14.96 -43.43 -26.41
CA MET A 343 13.94 -44.40 -26.81
C MET A 343 12.74 -43.75 -27.47
N LEU A 344 12.57 -42.43 -27.33
CA LEU A 344 11.53 -41.71 -28.04
C LEU A 344 12.07 -40.85 -29.17
N SER A 345 13.39 -40.69 -29.28
CA SER A 345 13.98 -39.86 -30.33
C SER A 345 14.72 -40.67 -31.40
N ILE A 346 15.02 -41.95 -31.14
CA ILE A 346 15.45 -42.84 -32.23
C ILE A 346 14.26 -43.18 -33.12
N ALA A 347 13.12 -43.50 -32.52
CA ALA A 347 11.87 -43.38 -33.24
C ALA A 347 11.61 -41.90 -33.53
N TYR A 348 10.93 -41.64 -34.65
CA TYR A 348 10.74 -40.40 -35.42
C TYR A 348 11.99 -40.08 -36.26
N LEU A 349 13.07 -40.84 -36.12
CA LEU A 349 14.15 -40.82 -37.10
C LEU A 349 14.10 -42.02 -38.05
N ILE A 350 13.77 -43.20 -37.54
CA ILE A 350 13.65 -44.40 -38.37
C ILE A 350 12.21 -44.63 -38.81
N SER A 351 11.27 -44.56 -37.87
CA SER A 351 9.84 -44.75 -38.17
C SER A 351 9.10 -43.51 -37.69
N PRO A 352 8.98 -42.48 -38.54
CA PRO A 352 8.15 -41.32 -38.16
C PRO A 352 6.67 -41.65 -38.08
N ARG A 353 6.14 -42.36 -39.09
CA ARG A 353 4.73 -42.74 -39.11
C ARG A 353 4.57 -44.09 -38.41
N SER A 354 4.67 -44.04 -37.08
CA SER A 354 4.58 -45.24 -36.26
C SER A 354 3.89 -44.90 -34.94
N ASN A 355 3.72 -45.91 -34.10
CA ASN A 355 3.09 -45.71 -32.80
C ASN A 355 4.00 -44.94 -31.85
N LEU A 356 5.32 -45.02 -32.03
CA LEU A 356 6.25 -44.25 -31.23
C LEU A 356 6.75 -43.00 -31.94
N GLY A 357 6.74 -42.98 -33.27
CA GLY A 357 7.11 -41.77 -33.99
C GLY A 357 6.08 -40.67 -33.88
N LEU A 358 4.82 -41.02 -33.64
CA LEU A 358 3.78 -40.04 -33.35
C LEU A 358 3.64 -39.74 -31.88
N PHE A 359 4.54 -40.26 -31.03
CA PHE A 359 4.44 -40.01 -29.60
C PHE A 359 5.34 -38.87 -29.14
N ILE A 360 6.41 -38.57 -29.87
CA ILE A 360 7.20 -37.38 -29.57
C ILE A 360 6.62 -36.16 -30.27
N LYS A 361 5.66 -36.34 -31.18
CA LYS A 361 4.96 -35.23 -31.80
C LYS A 361 4.04 -34.50 -30.83
N LYS A 362 3.72 -35.11 -29.70
CA LYS A 362 2.91 -34.45 -28.69
C LYS A 362 3.74 -33.36 -28.01
N PRO A 363 3.19 -32.16 -27.83
CA PRO A 363 4.03 -31.04 -27.36
C PRO A 363 4.44 -31.12 -25.90
N PHE A 364 3.62 -31.73 -25.04
CA PHE A 364 4.09 -31.95 -23.67
C PHE A 364 5.12 -33.07 -23.61
N ILE A 365 5.07 -34.02 -24.55
CA ILE A 365 6.16 -34.99 -24.72
C ILE A 365 7.28 -34.40 -25.56
N LYS A 366 7.10 -33.21 -26.10
CA LYS A 366 8.28 -32.48 -26.55
C LYS A 366 8.97 -31.79 -25.38
N PHE A 367 8.21 -31.08 -24.54
CA PHE A 367 8.79 -30.26 -23.47
C PHE A 367 9.54 -31.10 -22.46
N ILE A 368 8.87 -32.08 -21.87
CA ILE A 368 9.59 -33.19 -21.28
C ILE A 368 10.31 -33.92 -22.38
N CYS A 369 11.58 -34.25 -22.16
CA CYS A 369 12.57 -34.94 -23.00
C CYS A 369 13.20 -34.02 -24.04
N HIS A 370 12.82 -32.74 -24.12
CA HIS A 370 13.73 -31.68 -24.59
C HIS A 370 14.50 -31.05 -23.47
N THR A 371 13.91 -31.00 -22.27
CA THR A 371 14.50 -30.36 -21.12
C THR A 371 15.18 -31.35 -20.17
N ALA A 372 14.71 -32.60 -20.12
CA ALA A 372 15.48 -33.62 -19.40
C ALA A 372 16.76 -33.96 -20.15
N SER A 373 16.71 -33.85 -21.48
CA SER A 373 17.92 -33.90 -22.31
C SER A 373 18.88 -32.76 -21.99
N TYR A 374 18.33 -31.58 -21.72
CA TYR A 374 19.18 -30.45 -21.32
C TYR A 374 19.75 -30.68 -19.94
N LEU A 375 19.01 -31.36 -19.06
CA LEU A 375 19.56 -31.72 -17.76
C LEU A 375 20.62 -32.81 -17.87
N THR A 376 20.56 -33.65 -18.92
CA THR A 376 21.67 -34.57 -19.14
C THR A 376 22.90 -33.84 -19.68
N PHE A 377 22.69 -32.79 -20.49
CA PHE A 377 23.82 -31.99 -20.96
C PHE A 377 24.50 -31.24 -19.82
N LEU A 378 23.71 -30.63 -18.93
CA LEU A 378 24.28 -30.01 -17.74
C LEU A 378 24.86 -31.04 -16.78
N PHE A 379 24.35 -32.28 -16.83
CA PHE A 379 25.01 -33.34 -16.07
C PHE A 379 26.37 -33.67 -16.66
N MET A 380 26.51 -33.58 -17.99
CA MET A 380 27.82 -33.76 -18.60
C MET A 380 28.74 -32.59 -18.30
N LEU A 381 28.20 -31.40 -18.10
CA LEU A 381 29.04 -30.27 -17.70
C LEU A 381 29.47 -30.38 -16.24
N LEU A 382 28.62 -30.92 -15.38
CA LEU A 382 29.05 -31.25 -14.02
C LEU A 382 30.08 -32.37 -14.02
N LEU A 383 29.94 -33.32 -14.95
CA LEU A 383 30.88 -34.43 -15.03
C LEU A 383 32.22 -33.96 -15.59
N ALA A 384 32.20 -32.90 -16.40
CA ALA A 384 33.39 -32.42 -17.08
C ALA A 384 34.43 -31.81 -16.14
N SER A 385 34.02 -31.34 -14.96
CA SER A 385 34.93 -30.77 -13.98
C SER A 385 35.55 -31.81 -13.06
N GLN A 386 35.43 -33.10 -13.39
CA GLN A 386 36.02 -34.16 -12.58
C GLN A 386 36.86 -35.09 -13.45
N HIS A 394 51.91 -30.75 -17.66
CA HIS A 394 50.56 -30.82 -18.21
C HIS A 394 50.61 -30.45 -19.68
N VAL A 395 49.69 -30.99 -20.47
CA VAL A 395 49.72 -30.78 -21.91
C VAL A 395 49.27 -29.36 -22.21
N GLN A 396 49.98 -28.69 -23.11
CA GLN A 396 49.63 -27.33 -23.50
C GLN A 396 48.27 -27.30 -24.20
N GLY A 397 48.15 -28.03 -25.30
CA GLY A 397 46.86 -28.26 -25.90
C GLY A 397 46.57 -29.73 -25.99
N PRO A 398 45.62 -30.21 -25.19
CA PRO A 398 45.37 -31.65 -25.11
C PRO A 398 44.40 -32.09 -26.19
N PRO A 399 44.33 -33.39 -26.49
CA PRO A 399 43.18 -33.91 -27.21
C PRO A 399 41.94 -33.82 -26.33
N PRO A 400 40.75 -33.74 -26.93
CA PRO A 400 39.54 -33.60 -26.12
C PRO A 400 39.25 -34.84 -25.28
N THR A 401 38.69 -34.59 -24.11
CA THR A 401 38.36 -35.65 -23.17
C THR A 401 37.14 -36.40 -23.71
N VAL A 402 36.96 -37.65 -23.21
CA VAL A 402 35.82 -38.48 -23.60
C VAL A 402 34.51 -37.79 -23.25
N VAL A 403 34.49 -37.05 -22.15
CA VAL A 403 33.36 -36.19 -21.80
C VAL A 403 33.17 -35.10 -22.85
N GLU A 404 34.25 -34.46 -23.29
CA GLU A 404 34.13 -33.40 -24.30
C GLU A 404 33.73 -33.98 -25.66
N TRP A 405 34.20 -35.19 -25.98
CA TRP A 405 33.75 -35.84 -27.21
C TRP A 405 32.26 -36.16 -27.13
N MET A 406 31.76 -36.51 -25.95
CA MET A 406 30.33 -36.65 -25.78
C MET A 406 29.59 -35.30 -25.80
N ILE A 407 30.26 -34.20 -25.45
CA ILE A 407 29.55 -32.91 -25.34
C ILE A 407 29.46 -32.18 -26.68
N LEU A 408 30.48 -32.32 -27.56
CA LEU A 408 30.52 -31.62 -28.83
C LEU A 408 29.28 -31.71 -29.73
N PRO A 409 28.58 -32.88 -29.90
CA PRO A 409 27.35 -32.85 -30.72
C PRO A 409 26.12 -32.29 -30.01
N TRP A 410 26.05 -32.29 -28.67
CA TRP A 410 25.08 -31.44 -27.97
C TRP A 410 25.28 -29.97 -28.35
N VAL A 411 26.53 -29.52 -28.36
CA VAL A 411 26.85 -28.14 -28.69
C VAL A 411 26.48 -27.83 -30.14
N LEU A 412 26.80 -28.76 -31.05
CA LEU A 412 26.43 -28.56 -32.46
C LEU A 412 24.92 -28.62 -32.67
N GLY A 413 24.21 -29.36 -31.82
CA GLY A 413 22.75 -29.34 -31.90
C GLY A 413 22.17 -28.04 -31.40
N PHE A 414 22.83 -27.41 -30.42
CA PHE A 414 22.39 -26.09 -29.98
C PHE A 414 22.65 -25.03 -31.04
N ILE A 415 23.82 -25.07 -31.66
CA ILE A 415 24.17 -24.06 -32.66
C ILE A 415 23.34 -24.24 -33.93
N TRP A 416 23.12 -25.50 -34.34
CA TRP A 416 22.23 -25.76 -35.48
C TRP A 416 20.79 -25.41 -35.15
N GLY A 417 20.39 -25.57 -33.88
CA GLY A 417 19.06 -25.15 -33.48
C GLY A 417 18.88 -23.64 -33.52
N GLU A 418 19.91 -22.89 -33.11
CA GLU A 418 19.79 -21.44 -33.08
C GLU A 418 19.92 -20.83 -34.47
N ILE A 419 20.76 -21.43 -35.34
CA ILE A 419 20.76 -21.05 -36.75
C ILE A 419 19.43 -21.39 -37.40
N LYS A 420 18.83 -22.52 -36.99
CA LYS A 420 17.49 -22.87 -37.47
C LYS A 420 16.44 -21.86 -37.00
N GLU A 421 16.64 -21.25 -35.84
CA GLU A 421 15.74 -20.19 -35.41
C GLU A 421 16.05 -18.84 -36.04
N MET A 422 17.30 -18.60 -36.45
CA MET A 422 17.63 -17.35 -37.14
C MET A 422 17.27 -17.38 -38.61
N TRP A 423 17.10 -18.58 -39.20
CA TRP A 423 16.52 -18.66 -40.53
C TRP A 423 15.06 -18.26 -40.52
N ASP A 424 14.33 -18.62 -39.47
CA ASP A 424 12.93 -18.25 -39.37
C ASP A 424 12.82 -16.76 -39.06
N GLY A 425 11.96 -16.07 -39.81
CA GLY A 425 11.81 -14.63 -39.64
C GLY A 425 13.06 -13.87 -40.02
N GLY A 426 13.60 -13.13 -39.05
CA GLY A 426 14.81 -12.36 -39.24
C GLY A 426 15.40 -12.02 -37.88
N PHE A 427 16.32 -11.05 -37.88
CA PHE A 427 16.86 -10.56 -36.61
C PHE A 427 15.96 -9.48 -36.00
N THR A 428 14.67 -9.75 -35.90
CA THR A 428 13.70 -8.84 -35.29
C THR A 428 13.05 -9.46 -34.06
N GLU A 429 12.44 -10.64 -34.22
CA GLU A 429 11.88 -11.35 -33.08
C GLU A 429 12.95 -12.11 -32.31
N TYR A 430 14.01 -12.54 -33.01
CA TYR A 430 15.09 -13.27 -32.38
C TYR A 430 15.90 -12.40 -31.43
N ILE A 431 16.32 -11.22 -31.88
CA ILE A 431 17.18 -10.37 -31.07
C ILE A 431 16.42 -9.59 -30.01
N HIS A 432 15.09 -9.52 -30.13
CA HIS A 432 14.29 -8.86 -29.10
C HIS A 432 14.06 -9.76 -27.89
N ASP A 433 14.20 -11.07 -28.04
CA ASP A 433 14.02 -12.01 -26.95
C ASP A 433 15.34 -12.13 -26.20
N TRP A 434 15.29 -11.95 -24.87
CA TRP A 434 16.51 -11.94 -24.08
C TRP A 434 17.15 -13.32 -23.97
N TRP A 435 16.34 -14.38 -23.94
CA TRP A 435 16.90 -15.72 -23.79
C TRP A 435 17.59 -16.18 -25.08
N ASN A 436 17.17 -15.65 -26.22
CA ASN A 436 17.86 -15.96 -27.47
C ASN A 436 19.17 -15.19 -27.59
N LEU A 437 19.22 -13.98 -27.03
CA LEU A 437 20.48 -13.27 -26.90
C LEU A 437 21.43 -14.02 -25.97
N MET A 438 20.87 -14.63 -24.92
CA MET A 438 21.67 -15.46 -24.03
C MET A 438 22.11 -16.75 -24.71
N ASP A 439 21.29 -17.26 -25.65
CA ASP A 439 21.73 -18.37 -26.49
C ASP A 439 22.86 -17.95 -27.42
N PHE A 440 22.85 -16.72 -27.91
CA PHE A 440 23.93 -16.26 -28.76
C PHE A 440 25.22 -16.08 -27.97
N ALA A 441 25.10 -15.61 -26.72
CA ALA A 441 26.28 -15.49 -25.88
C ALA A 441 26.84 -16.86 -25.50
N MET A 442 25.96 -17.79 -25.12
CA MET A 442 26.37 -19.14 -24.72
C MET A 442 27.00 -19.91 -25.87
N ASN A 443 26.33 -19.93 -27.02
CA ASN A 443 26.82 -20.68 -28.16
C ASN A 443 28.01 -19.99 -28.81
N SER A 444 28.09 -18.66 -28.70
CA SER A 444 29.28 -17.95 -29.17
C SER A 444 30.48 -18.28 -28.31
N LEU A 445 30.27 -18.44 -26.99
CA LEU A 445 31.38 -18.90 -26.14
C LEU A 445 31.70 -20.37 -26.38
N TYR A 446 30.73 -21.16 -26.86
CA TYR A 446 31.05 -22.52 -27.27
C TYR A 446 31.90 -22.55 -28.53
N LEU A 447 31.61 -21.67 -29.50
CA LEU A 447 32.44 -21.59 -30.71
C LEU A 447 33.83 -21.06 -30.38
N ALA A 448 33.91 -20.09 -29.46
CA ALA A 448 35.21 -19.58 -29.04
C ALA A 448 36.00 -20.63 -28.27
N THR A 449 35.32 -21.43 -27.44
CA THR A 449 36.00 -22.44 -26.65
C THR A 449 36.53 -23.58 -27.52
N ILE A 450 35.67 -24.12 -28.39
CA ILE A 450 36.08 -25.21 -29.29
C ILE A 450 37.14 -24.71 -30.27
N SER A 451 37.01 -23.46 -30.73
CA SER A 451 38.02 -22.90 -31.63
C SER A 451 39.36 -22.71 -30.94
N LEU A 452 39.37 -22.34 -29.65
CA LEU A 452 40.64 -22.27 -28.95
C LEU A 452 41.17 -23.64 -28.54
N LYS A 453 40.33 -24.67 -28.49
CA LYS A 453 40.85 -26.02 -28.35
C LYS A 453 41.54 -26.48 -29.63
N ILE A 454 40.97 -26.13 -30.79
CA ILE A 454 41.60 -26.47 -32.06
C ILE A 454 42.88 -25.69 -32.26
N VAL A 455 42.88 -24.40 -31.91
CA VAL A 455 44.09 -23.59 -32.00
C VAL A 455 45.15 -24.06 -31.01
N ALA A 456 44.71 -24.49 -29.81
CA ALA A 456 45.67 -25.00 -28.83
C ALA A 456 46.22 -26.36 -29.23
N TYR A 457 45.46 -27.15 -30.00
CA TYR A 457 46.00 -28.42 -30.49
C TYR A 457 47.00 -28.22 -31.61
N VAL A 458 46.88 -27.12 -32.36
CA VAL A 458 47.78 -26.86 -33.49
C VAL A 458 49.10 -26.32 -32.97
N LYS A 459 50.20 -26.99 -33.36
CA LYS A 459 51.61 -26.61 -33.16
C LYS A 459 51.96 -26.25 -31.70
N TYR A 460 51.22 -26.80 -30.75
CA TYR A 460 51.64 -26.85 -29.35
C TYR A 460 51.84 -28.32 -29.03
N ASN A 461 53.02 -28.83 -29.37
CA ASN A 461 53.31 -30.26 -29.29
C ASN A 461 53.95 -30.65 -27.97
N GLY A 462 54.73 -29.76 -27.36
CA GLY A 462 55.41 -30.09 -26.13
C GLY A 462 54.51 -29.99 -24.91
N SER A 463 55.08 -30.35 -23.76
CA SER A 463 54.40 -30.28 -22.48
C SER A 463 55.22 -29.42 -21.53
N ARG A 464 54.68 -28.26 -21.16
CA ARG A 464 55.24 -27.39 -20.13
C ARG A 464 54.36 -27.43 -18.88
N PRO A 465 54.94 -27.30 -17.69
CA PRO A 465 54.13 -27.29 -16.46
C PRO A 465 53.18 -26.10 -16.41
N ARG A 466 52.13 -26.24 -15.59
CA ARG A 466 51.02 -25.29 -15.58
C ARG A 466 51.45 -23.89 -15.15
N GLU A 467 52.30 -23.79 -14.13
CA GLU A 467 52.72 -22.50 -13.60
C GLU A 467 53.77 -21.78 -14.45
N GLU A 468 54.11 -22.31 -15.63
CA GLU A 468 55.08 -21.68 -16.51
C GLU A 468 54.41 -21.07 -17.74
N TRP A 469 53.10 -21.23 -17.86
CA TRP A 469 52.39 -20.77 -19.05
C TRP A 469 52.26 -19.25 -19.06
N GLU A 470 52.06 -18.70 -20.25
CA GLU A 470 51.81 -17.27 -20.37
C GLU A 470 50.38 -16.95 -19.94
N MET A 471 50.10 -15.65 -19.78
CA MET A 471 48.79 -15.24 -19.30
C MET A 471 47.73 -15.40 -20.38
N TRP A 472 48.08 -15.12 -21.63
CA TRP A 472 47.15 -15.24 -22.74
C TRP A 472 47.31 -16.55 -23.50
N HIS A 473 47.73 -17.61 -22.82
CA HIS A 473 47.72 -18.95 -23.40
C HIS A 473 46.28 -19.33 -23.73
N PRO A 474 45.99 -19.75 -24.97
CA PRO A 474 44.59 -20.05 -25.33
C PRO A 474 43.99 -21.26 -24.63
N THR A 475 44.80 -22.07 -23.94
CA THR A 475 44.25 -23.12 -23.10
C THR A 475 43.52 -22.53 -21.88
N LEU A 476 44.16 -21.58 -21.20
CA LEU A 476 43.53 -20.94 -20.04
C LEU A 476 42.32 -20.11 -20.44
N ILE A 477 42.38 -19.47 -21.61
CA ILE A 477 41.25 -18.70 -22.09
C ILE A 477 40.10 -19.62 -22.48
N ALA A 478 40.42 -20.78 -23.06
CA ALA A 478 39.37 -21.75 -23.42
C ALA A 478 38.71 -22.32 -22.17
N GLU A 479 39.48 -22.52 -21.11
CA GLU A 479 38.89 -23.02 -19.87
C GLU A 479 38.07 -21.95 -19.15
N ALA A 480 38.51 -20.69 -19.21
CA ALA A 480 37.76 -19.61 -18.59
C ALA A 480 36.44 -19.35 -19.31
N LEU A 481 36.49 -19.27 -20.66
CA LEU A 481 35.28 -19.09 -21.44
C LEU A 481 34.38 -20.31 -21.37
N PHE A 482 34.96 -21.50 -21.16
CA PHE A 482 34.13 -22.68 -20.95
C PHE A 482 33.40 -22.61 -19.61
N ALA A 483 34.06 -22.05 -18.59
CA ALA A 483 33.40 -21.88 -17.30
C ALA A 483 32.27 -20.85 -17.35
N ILE A 484 32.50 -19.73 -18.05
CA ILE A 484 31.46 -18.71 -18.21
C ILE A 484 30.30 -19.26 -19.02
N SER A 485 30.59 -20.07 -20.04
CA SER A 485 29.52 -20.70 -20.78
C SER A 485 28.82 -21.79 -19.97
N ASN A 486 29.45 -22.32 -18.93
CA ASN A 486 28.75 -23.21 -18.02
C ASN A 486 27.81 -22.45 -17.11
N ILE A 487 28.18 -21.23 -16.70
CA ILE A 487 27.23 -20.40 -15.94
C ILE A 487 26.04 -20.01 -16.81
N LEU A 488 26.31 -19.60 -18.06
CA LEU A 488 25.22 -19.21 -18.95
C LEU A 488 24.36 -20.40 -19.36
N SER A 489 24.97 -21.59 -19.48
CA SER A 489 24.19 -22.76 -19.86
C SER A 489 23.40 -23.31 -18.67
N SER A 490 23.88 -23.10 -17.47
CA SER A 490 23.20 -23.56 -16.27
C SER A 490 22.23 -22.55 -15.69
N LEU A 491 22.23 -21.31 -16.17
CA LEU A 491 21.17 -20.37 -15.83
C LEU A 491 20.02 -20.39 -16.82
N ARG A 492 20.07 -21.21 -17.87
CA ARG A 492 18.92 -21.35 -18.76
C ARG A 492 17.76 -22.12 -18.14
N LEU A 493 17.98 -22.79 -17.01
CA LEU A 493 16.90 -23.49 -16.34
C LEU A 493 15.90 -22.56 -15.67
N ILE A 494 16.23 -21.27 -15.54
CA ILE A 494 15.28 -20.29 -15.04
C ILE A 494 14.16 -20.07 -16.05
N SER A 495 14.46 -20.20 -17.35
CA SER A 495 13.43 -20.04 -18.38
C SER A 495 12.43 -21.20 -18.40
N LEU A 496 12.76 -22.32 -17.75
CA LEU A 496 11.83 -23.43 -17.60
C LEU A 496 10.83 -23.24 -16.48
N PHE A 497 10.84 -22.10 -15.80
CA PHE A 497 9.92 -21.88 -14.69
C PHE A 497 8.51 -21.53 -15.15
N THR A 498 8.35 -21.02 -16.37
CA THR A 498 7.03 -20.57 -16.81
C THR A 498 6.05 -21.72 -17.00
N ALA A 499 6.55 -22.94 -17.20
CA ALA A 499 5.68 -24.10 -17.32
C ALA A 499 5.05 -24.50 -16.00
N ASN A 500 5.67 -24.12 -14.89
CA ASN A 500 5.17 -24.49 -13.56
C ASN A 500 4.29 -23.38 -13.03
N SER A 501 3.22 -23.76 -12.34
CA SER A 501 2.24 -22.79 -11.88
C SER A 501 2.67 -22.05 -10.62
N HIS A 502 3.67 -22.56 -9.92
CA HIS A 502 4.17 -21.93 -8.69
C HIS A 502 5.37 -21.03 -8.96
N LEU A 503 6.29 -21.47 -9.82
CA LEU A 503 7.52 -20.74 -10.06
C LEU A 503 7.39 -19.73 -11.19
N GLY A 504 6.39 -19.91 -12.06
CA GLY A 504 6.15 -19.06 -13.21
C GLY A 504 5.93 -17.59 -12.95
N PRO A 505 4.85 -17.23 -12.22
CA PRO A 505 4.60 -15.81 -11.95
C PRO A 505 5.66 -15.15 -11.09
N LEU A 506 6.35 -15.95 -10.27
CA LEU A 506 7.48 -15.43 -9.52
C LEU A 506 8.62 -15.06 -10.46
N GLN A 507 8.98 -15.96 -11.38
CA GLN A 507 10.08 -15.74 -12.32
C GLN A 507 9.79 -14.57 -13.25
N ILE A 508 8.54 -14.44 -13.69
CA ILE A 508 8.21 -13.36 -14.60
C ILE A 508 8.10 -12.03 -13.84
N SER A 509 7.72 -12.07 -12.55
CA SER A 509 7.80 -10.85 -11.76
C SER A 509 9.24 -10.40 -11.52
N LEU A 510 10.17 -11.34 -11.31
CA LEU A 510 11.58 -10.98 -11.16
C LEU A 510 12.12 -10.40 -12.46
N GLY A 511 11.74 -11.01 -13.58
CA GLY A 511 12.14 -10.48 -14.88
C GLY A 511 11.59 -9.11 -15.17
N ARG A 512 10.41 -8.79 -14.64
CA ARG A 512 9.87 -7.45 -14.82
C ARG A 512 10.41 -6.45 -13.81
N MET A 513 11.08 -6.90 -12.74
CA MET A 513 11.80 -5.95 -11.89
C MET A 513 13.25 -5.73 -12.30
N LEU A 514 13.83 -6.64 -13.11
CA LEU A 514 15.21 -6.44 -13.57
C LEU A 514 15.37 -5.19 -14.43
N LEU A 515 14.35 -4.85 -15.22
CA LEU A 515 14.43 -3.65 -16.05
C LEU A 515 14.35 -2.39 -15.21
N ASP A 516 13.78 -2.48 -14.01
CA ASP A 516 13.78 -1.36 -13.08
C ASP A 516 15.02 -1.31 -12.21
N ILE A 517 15.75 -2.43 -12.08
CA ILE A 517 17.09 -2.37 -11.47
C ILE A 517 18.09 -1.76 -12.43
N LEU A 518 18.00 -2.11 -13.72
CA LEU A 518 18.96 -1.63 -14.71
C LEU A 518 18.86 -0.13 -14.95
N LYS A 519 17.74 0.50 -14.63
CA LYS A 519 17.68 1.96 -14.64
C LYS A 519 18.45 2.55 -13.47
N PHE A 520 18.65 1.78 -12.41
CA PHE A 520 19.31 2.26 -11.20
C PHE A 520 20.81 1.99 -11.19
N LEU A 521 21.25 0.90 -11.83
CA LEU A 521 22.67 0.60 -11.89
C LEU A 521 23.46 1.60 -12.73
N PHE A 522 22.79 2.34 -13.61
CA PHE A 522 23.48 3.40 -14.35
C PHE A 522 23.85 4.55 -13.42
N ILE A 523 22.92 4.92 -12.54
CA ILE A 523 23.16 5.98 -11.57
C ILE A 523 24.21 5.57 -10.55
N TYR A 524 24.11 4.32 -10.07
CA TYR A 524 25.13 3.80 -9.16
C TYR A 524 26.50 3.71 -9.83
N CYS A 525 26.54 3.35 -11.12
CA CYS A 525 27.83 3.30 -11.82
C CYS A 525 28.42 4.68 -12.03
N LEU A 526 27.58 5.69 -12.11
CA LEU A 526 28.05 7.05 -12.17
C LEU A 526 28.70 7.36 -10.82
N VAL A 527 28.07 6.93 -9.71
CA VAL A 527 28.64 7.15 -8.38
C VAL A 527 30.00 6.44 -8.24
N LEU A 528 30.08 5.24 -8.82
CA LEU A 528 31.28 4.45 -8.84
C LEU A 528 32.36 5.19 -9.61
N LEU A 529 32.02 5.80 -10.73
CA LEU A 529 32.96 6.58 -11.51
C LEU A 529 33.44 7.83 -10.77
N ALA A 530 32.55 8.47 -10.01
CA ALA A 530 32.87 9.66 -9.22
C ALA A 530 33.89 9.37 -8.12
N PHE A 531 33.58 8.39 -7.25
CA PHE A 531 34.50 8.11 -6.16
C PHE A 531 35.77 7.41 -6.60
N ALA A 532 35.74 6.68 -7.73
CA ALA A 532 36.98 6.11 -8.24
C ALA A 532 37.86 7.18 -8.86
N ASN A 533 37.25 8.20 -9.47
CA ASN A 533 38.00 9.35 -9.94
C ASN A 533 38.69 10.06 -8.77
N GLY A 534 37.95 10.26 -7.67
CA GLY A 534 38.54 10.95 -6.54
C GLY A 534 39.62 10.14 -5.83
N LEU A 535 39.36 8.85 -5.58
CA LEU A 535 40.33 8.04 -4.85
C LEU A 535 41.55 7.69 -5.68
N ASN A 536 41.38 7.47 -7.00
CA ASN A 536 42.55 7.32 -7.87
C ASN A 536 43.35 8.60 -7.91
N GLN A 537 42.67 9.75 -7.95
CA GLN A 537 43.36 11.03 -7.98
C GLN A 537 44.13 11.29 -6.69
N LEU A 538 43.63 10.79 -5.56
CA LEU A 538 44.33 11.02 -4.32
C LEU A 538 45.44 10.02 -4.08
N TYR A 539 45.27 8.76 -4.50
CA TYR A 539 46.23 7.72 -4.17
C TYR A 539 47.08 7.25 -5.35
N PHE A 540 47.11 7.97 -6.47
CA PHE A 540 47.93 7.45 -7.56
C PHE A 540 49.41 7.73 -7.34
N TYR A 541 49.77 8.56 -6.36
CA TYR A 541 51.15 8.85 -6.02
C TYR A 541 51.83 7.74 -5.24
N TYR A 542 51.09 6.72 -4.81
CA TYR A 542 51.58 5.76 -3.83
C TYR A 542 51.58 4.34 -4.38
N GLU A 543 51.78 4.19 -5.68
CA GLU A 543 51.92 2.86 -6.26
C GLU A 543 53.21 2.23 -5.80
N THR A 544 53.13 0.97 -5.39
CA THR A 544 54.30 0.18 -5.01
C THR A 544 54.41 -1.00 -5.95
N ARG A 545 55.64 -1.38 -6.28
CA ARG A 545 55.85 -2.53 -7.14
C ARG A 545 55.48 -3.81 -6.41
N ALA A 546 55.19 -4.86 -7.20
CA ALA A 546 54.75 -6.13 -6.63
C ALA A 546 55.85 -6.85 -5.87
N ILE A 547 57.11 -6.49 -6.10
CA ILE A 547 58.22 -7.10 -5.38
C ILE A 547 58.25 -6.64 -3.93
N ASP A 548 57.76 -5.43 -3.66
CA ASP A 548 57.85 -4.81 -2.35
C ASP A 548 56.88 -5.38 -1.32
N GLU A 549 55.89 -6.14 -1.73
CA GLU A 549 54.95 -6.74 -0.81
C GLU A 549 55.26 -8.22 -0.63
N PRO A 550 54.79 -8.86 0.45
CA PRO A 550 55.01 -10.31 0.58
C PRO A 550 54.25 -11.12 -0.44
N ASN A 551 54.81 -12.29 -0.77
CA ASN A 551 54.30 -13.28 -1.71
C ASN A 551 54.18 -12.75 -3.14
N ASN A 552 54.82 -11.61 -3.43
CA ASN A 552 54.88 -10.99 -4.77
C ASN A 552 53.47 -10.72 -5.31
N CYS A 553 52.61 -10.17 -4.44
CA CYS A 553 51.19 -10.01 -4.74
C CYS A 553 50.84 -8.54 -4.67
N LYS A 554 50.10 -8.05 -5.66
CA LYS A 554 49.73 -6.65 -5.77
C LYS A 554 48.22 -6.53 -5.85
N GLY A 555 47.69 -5.45 -5.27
CA GLY A 555 46.27 -5.16 -5.36
C GLY A 555 45.47 -5.90 -4.30
N ILE A 556 44.17 -5.89 -4.51
CA ILE A 556 43.24 -6.75 -3.79
C ILE A 556 43.31 -8.12 -4.44
N ARG A 557 42.64 -9.12 -3.86
CA ARG A 557 42.84 -10.54 -4.09
C ARG A 557 44.25 -10.96 -3.66
N CYS A 558 44.72 -10.34 -2.58
CA CYS A 558 45.92 -10.75 -1.85
C CYS A 558 45.53 -10.97 -0.39
N GLU A 559 46.39 -11.67 0.35
CA GLU A 559 46.21 -11.76 1.80
C GLU A 559 46.43 -10.41 2.45
N LYS A 560 47.36 -9.63 1.92
CA LYS A 560 47.61 -8.25 2.33
C LYS A 560 47.06 -7.35 1.23
N GLN A 561 45.95 -6.68 1.52
CA GLN A 561 45.30 -5.78 0.58
C GLN A 561 46.12 -4.49 0.52
N ASN A 562 46.91 -4.34 -0.54
CA ASN A 562 48.00 -3.39 -0.53
C ASN A 562 47.80 -2.18 -1.43
N ASN A 563 47.48 -2.36 -2.72
CA ASN A 563 47.34 -1.23 -3.63
C ASN A 563 45.99 -1.34 -4.31
N ALA A 564 44.96 -0.79 -3.66
CA ALA A 564 43.63 -0.82 -4.23
C ALA A 564 43.29 0.46 -4.98
N PHE A 565 43.74 1.60 -4.49
CA PHE A 565 43.41 2.86 -5.14
C PHE A 565 44.57 3.36 -6.00
N SER A 566 45.35 2.43 -6.55
CA SER A 566 46.54 2.78 -7.33
C SER A 566 46.20 3.13 -8.77
N THR A 567 45.58 2.21 -9.49
CA THR A 567 45.12 2.45 -10.84
C THR A 567 43.61 2.62 -10.85
N LEU A 568 43.07 3.02 -12.00
CA LEU A 568 41.63 3.28 -12.08
C LEU A 568 40.82 1.99 -12.12
N PHE A 569 41.40 1.01 -12.79
CA PHE A 569 40.85 -0.33 -12.95
C PHE A 569 40.75 -1.09 -11.63
N GLU A 570 41.72 -0.88 -10.74
CA GLU A 570 41.78 -1.47 -9.41
C GLU A 570 40.97 -0.66 -8.41
N THR A 571 40.74 0.62 -8.69
CA THR A 571 39.93 1.45 -7.81
C THR A 571 38.45 1.19 -8.04
N LEU A 572 38.05 1.03 -9.31
CA LEU A 572 36.68 0.60 -9.61
C LEU A 572 36.39 -0.77 -9.02
N GLN A 573 37.40 -1.66 -9.12
CA GLN A 573 37.30 -2.99 -8.52
C GLN A 573 37.23 -2.89 -7.00
N SER A 574 37.94 -1.93 -6.38
CA SER A 574 37.96 -1.75 -4.93
C SER A 574 36.64 -1.23 -4.41
N LEU A 575 36.08 -0.21 -5.06
CA LEU A 575 34.79 0.32 -4.65
C LEU A 575 33.65 -0.62 -4.99
N PHE A 576 33.85 -1.54 -5.94
CA PHE A 576 32.88 -2.60 -6.11
C PHE A 576 32.88 -3.55 -4.93
N TRP A 577 34.06 -3.99 -4.50
CA TRP A 577 34.08 -5.00 -3.44
C TRP A 577 33.76 -4.45 -2.06
N SER A 578 33.68 -3.15 -1.89
CA SER A 578 33.35 -2.58 -0.59
C SER A 578 31.86 -2.46 -0.33
N VAL A 579 31.01 -2.70 -1.35
CA VAL A 579 29.57 -2.82 -1.13
C VAL A 579 29.29 -4.01 -0.24
N PHE A 580 30.04 -5.06 -0.42
CA PHE A 580 30.03 -6.23 0.45
C PHE A 580 31.17 -6.04 1.44
N GLY A 581 31.14 -6.79 2.53
CA GLY A 581 32.14 -6.52 3.55
C GLY A 581 33.53 -7.07 3.28
N LEU A 582 34.09 -6.80 2.09
CA LEU A 582 35.28 -7.49 1.64
C LEU A 582 36.52 -6.62 1.51
N LEU A 583 36.40 -5.30 1.64
CA LEU A 583 37.61 -4.53 1.89
C LEU A 583 37.84 -4.38 3.38
N ASN A 584 38.93 -3.71 3.72
CA ASN A 584 39.33 -3.48 5.09
C ASN A 584 39.78 -2.03 5.21
N LEU A 585 39.94 -1.57 6.44
CA LEU A 585 40.35 -0.18 6.62
C LEU A 585 41.84 0.01 6.45
N TYR A 586 42.64 -1.08 6.46
CA TYR A 586 44.05 -0.90 6.18
C TYR A 586 44.34 -0.62 4.70
N VAL A 587 43.32 -0.75 3.85
CA VAL A 587 43.44 -0.43 2.43
C VAL A 587 43.77 1.04 2.20
N THR A 588 43.12 1.94 2.95
CA THR A 588 43.24 3.37 2.67
C THR A 588 44.52 4.00 3.21
N ASN A 589 45.44 3.21 3.74
CA ASN A 589 46.73 3.71 4.19
C ASN A 589 47.72 3.77 3.05
N VAL A 590 48.79 4.54 3.29
CA VAL A 590 49.97 4.53 2.44
C VAL A 590 51.15 4.16 3.32
N LYS A 591 52.24 3.73 2.67
CA LYS A 591 53.45 3.44 3.42
C LYS A 591 54.11 4.71 3.96
N ALA A 592 53.85 5.84 3.32
CA ALA A 592 54.56 7.08 3.62
C ALA A 592 54.01 7.82 4.83
N ARG A 593 52.96 7.29 5.48
CA ARG A 593 52.41 7.80 6.75
C ARG A 593 51.91 9.24 6.65
N HIS A 594 51.17 9.56 5.59
CA HIS A 594 50.57 10.89 5.44
C HIS A 594 49.17 10.87 6.03
N GLU A 595 49.03 11.39 7.25
CA GLU A 595 47.79 11.23 7.98
C GLU A 595 46.65 12.10 7.45
N PHE A 596 46.97 13.22 6.80
CA PHE A 596 45.90 14.06 6.26
C PHE A 596 45.29 13.43 5.01
N THR A 597 46.13 12.95 4.08
CA THR A 597 45.61 12.34 2.87
C THR A 597 44.99 10.97 3.15
N GLU A 598 45.50 10.24 4.15
CA GLU A 598 44.85 9.00 4.54
C GLU A 598 43.51 9.28 5.21
N PHE A 599 43.43 10.38 5.97
CA PHE A 599 42.16 10.72 6.58
C PHE A 599 41.12 11.19 5.55
N VAL A 600 41.55 12.04 4.61
CA VAL A 600 40.66 12.51 3.56
C VAL A 600 40.21 11.36 2.68
N GLY A 601 41.12 10.42 2.39
CA GLY A 601 40.74 9.23 1.63
C GLY A 601 39.79 8.32 2.39
N ALA A 602 39.95 8.24 3.71
CA ALA A 602 39.01 7.45 4.51
C ALA A 602 37.65 8.13 4.64
N THR A 603 37.59 9.45 4.55
CA THR A 603 36.31 10.13 4.56
C THR A 603 35.61 10.02 3.22
N MET A 604 36.39 10.00 2.13
CA MET A 604 35.84 9.72 0.81
C MET A 604 35.31 8.29 0.72
N PHE A 605 36.03 7.34 1.30
CA PHE A 605 35.56 5.96 1.35
C PHE A 605 34.34 5.82 2.27
N GLY A 606 34.28 6.63 3.33
CA GLY A 606 33.14 6.59 4.22
C GLY A 606 31.89 7.15 3.60
N THR A 607 32.01 8.26 2.85
CA THR A 607 30.84 8.80 2.16
C THR A 607 30.43 7.92 0.99
N TYR A 608 31.37 7.22 0.36
CA TYR A 608 30.96 6.18 -0.59
C TYR A 608 30.16 5.09 0.09
N ASN A 609 30.55 4.70 1.30
CA ASN A 609 29.81 3.66 2.00
C ASN A 609 28.42 4.12 2.44
N VAL A 610 28.29 5.39 2.83
CA VAL A 610 26.99 5.93 3.23
C VAL A 610 26.08 6.06 2.01
N ILE A 611 26.60 6.62 0.91
CA ILE A 611 25.80 6.82 -0.29
C ILE A 611 25.41 5.48 -0.91
N SER A 612 26.37 4.57 -1.06
CA SER A 612 26.09 3.32 -1.76
C SER A 612 25.32 2.34 -0.89
N LEU A 613 25.64 2.25 0.40
CA LEU A 613 25.05 1.19 1.21
C LEU A 613 23.82 1.59 1.99
N VAL A 614 23.78 2.80 2.51
CA VAL A 614 22.65 3.26 3.32
C VAL A 614 21.61 3.96 2.46
N VAL A 615 22.06 4.83 1.55
CA VAL A 615 21.13 5.60 0.75
C VAL A 615 20.64 4.81 -0.46
N LEU A 616 21.55 4.46 -1.38
CA LEU A 616 21.15 3.94 -2.67
C LEU A 616 20.61 2.51 -2.59
N LEU A 617 21.15 1.68 -1.70
CA LEU A 617 20.69 0.31 -1.59
C LEU A 617 19.25 0.25 -1.06
N ASN A 618 18.94 1.06 -0.06
CA ASN A 618 17.60 1.06 0.51
C ASN A 618 16.62 1.80 -0.39
N MET A 619 17.09 2.77 -1.16
CA MET A 619 16.25 3.36 -2.21
C MET A 619 15.94 2.36 -3.31
N LEU A 620 16.88 1.45 -3.58
CA LEU A 620 16.60 0.33 -4.48
C LEU A 620 15.59 -0.65 -3.88
N ILE A 621 15.62 -0.81 -2.55
CA ILE A 621 14.65 -1.66 -1.86
C ILE A 621 13.24 -1.07 -1.97
N ALA A 622 13.11 0.24 -1.68
CA ALA A 622 11.82 0.91 -1.82
C ALA A 622 11.35 0.94 -3.26
N MET A 623 12.29 1.08 -4.20
CA MET A 623 11.99 1.05 -5.62
C MET A 623 11.42 -0.29 -6.04
N MET A 624 11.98 -1.38 -5.52
CA MET A 624 11.46 -2.69 -5.88
C MET A 624 10.20 -3.06 -5.11
N ASN A 625 9.95 -2.44 -3.95
CA ASN A 625 8.64 -2.58 -3.33
C ASN A 625 7.57 -1.97 -4.20
N ASN A 626 7.78 -0.71 -4.61
CA ASN A 626 6.76 -0.03 -5.39
C ASN A 626 6.64 -0.60 -6.80
N SER A 627 7.71 -1.17 -7.35
CA SER A 627 7.55 -1.83 -8.63
C SER A 627 6.90 -3.19 -8.48
N TYR A 628 7.23 -3.93 -7.41
CA TYR A 628 6.67 -5.27 -7.24
C TYR A 628 5.18 -5.22 -6.93
N GLN A 629 4.71 -4.14 -6.29
CA GLN A 629 3.26 -4.01 -6.08
C GLN A 629 2.52 -3.78 -7.39
N LEU A 630 3.13 -3.02 -8.32
CA LEU A 630 2.49 -2.79 -9.61
C LEU A 630 2.56 -4.04 -10.49
N ILE A 631 3.65 -4.79 -10.39
CA ILE A 631 3.82 -5.99 -11.21
C ILE A 631 2.92 -7.12 -10.72
N ALA A 632 2.76 -7.24 -9.39
CA ALA A 632 2.02 -8.36 -8.83
C ALA A 632 0.51 -8.27 -9.02
N ASP A 633 -0.03 -7.19 -9.61
CA ASP A 633 -1.44 -7.17 -9.97
C ASP A 633 -1.66 -7.76 -11.36
N HIS A 634 -0.83 -7.38 -12.32
CA HIS A 634 -0.90 -7.92 -13.68
C HIS A 634 -0.24 -9.28 -13.82
N ALA A 635 0.31 -9.85 -12.75
CA ALA A 635 0.76 -11.23 -12.78
C ALA A 635 -0.44 -12.16 -12.89
N ASP A 636 -0.17 -13.39 -13.38
CA ASP A 636 -1.06 -14.48 -13.78
C ASP A 636 -1.80 -14.19 -15.09
N ILE A 637 -1.61 -13.04 -15.73
CA ILE A 637 -2.00 -12.90 -17.13
C ILE A 637 -0.73 -12.51 -17.87
N GLU A 638 0.21 -11.91 -17.15
CA GLU A 638 1.55 -11.74 -17.68
C GLU A 638 2.28 -13.07 -17.69
N TRP A 639 2.02 -13.90 -16.67
CA TRP A 639 2.60 -15.25 -16.64
C TRP A 639 2.01 -16.15 -17.71
N LYS A 640 0.69 -16.11 -17.91
CA LYS A 640 0.06 -17.03 -18.86
C LYS A 640 0.38 -16.68 -20.30
N PHE A 641 0.71 -15.42 -20.58
CA PHE A 641 1.13 -15.04 -21.93
C PHE A 641 2.48 -15.68 -22.26
N ALA A 642 3.41 -15.66 -21.32
CA ALA A 642 4.70 -16.30 -21.52
C ALA A 642 4.58 -17.81 -21.50
N ARG A 643 3.62 -18.35 -20.74
CA ARG A 643 3.41 -19.79 -20.74
C ARG A 643 2.81 -20.25 -22.06
N THR A 644 1.96 -19.43 -22.68
CA THR A 644 1.47 -19.78 -24.01
C THR A 644 2.49 -19.54 -25.10
N LYS A 645 3.47 -18.66 -24.88
CA LYS A 645 4.57 -18.58 -25.82
C LYS A 645 5.47 -19.81 -25.72
N LEU A 646 5.72 -20.27 -24.49
CA LEU A 646 6.51 -21.48 -24.28
C LEU A 646 5.79 -22.71 -24.79
N TRP A 647 4.48 -22.81 -24.51
CA TRP A 647 3.68 -23.91 -25.04
C TRP A 647 3.62 -23.89 -26.55
N MET A 648 3.39 -22.72 -27.12
CA MET A 648 3.16 -22.60 -28.54
C MET A 648 4.45 -22.65 -29.34
N SER A 649 5.61 -22.61 -28.66
CA SER A 649 6.87 -22.93 -29.32
C SER A 649 7.01 -24.43 -29.61
N TYR A 650 6.29 -25.30 -28.90
CA TYR A 650 6.40 -26.74 -29.09
C TYR A 650 5.27 -27.31 -29.94
N PHE A 651 4.50 -26.47 -30.61
CA PHE A 651 3.45 -26.96 -31.50
C PHE A 651 3.93 -27.16 -32.92
N ASP A 652 5.11 -26.66 -33.28
CA ASP A 652 5.55 -26.63 -34.66
C ASP A 652 6.05 -28.00 -35.11
N GLU A 653 6.42 -28.05 -36.39
CA GLU A 653 6.96 -29.22 -37.08
C GLU A 653 8.31 -29.80 -36.64
N GLY A 654 9.27 -28.98 -36.24
CA GLY A 654 10.58 -29.50 -35.87
C GLY A 654 10.77 -30.10 -34.49
N GLY A 655 10.22 -31.30 -34.33
CA GLY A 655 10.24 -32.09 -33.12
C GLY A 655 11.50 -32.66 -32.51
N THR A 656 12.44 -33.13 -33.31
CA THR A 656 13.65 -33.77 -32.77
C THR A 656 14.55 -32.90 -31.90
N LEU A 657 15.06 -33.54 -30.86
CA LEU A 657 15.93 -32.95 -29.86
C LEU A 657 17.34 -32.68 -30.33
N PRO A 658 17.94 -31.74 -29.62
CA PRO A 658 19.31 -31.26 -29.74
C PRO A 658 20.31 -32.21 -29.12
N PRO A 659 19.85 -33.43 -28.67
CA PRO A 659 20.87 -34.29 -28.04
C PRO A 659 21.96 -34.66 -29.02
N PRO A 660 21.63 -34.55 -30.29
CA PRO A 660 22.45 -34.83 -31.50
C PRO A 660 21.57 -35.39 -32.57
N PHE A 661 20.37 -35.81 -32.18
CA PHE A 661 19.43 -36.37 -33.12
C PHE A 661 19.16 -35.24 -34.10
N ASN A 662 19.15 -34.04 -33.55
CA ASN A 662 18.88 -32.86 -34.37
C ASN A 662 19.65 -32.89 -35.67
N ILE A 663 20.74 -33.63 -35.75
CA ILE A 663 21.60 -33.57 -36.91
C ILE A 663 21.46 -34.84 -37.75
N LEU A 707 -13.65 -19.40 -48.50
CA LEU A 707 -14.85 -18.58 -48.33
C LEU A 707 -15.79 -19.18 -47.30
N ILE A 708 -15.74 -20.51 -47.16
CA ILE A 708 -16.58 -21.19 -46.19
C ILE A 708 -16.13 -20.86 -44.77
N GLN A 709 -14.82 -20.75 -44.56
CA GLN A 709 -14.27 -20.37 -43.27
C GLN A 709 -14.65 -18.94 -42.90
N ASN A 710 -14.70 -18.06 -43.89
CA ASN A 710 -15.12 -16.68 -43.61
C ASN A 710 -16.61 -16.57 -43.36
N GLN A 711 -17.42 -17.44 -43.99
CA GLN A 711 -18.86 -17.43 -43.71
C GLN A 711 -19.15 -17.96 -42.31
N HIS A 712 -18.45 -19.02 -41.90
CA HIS A 712 -18.60 -19.50 -40.53
C HIS A 712 -18.06 -18.49 -39.53
N TYR A 713 -17.00 -17.77 -39.90
CA TYR A 713 -16.40 -16.82 -38.96
C TYR A 713 -17.26 -15.58 -38.79
N GLN A 714 -17.88 -15.09 -39.87
CA GLN A 714 -18.82 -14.00 -39.73
C GLN A 714 -20.09 -14.45 -39.03
N GLU A 715 -20.44 -15.73 -39.19
CA GLU A 715 -21.59 -16.30 -38.50
C GLU A 715 -21.35 -16.39 -36.99
N VAL A 716 -20.10 -16.58 -36.57
CA VAL A 716 -19.79 -16.57 -35.15
C VAL A 716 -19.65 -15.14 -34.63
N ILE A 717 -18.94 -14.28 -35.38
CA ILE A 717 -18.69 -12.90 -35.00
C ILE A 717 -19.98 -12.09 -34.85
N ARG A 718 -20.98 -12.37 -35.69
CA ARG A 718 -22.28 -11.69 -35.56
C ARG A 718 -22.95 -12.01 -34.22
N ASN A 719 -22.88 -13.28 -33.80
CA ASN A 719 -23.46 -13.68 -32.52
C ASN A 719 -22.67 -13.10 -31.35
N LEU A 720 -21.34 -13.05 -31.46
CA LEU A 720 -20.51 -12.53 -30.39
C LEU A 720 -20.70 -11.03 -30.22
N VAL A 721 -20.82 -10.31 -31.33
CA VAL A 721 -21.07 -8.87 -31.27
C VAL A 721 -22.46 -8.61 -30.70
N LYS A 722 -23.45 -9.42 -31.08
CA LYS A 722 -24.82 -9.18 -30.64
C LYS A 722 -24.98 -9.44 -29.13
N ARG A 723 -24.45 -10.56 -28.64
CA ARG A 723 -24.56 -10.80 -27.21
C ARG A 723 -23.53 -10.02 -26.40
N TYR A 724 -22.44 -9.57 -27.04
CA TYR A 724 -21.52 -8.65 -26.38
C TYR A 724 -22.19 -7.32 -26.10
N VAL A 725 -22.83 -6.73 -27.11
CA VAL A 725 -23.47 -5.43 -26.97
C VAL A 725 -24.67 -5.53 -26.02
N ALA A 726 -25.39 -6.66 -26.05
CA ALA A 726 -26.45 -6.89 -25.07
C ALA A 726 -25.89 -6.97 -23.65
N ALA A 727 -24.73 -7.62 -23.48
CA ALA A 727 -24.10 -7.69 -22.17
C ALA A 727 -23.58 -6.34 -21.71
N MET A 728 -23.16 -5.48 -22.64
CA MET A 728 -22.61 -4.19 -22.23
C MET A 728 -23.70 -3.20 -21.87
N ILE A 729 -24.82 -3.21 -22.58
CA ILE A 729 -25.94 -2.36 -22.17
C ILE A 729 -26.56 -2.88 -20.87
N ARG A 730 -26.56 -4.20 -20.68
CA ARG A 730 -26.95 -4.77 -19.39
C ARG A 730 -26.03 -4.30 -18.27
N ASN A 731 -24.72 -4.30 -18.50
CA ASN A 731 -23.78 -3.85 -17.49
C ASN A 731 -23.87 -2.34 -17.27
N SER A 732 -24.25 -1.57 -18.29
CA SER A 732 -24.46 -0.15 -18.08
C SER A 732 -25.74 0.12 -17.30
N LYS A 733 -26.73 -0.75 -17.41
CA LYS A 733 -27.92 -0.58 -16.59
C LYS A 733 -27.65 -0.95 -15.14
N THR A 734 -26.87 -2.01 -14.90
CA THR A 734 -26.61 -2.42 -13.52
C THR A 734 -25.59 -1.50 -12.84
N ASN A 735 -24.50 -1.17 -13.52
CA ASN A 735 -23.34 -0.61 -12.83
C ASN A 735 -23.26 0.92 -12.86
N GLU A 736 -24.08 1.61 -13.62
CA GLU A 736 -24.05 3.06 -13.63
C GLU A 736 -24.78 3.60 -12.41
N GLY A 737 -24.07 4.37 -11.59
CA GLY A 737 -24.71 5.03 -10.47
C GLY A 737 -25.49 6.27 -10.90
N LEU A 738 -26.49 6.62 -10.11
CA LEU A 738 -27.32 7.77 -10.45
C LEU A 738 -26.59 9.08 -10.19
N THR A 739 -26.97 10.10 -10.96
CA THR A 739 -26.30 11.39 -10.97
C THR A 739 -27.33 12.51 -10.95
N GLU A 740 -26.84 13.74 -11.02
CA GLU A 740 -27.69 14.91 -10.85
C GLU A 740 -28.63 15.13 -12.04
N GLU A 741 -28.16 14.82 -13.26
CA GLU A 741 -29.01 15.02 -14.43
C GLU A 741 -30.17 14.05 -14.47
N ASN A 742 -29.99 12.82 -13.96
CA ASN A 742 -31.09 11.89 -13.77
C ASN A 742 -32.09 12.40 -12.76
N PHE A 743 -31.63 13.16 -11.76
CA PHE A 743 -32.53 13.81 -10.82
C PHE A 743 -33.32 14.93 -11.51
N LYS A 744 -32.67 15.68 -12.41
CA LYS A 744 -33.37 16.73 -13.14
C LYS A 744 -34.41 16.16 -14.10
N GLU A 745 -34.21 14.94 -14.60
CA GLU A 745 -35.18 14.35 -15.50
C GLU A 745 -36.47 13.98 -14.78
N LEU A 746 -36.35 13.36 -13.61
CA LEU A 746 -37.53 13.09 -12.77
C LEU A 746 -38.19 14.38 -12.32
N LYS A 747 -37.39 15.40 -11.98
CA LYS A 747 -37.95 16.67 -11.52
C LYS A 747 -38.74 17.35 -12.64
N GLN A 748 -38.28 17.23 -13.89
CA GLN A 748 -39.04 17.82 -14.99
C GLN A 748 -40.23 16.96 -15.37
N ASP A 749 -40.16 15.65 -15.14
CA ASP A 749 -41.32 14.81 -15.45
C ASP A 749 -42.47 15.09 -14.49
N ILE A 750 -42.17 15.21 -13.20
CA ILE A 750 -43.21 15.52 -12.22
C ILE A 750 -43.67 16.97 -12.38
N SER A 751 -42.73 17.86 -12.72
CA SER A 751 -43.08 19.28 -12.91
C SER A 751 -43.94 19.49 -14.15
N SER A 752 -43.56 18.86 -15.26
CA SER A 752 -44.30 19.02 -16.51
C SER A 752 -45.67 18.35 -16.44
N PHE A 753 -45.73 17.18 -15.81
CA PHE A 753 -47.01 16.53 -15.57
C PHE A 753 -47.88 17.35 -14.62
N ARG A 754 -47.25 18.05 -13.68
CA ARG A 754 -47.97 18.95 -12.78
C ARG A 754 -48.60 20.11 -13.55
N TYR A 755 -47.82 20.82 -14.36
CA TYR A 755 -48.38 21.93 -15.11
C TYR A 755 -49.37 21.48 -16.17
N GLU A 756 -49.24 20.26 -16.66
CA GLU A 756 -50.20 19.77 -17.65
C GLU A 756 -51.54 19.44 -16.99
N VAL A 757 -51.53 18.83 -15.80
CA VAL A 757 -52.78 18.55 -15.09
C VAL A 757 -53.42 19.86 -14.61
N LEU A 758 -52.61 20.81 -14.13
CA LEU A 758 -53.16 22.10 -13.71
C LEU A 758 -53.70 22.88 -14.90
N ASP A 759 -53.13 22.71 -16.09
CA ASP A 759 -53.68 23.35 -17.27
C ASP A 759 -54.91 22.64 -17.81
N LEU A 760 -55.08 21.34 -17.55
CA LEU A 760 -56.35 20.73 -17.92
C LEU A 760 -57.46 21.05 -16.94
N LEU A 761 -57.14 21.19 -15.66
CA LEU A 761 -58.16 21.45 -14.65
C LEU A 761 -58.41 22.94 -14.43
N GLY A 762 -57.73 23.81 -15.17
CA GLY A 762 -57.93 25.24 -15.04
C GLY A 762 -58.64 25.85 -16.23
N LEU B 29 -43.00 23.93 22.07
CA LEU B 29 -43.84 24.25 20.93
C LEU B 29 -45.30 23.87 21.18
N SER B 30 -46.21 24.69 20.68
CA SER B 30 -47.62 24.38 20.73
C SER B 30 -47.96 23.29 19.71
N ALA B 31 -49.12 22.67 19.90
CA ALA B 31 -49.58 21.64 18.97
C ALA B 31 -49.99 22.26 17.63
N GLU B 32 -50.50 23.49 17.65
CA GLU B 32 -50.83 24.17 16.41
C GLU B 32 -49.58 24.73 15.72
N GLU B 33 -48.54 25.05 16.49
CA GLU B 33 -47.26 25.45 15.90
C GLU B 33 -46.60 24.25 15.23
N LYS B 34 -46.69 23.08 15.85
CA LYS B 34 -46.21 21.86 15.21
C LYS B 34 -47.10 21.46 14.04
N ALA B 35 -48.38 21.83 14.08
CA ALA B 35 -49.25 21.60 12.94
C ALA B 35 -48.90 22.50 11.77
N PHE B 36 -48.43 23.72 12.07
CA PHE B 36 -47.98 24.62 11.00
C PHE B 36 -46.62 24.20 10.45
N LEU B 37 -45.71 23.79 11.33
CA LEU B 37 -44.39 23.35 10.86
C LEU B 37 -44.41 21.96 10.26
N SER B 38 -45.49 21.21 10.47
CA SER B 38 -45.75 19.98 9.72
C SER B 38 -46.65 20.23 8.52
N ALA B 39 -47.30 21.39 8.42
CA ALA B 39 -47.96 21.77 7.18
C ALA B 39 -46.93 22.08 6.10
N VAL B 40 -45.93 22.89 6.44
CA VAL B 40 -44.71 22.96 5.65
C VAL B 40 -43.89 21.70 5.94
N GLU B 41 -42.96 21.37 5.02
CA GLU B 41 -42.17 20.15 4.82
C GLU B 41 -43.04 19.06 4.20
N LYS B 42 -44.33 19.31 3.99
CA LYS B 42 -45.17 18.43 3.20
C LYS B 42 -45.61 19.05 1.89
N GLY B 43 -45.46 20.35 1.72
CA GLY B 43 -45.78 20.98 0.45
C GLY B 43 -47.19 21.53 0.33
N ASP B 44 -47.88 21.73 1.44
CA ASP B 44 -49.23 22.29 1.41
C ASP B 44 -49.20 23.74 0.96
N TYR B 45 -50.10 24.10 0.05
CA TYR B 45 -50.39 25.49 -0.24
C TYR B 45 -51.74 25.91 0.32
N ALA B 46 -52.51 24.97 0.86
CA ALA B 46 -53.81 25.29 1.44
C ALA B 46 -53.73 25.51 2.94
N THR B 47 -53.23 24.52 3.69
CA THR B 47 -53.22 24.63 5.15
C THR B 47 -52.16 25.61 5.63
N VAL B 48 -51.08 25.80 4.86
CA VAL B 48 -50.10 26.82 5.19
C VAL B 48 -50.70 28.20 5.01
N LYS B 49 -51.42 28.41 3.92
CA LYS B 49 -52.07 29.70 3.66
C LYS B 49 -53.20 29.96 4.63
N GLN B 50 -53.93 28.91 5.03
CA GLN B 50 -54.97 29.06 6.04
C GLN B 50 -54.39 29.38 7.40
N ALA B 51 -53.23 28.80 7.73
CA ALA B 51 -52.58 29.15 8.99
C ALA B 51 -51.99 30.55 8.97
N LEU B 52 -51.52 31.02 7.81
CA LEU B 52 -50.98 32.36 7.70
C LEU B 52 -52.07 33.42 7.61
N GLN B 53 -53.28 33.05 7.22
CA GLN B 53 -54.41 33.96 7.29
C GLN B 53 -55.10 33.94 8.65
N GLU B 54 -55.02 32.82 9.38
CA GLU B 54 -55.47 32.82 10.77
C GLU B 54 -54.48 33.51 11.68
N ALA B 55 -53.20 33.56 11.31
CA ALA B 55 -52.21 34.28 12.09
C ALA B 55 -52.47 35.78 12.08
N GLU B 56 -53.02 36.30 10.98
CA GLU B 56 -53.37 37.72 10.92
C GLU B 56 -54.57 38.04 11.79
N ILE B 57 -55.59 37.17 11.76
CA ILE B 57 -56.84 37.45 12.47
C ILE B 57 -56.66 37.29 13.97
N TYR B 58 -56.12 36.14 14.38
CA TYR B 58 -55.85 35.88 15.79
C TYR B 58 -54.37 35.64 16.01
N TYR B 59 -53.89 36.03 17.18
CA TYR B 59 -52.50 35.77 17.58
C TYR B 59 -52.41 34.38 18.20
N ASN B 60 -52.65 33.38 17.36
CA ASN B 60 -52.73 31.98 17.79
C ASN B 60 -51.41 31.25 17.58
N VAL B 61 -50.77 31.44 16.43
CA VAL B 61 -49.50 30.81 16.10
C VAL B 61 -48.57 31.90 15.60
N ASN B 62 -47.37 31.97 16.19
CA ASN B 62 -46.35 32.84 15.63
C ASN B 62 -45.72 32.18 14.42
N ILE B 63 -45.57 32.96 13.34
CA ILE B 63 -45.01 32.42 12.11
C ILE B 63 -43.53 32.10 12.30
N ASN B 64 -42.84 32.91 13.10
CA ASN B 64 -41.43 32.69 13.40
C ASN B 64 -41.29 31.73 14.58
N CYS B 65 -41.83 30.53 14.40
CA CYS B 65 -41.76 29.47 15.40
C CYS B 65 -40.71 28.47 14.95
N MET B 66 -39.80 28.14 15.86
CA MET B 66 -38.64 27.34 15.54
C MET B 66 -38.96 25.87 15.78
N ASP B 67 -38.25 24.99 15.09
CA ASP B 67 -38.19 23.59 15.47
C ASP B 67 -37.36 23.46 16.74
N PRO B 68 -37.30 22.28 17.35
CA PRO B 68 -36.28 22.03 18.38
C PRO B 68 -34.83 22.04 17.88
N LEU B 69 -34.56 22.29 16.58
CA LEU B 69 -33.21 22.30 16.03
C LEU B 69 -33.04 23.57 15.20
N GLY B 70 -33.41 24.71 15.77
CA GLY B 70 -33.48 25.93 14.98
C GLY B 70 -34.67 25.85 14.06
N ARG B 71 -34.44 26.13 12.77
CA ARG B 71 -35.34 25.72 11.67
C ARG B 71 -36.71 26.39 11.73
N SER B 72 -36.75 27.68 11.37
CA SER B 72 -37.99 28.39 11.11
C SER B 72 -38.73 27.80 9.91
N ALA B 73 -39.99 28.20 9.72
CA ALA B 73 -40.79 27.73 8.59
C ALA B 73 -40.18 28.13 7.24
N LEU B 74 -39.55 29.32 7.20
CA LEU B 74 -38.87 29.76 5.99
C LEU B 74 -37.70 28.86 5.63
N LEU B 75 -36.93 28.43 6.64
CA LEU B 75 -35.79 27.56 6.40
C LEU B 75 -36.23 26.15 6.01
N ILE B 76 -37.38 25.72 6.53
CA ILE B 76 -37.99 24.47 6.11
C ILE B 76 -38.44 24.56 4.65
N ALA B 77 -38.98 25.71 4.25
CA ALA B 77 -39.31 25.94 2.85
C ALA B 77 -38.09 26.22 1.98
N ILE B 78 -36.90 26.36 2.56
CA ILE B 78 -35.67 26.50 1.78
C ILE B 78 -34.96 25.16 1.59
N GLU B 79 -34.91 24.30 2.62
CA GLU B 79 -34.27 23.00 2.45
C GLU B 79 -35.05 22.11 1.49
N ASN B 80 -36.36 22.30 1.43
CA ASN B 80 -37.18 21.68 0.39
C ASN B 80 -37.47 22.76 -0.63
N GLU B 81 -36.92 22.58 -1.84
CA GLU B 81 -36.80 23.69 -2.79
C GLU B 81 -38.18 23.99 -3.40
N ASN B 82 -39.02 24.63 -2.58
CA ASN B 82 -40.37 25.01 -2.98
C ASN B 82 -40.48 26.52 -2.91
N LEU B 83 -40.65 27.15 -4.08
CA LEU B 83 -40.65 28.61 -4.14
C LEU B 83 -42.01 29.20 -3.85
N GLU B 84 -43.08 28.40 -3.91
CA GLU B 84 -44.42 28.90 -3.67
C GLU B 84 -44.67 29.15 -2.19
N ILE B 85 -44.18 28.25 -1.33
CA ILE B 85 -44.27 28.47 0.11
C ILE B 85 -43.31 29.57 0.53
N MET B 86 -42.21 29.76 -0.20
CA MET B 86 -41.31 30.88 0.09
C MET B 86 -41.95 32.21 -0.26
N GLU B 87 -42.63 32.31 -1.40
CA GLU B 87 -43.34 33.53 -1.73
C GLU B 87 -44.52 33.76 -0.79
N LEU B 88 -45.19 32.67 -0.39
CA LEU B 88 -46.33 32.77 0.51
C LEU B 88 -45.91 33.24 1.90
N LEU B 89 -44.74 32.81 2.37
CA LEU B 89 -44.24 33.28 3.64
C LEU B 89 -43.70 34.71 3.53
N LEU B 90 -42.90 34.98 2.49
CA LEU B 90 -42.31 36.30 2.34
C LEU B 90 -43.32 37.40 2.00
N ASN B 91 -44.53 37.03 1.56
CA ASN B 91 -45.58 38.04 1.49
C ASN B 91 -46.03 38.47 2.87
N HIS B 92 -45.89 37.62 3.88
CA HIS B 92 -46.16 37.98 5.25
C HIS B 92 -44.89 38.51 5.93
N SER B 93 -45.05 39.02 7.15
CA SER B 93 -43.96 39.63 7.88
C SER B 93 -43.19 38.56 8.67
N VAL B 94 -42.52 37.70 7.91
CA VAL B 94 -41.62 36.68 8.47
C VAL B 94 -40.27 37.33 8.71
N TYR B 95 -39.62 36.94 9.80
CA TYR B 95 -38.23 37.34 10.05
C TYR B 95 -37.34 36.64 9.03
N VAL B 96 -36.76 37.43 8.11
CA VAL B 96 -35.94 36.89 7.03
C VAL B 96 -34.47 36.80 7.46
N GLY B 97 -34.14 37.31 8.65
CA GLY B 97 -32.77 37.50 9.12
C GLY B 97 -31.87 36.27 9.14
N ASP B 98 -30.74 36.40 8.45
CA ASP B 98 -29.70 35.37 8.31
C ASP B 98 -30.21 34.08 7.67
N ALA B 99 -31.24 34.18 6.84
CA ALA B 99 -31.80 33.03 6.13
C ALA B 99 -31.49 33.04 4.64
N LEU B 100 -30.87 34.11 4.14
CA LEU B 100 -30.39 34.11 2.77
C LEU B 100 -29.17 33.22 2.60
N LEU B 101 -28.37 33.11 3.67
CA LEU B 101 -27.18 32.27 3.66
C LEU B 101 -27.54 30.80 3.53
N TYR B 102 -28.64 30.38 4.17
CA TYR B 102 -29.13 29.01 4.05
C TYR B 102 -29.54 28.69 2.64
N ALA B 103 -30.09 29.67 1.92
CA ALA B 103 -30.41 29.48 0.51
C ALA B 103 -29.16 29.43 -0.34
N ILE B 104 -28.09 30.10 0.10
CA ILE B 104 -26.85 30.02 -0.69
C ILE B 104 -26.13 28.68 -0.46
N ARG B 105 -26.27 28.07 0.73
CA ARG B 105 -25.60 26.80 1.03
C ARG B 105 -26.04 25.70 0.09
N LYS B 106 -27.33 25.61 -0.18
CA LYS B 106 -27.89 24.53 -0.97
C LYS B 106 -27.89 24.82 -2.45
N GLU B 107 -27.29 25.94 -2.87
CA GLU B 107 -27.14 26.34 -4.27
C GLU B 107 -28.50 26.54 -4.94
N VAL B 108 -29.49 26.95 -4.17
CA VAL B 108 -30.82 27.22 -4.70
C VAL B 108 -30.78 28.60 -5.36
N VAL B 109 -31.45 28.73 -6.50
CA VAL B 109 -31.48 29.98 -7.23
C VAL B 109 -32.83 30.62 -6.91
N GLY B 110 -33.38 30.24 -5.75
CA GLY B 110 -34.44 30.96 -5.10
C GLY B 110 -33.89 31.97 -4.11
N ALA B 111 -32.61 32.30 -4.28
CA ALA B 111 -32.00 33.47 -3.66
C ALA B 111 -32.36 34.76 -4.39
N VAL B 112 -32.99 34.66 -5.56
CA VAL B 112 -33.50 35.84 -6.25
C VAL B 112 -34.68 36.43 -5.48
N GLU B 113 -35.49 35.57 -4.85
CA GLU B 113 -36.57 36.06 -4.00
C GLU B 113 -36.04 36.73 -2.75
N LEU B 114 -34.98 36.18 -2.17
CA LEU B 114 -34.42 36.74 -0.94
C LEU B 114 -33.58 37.98 -1.21
N LEU B 115 -33.12 38.17 -2.44
CA LEU B 115 -32.51 39.44 -2.82
C LEU B 115 -33.54 40.42 -3.37
N LEU B 116 -34.75 39.96 -3.71
CA LEU B 116 -35.77 40.85 -4.22
C LEU B 116 -36.47 41.58 -3.08
N SER B 117 -36.98 40.84 -2.10
CA SER B 117 -37.67 41.45 -0.97
C SER B 117 -36.68 41.94 0.08
N GLN B 135 -29.31 34.46 17.69
CA GLN B 135 -30.44 33.58 17.42
C GLN B 135 -29.98 32.32 16.72
N PHE B 136 -28.92 31.72 17.25
CA PHE B 136 -28.38 30.49 16.68
C PHE B 136 -28.09 30.57 15.18
N SER B 137 -27.30 31.54 14.75
CA SER B 137 -26.95 31.60 13.34
C SER B 137 -26.09 30.36 13.18
N GLU B 138 -26.25 29.64 12.08
CA GLU B 138 -25.45 28.43 11.89
C GLU B 138 -24.13 28.84 11.25
N PHE B 139 -23.70 30.07 11.53
CA PHE B 139 -22.47 30.59 10.96
C PHE B 139 -21.80 31.51 11.95
N THR B 140 -20.48 31.59 11.85
CA THR B 140 -19.75 32.67 12.48
C THR B 140 -20.24 33.99 11.88
N PRO B 141 -20.51 35.02 12.70
CA PRO B 141 -21.14 36.24 12.18
C PRO B 141 -20.26 37.11 11.27
N ASP B 142 -19.06 36.67 10.92
CA ASP B 142 -18.27 37.32 9.89
C ASP B 142 -18.76 37.07 8.47
N ILE B 143 -19.61 36.05 8.29
CA ILE B 143 -19.96 35.57 6.96
C ILE B 143 -20.91 36.55 6.28
N THR B 144 -20.46 37.11 5.17
CA THR B 144 -21.25 37.85 4.20
C THR B 144 -21.77 36.86 3.14
N PRO B 145 -22.81 37.22 2.39
CA PRO B 145 -23.33 36.28 1.37
C PRO B 145 -22.36 35.95 0.24
N ILE B 146 -21.41 36.82 -0.09
CA ILE B 146 -20.48 36.52 -1.17
C ILE B 146 -19.34 35.61 -0.70
N MET B 147 -18.98 35.66 0.58
CA MET B 147 -18.02 34.71 1.13
C MET B 147 -18.59 33.30 1.09
N LEU B 148 -19.85 33.16 1.47
CA LEU B 148 -20.47 31.84 1.48
C LEU B 148 -20.79 31.37 0.06
N ALA B 149 -21.10 32.32 -0.83
CA ALA B 149 -21.30 31.97 -2.24
C ALA B 149 -20.02 31.47 -2.87
N ALA B 150 -18.88 32.04 -2.49
CA ALA B 150 -17.60 31.53 -2.94
C ALA B 150 -17.21 30.23 -2.25
N HIS B 151 -17.66 30.01 -1.01
CA HIS B 151 -17.41 28.73 -0.37
C HIS B 151 -18.19 27.61 -1.04
N THR B 152 -19.37 27.92 -1.57
CA THR B 152 -20.15 26.90 -2.27
C THR B 152 -19.77 26.75 -3.74
N ASN B 153 -19.01 27.71 -4.29
CA ASN B 153 -18.43 27.63 -5.64
C ASN B 153 -19.50 27.54 -6.72
N ASN B 154 -20.65 28.17 -6.52
CA ASN B 154 -21.70 28.16 -7.52
C ASN B 154 -21.60 29.44 -8.34
N TYR B 155 -21.49 29.30 -9.65
CA TYR B 155 -21.19 30.44 -10.52
C TYR B 155 -22.38 31.38 -10.65
N GLU B 156 -23.61 30.83 -10.59
CA GLU B 156 -24.80 31.66 -10.81
C GLU B 156 -25.07 32.57 -9.62
N ILE B 157 -24.90 32.06 -8.41
CA ILE B 157 -25.14 32.87 -7.21
C ILE B 157 -24.05 33.91 -7.03
N ILE B 158 -22.80 33.55 -7.37
CA ILE B 158 -21.71 34.51 -7.32
C ILE B 158 -21.93 35.61 -8.36
N LYS B 159 -22.48 35.27 -9.53
CA LYS B 159 -22.81 36.32 -10.49
C LYS B 159 -23.98 37.19 -10.01
N LEU B 160 -24.98 36.57 -9.36
CA LEU B 160 -26.11 37.32 -8.81
C LEU B 160 -25.72 38.22 -7.64
N LEU B 161 -24.62 37.95 -6.97
CA LEU B 161 -24.17 38.80 -5.87
C LEU B 161 -23.10 39.80 -6.29
N VAL B 162 -22.27 39.45 -7.27
CA VAL B 162 -21.32 40.40 -7.84
C VAL B 162 -22.07 41.48 -8.63
N GLN B 163 -23.21 41.12 -9.25
CA GLN B 163 -24.07 42.13 -9.86
C GLN B 163 -24.79 43.02 -8.84
N LYS B 164 -24.65 42.78 -7.54
CA LYS B 164 -25.16 43.69 -6.52
C LYS B 164 -24.08 44.60 -5.95
N ARG B 165 -22.87 44.56 -6.50
CA ARG B 165 -21.76 45.47 -6.16
C ARG B 165 -21.35 45.38 -4.68
N VAL B 166 -21.21 44.15 -4.18
CA VAL B 166 -20.73 43.95 -2.82
C VAL B 166 -19.22 43.77 -2.82
N THR B 167 -18.60 43.95 -1.64
CA THR B 167 -17.15 43.96 -1.50
C THR B 167 -16.70 42.86 -0.55
N ILE B 168 -15.37 42.65 -0.52
CA ILE B 168 -14.71 41.68 0.36
C ILE B 168 -13.52 42.35 1.02
N PRO B 169 -13.31 42.17 2.34
CA PRO B 169 -12.19 42.85 3.01
C PRO B 169 -10.83 42.28 2.60
N ARG B 170 -9.82 43.15 2.71
CA ARG B 170 -8.44 42.72 2.52
C ARG B 170 -7.86 42.21 3.83
N PRO B 171 -7.09 41.11 3.81
CA PRO B 171 -6.81 40.38 5.05
C PRO B 171 -5.77 40.99 5.98
N HIS B 172 -4.85 41.79 5.46
CA HIS B 172 -3.69 42.22 6.24
C HIS B 172 -4.06 43.22 7.34
N GLN B 173 -3.24 43.23 8.39
CA GLN B 173 -3.48 43.94 9.64
C GLN B 173 -2.26 44.79 9.94
N ILE B 174 -2.33 45.59 11.01
CA ILE B 174 -1.27 46.52 11.39
C ILE B 174 0.03 45.80 11.77
N ASP B 188 -11.56 36.41 20.24
CA ASP B 188 -10.54 37.43 20.08
C ASP B 188 -9.48 36.94 19.10
N SER B 189 -9.14 35.66 19.19
CA SER B 189 -8.12 35.08 18.35
C SER B 189 -8.60 33.90 17.50
N LEU B 190 -9.72 33.26 17.84
CA LEU B 190 -10.30 32.28 16.92
C LEU B 190 -11.11 32.97 15.84
N ARG B 191 -11.74 34.10 16.16
CA ARG B 191 -12.48 34.85 15.16
C ARG B 191 -11.55 35.50 14.15
N HIS B 192 -10.33 35.81 14.56
CA HIS B 192 -9.41 36.49 13.67
C HIS B 192 -8.81 35.53 12.65
N SER B 193 -8.35 34.36 13.11
CA SER B 193 -7.83 33.36 12.18
C SER B 193 -8.95 32.67 11.42
N ARG B 194 -10.11 32.49 12.05
CA ARG B 194 -11.27 31.93 11.36
C ARG B 194 -11.78 32.88 10.29
N SER B 195 -11.79 34.18 10.58
CA SER B 195 -12.23 35.15 9.59
C SER B 195 -11.22 35.32 8.47
N ARG B 196 -9.92 35.24 8.79
CA ARG B 196 -8.90 35.27 7.74
C ARG B 196 -8.98 34.03 6.86
N LEU B 197 -9.28 32.88 7.46
CA LEU B 197 -9.43 31.65 6.68
C LEU B 197 -10.70 31.68 5.84
N ASN B 198 -11.74 32.40 6.31
CA ASN B 198 -12.92 32.57 5.48
C ASN B 198 -12.67 33.53 4.33
N ILE B 199 -11.88 34.58 4.55
CA ILE B 199 -11.58 35.53 3.49
C ILE B 199 -10.71 34.89 2.41
N TYR B 200 -9.62 34.22 2.83
CA TYR B 200 -8.80 33.49 1.88
C TYR B 200 -9.52 32.29 1.30
N LYS B 201 -10.48 31.71 2.02
CA LYS B 201 -11.25 30.61 1.47
C LYS B 201 -12.23 31.09 0.41
N ALA B 202 -12.68 32.34 0.52
CA ALA B 202 -13.58 32.88 -0.49
C ALA B 202 -12.82 33.42 -1.69
N LEU B 203 -11.64 34.00 -1.47
CA LEU B 203 -10.85 34.52 -2.58
C LEU B 203 -10.25 33.40 -3.43
N ALA B 204 -10.04 32.22 -2.84
CA ALA B 204 -9.44 31.09 -3.53
C ALA B 204 -10.46 30.25 -4.28
N SER B 205 -11.66 30.74 -4.47
CA SER B 205 -12.62 29.96 -5.21
C SER B 205 -12.47 30.23 -6.71
N PRO B 206 -12.60 29.21 -7.54
CA PRO B 206 -12.38 29.38 -8.99
C PRO B 206 -13.52 30.06 -9.73
N SER B 207 -14.48 30.66 -9.04
CA SER B 207 -15.50 31.47 -9.68
C SER B 207 -15.43 32.95 -9.32
N LEU B 208 -14.88 33.30 -8.15
CA LEU B 208 -14.49 34.68 -7.89
C LEU B 208 -13.15 35.02 -8.52
N ILE B 209 -12.39 34.02 -8.94
CA ILE B 209 -11.22 34.32 -9.75
C ILE B 209 -11.63 34.40 -11.22
N ALA B 210 -12.62 33.62 -11.64
CA ALA B 210 -13.10 33.66 -13.02
C ALA B 210 -13.86 34.94 -13.31
N LEU B 211 -14.61 35.43 -12.33
CA LEU B 211 -15.24 36.74 -12.37
C LEU B 211 -14.36 37.74 -11.64
N SER B 212 -14.66 39.02 -11.86
CA SER B 212 -14.22 40.15 -11.02
C SER B 212 -12.71 40.30 -10.92
N SER B 213 -11.97 39.72 -11.86
CA SER B 213 -10.51 39.76 -11.85
C SER B 213 -10.01 40.03 -13.25
N GLU B 214 -8.90 40.76 -13.34
CA GLU B 214 -8.36 41.18 -14.63
C GLU B 214 -7.85 39.99 -15.42
N ASP B 215 -6.94 39.22 -14.83
CA ASP B 215 -6.57 37.93 -15.38
C ASP B 215 -6.57 36.87 -14.28
N PRO B 216 -7.31 35.77 -14.46
CA PRO B 216 -7.40 34.76 -13.41
C PRO B 216 -6.14 33.92 -13.23
N ILE B 217 -5.21 33.93 -14.19
CA ILE B 217 -4.03 33.09 -14.08
C ILE B 217 -3.03 33.67 -13.10
N LEU B 218 -2.76 34.98 -13.18
CA LEU B 218 -1.89 35.60 -12.18
C LEU B 218 -2.54 35.64 -10.81
N THR B 219 -3.87 35.76 -10.75
CA THR B 219 -4.55 35.74 -9.47
C THR B 219 -4.47 34.36 -8.83
N ALA B 220 -4.60 33.31 -9.65
CA ALA B 220 -4.44 31.95 -9.13
C ALA B 220 -2.99 31.68 -8.74
N PHE B 221 -2.03 32.28 -9.44
CA PHE B 221 -0.62 32.09 -9.08
C PHE B 221 -0.29 32.77 -7.76
N ARG B 222 -0.65 34.06 -7.65
CA ARG B 222 -0.34 34.82 -6.44
C ARG B 222 -1.12 34.34 -5.24
N LEU B 223 -2.37 33.90 -5.44
CA LEU B 223 -3.11 33.31 -4.33
C LEU B 223 -2.56 31.96 -3.93
N GLY B 224 -2.11 31.15 -4.90
CA GLY B 224 -1.47 29.89 -4.55
C GLY B 224 -0.19 30.09 -3.75
N TRP B 225 0.58 31.13 -4.09
CA TRP B 225 1.78 31.47 -3.34
C TRP B 225 1.46 32.00 -1.94
N GLU B 226 0.49 32.91 -1.84
CA GLU B 226 0.15 33.51 -0.55
C GLU B 226 -0.49 32.48 0.39
N LEU B 227 -1.23 31.53 -0.15
CA LEU B 227 -1.78 30.46 0.66
C LEU B 227 -0.74 29.40 1.01
N LYS B 228 0.28 29.20 0.16
CA LYS B 228 1.34 28.28 0.51
C LYS B 228 2.23 28.83 1.62
N GLU B 229 2.67 30.09 1.47
CA GLU B 229 3.42 30.75 2.54
C GLU B 229 2.58 30.92 3.78
N LEU B 230 1.28 31.17 3.62
CA LEU B 230 0.41 31.35 4.77
C LEU B 230 0.17 30.02 5.49
N SER B 231 0.25 28.91 4.75
CA SER B 231 0.23 27.60 5.40
C SER B 231 1.54 27.33 6.11
N LYS B 232 2.66 27.80 5.55
CA LYS B 232 3.95 27.60 6.23
C LYS B 232 4.10 28.46 7.48
N VAL B 233 3.43 29.62 7.54
CA VAL B 233 3.53 30.48 8.72
C VAL B 233 2.76 29.88 9.88
N GLU B 234 1.51 29.52 9.65
CA GLU B 234 0.61 29.07 10.71
C GLU B 234 0.68 27.56 10.81
N ASN B 235 1.19 27.06 11.94
CA ASN B 235 1.31 25.62 12.14
C ASN B 235 -0.07 24.97 12.25
N GLU B 236 -0.98 25.62 12.97
CA GLU B 236 -2.37 25.23 12.94
C GLU B 236 -2.99 25.67 11.62
N PHE B 237 -4.04 24.95 11.19
CA PHE B 237 -4.79 25.18 9.96
C PHE B 237 -3.95 25.03 8.70
N LYS B 238 -2.86 24.26 8.78
CA LYS B 238 -1.95 24.12 7.65
C LYS B 238 -2.58 23.30 6.53
N ALA B 239 -3.31 22.24 6.88
CA ALA B 239 -3.90 21.33 5.90
C ALA B 239 -5.08 21.94 5.16
N GLU B 240 -5.59 23.10 5.60
CA GLU B 240 -6.66 23.78 4.91
C GLU B 240 -6.14 24.85 3.96
N TYR B 241 -5.14 25.63 4.37
CA TYR B 241 -4.52 26.58 3.46
C TYR B 241 -3.74 25.87 2.35
N GLU B 242 -3.17 24.69 2.64
CA GLU B 242 -2.56 23.92 1.57
C GLU B 242 -3.61 23.38 0.59
N GLU B 243 -4.80 23.05 1.09
CA GLU B 243 -5.89 22.63 0.23
C GLU B 243 -6.37 23.78 -0.66
N LEU B 244 -6.43 24.99 -0.10
CA LEU B 244 -6.82 26.15 -0.90
C LEU B 244 -5.76 26.50 -1.93
N SER B 245 -4.47 26.29 -1.60
CA SER B 245 -3.42 26.55 -2.57
C SER B 245 -3.44 25.54 -3.70
N GLN B 246 -3.73 24.27 -3.39
CA GLN B 246 -3.88 23.28 -4.44
C GLN B 246 -5.13 23.52 -5.29
N GLN B 247 -6.15 24.11 -4.68
CA GLN B 247 -7.32 24.56 -5.44
C GLN B 247 -6.95 25.66 -6.43
N CYS B 248 -6.13 26.62 -5.99
CA CYS B 248 -5.69 27.69 -6.87
C CYS B 248 -4.77 27.19 -7.99
N LYS B 249 -3.95 26.18 -7.72
CA LYS B 249 -3.10 25.64 -8.78
C LYS B 249 -3.91 24.83 -9.78
N LEU B 250 -4.85 24.02 -9.27
CA LEU B 250 -5.70 23.19 -10.11
C LEU B 250 -6.61 24.05 -11.01
N PHE B 251 -7.00 25.23 -10.52
CA PHE B 251 -7.80 26.15 -11.34
C PHE B 251 -7.03 26.65 -12.55
N ALA B 252 -5.78 27.10 -12.35
CA ALA B 252 -5.00 27.64 -13.45
C ALA B 252 -4.62 26.56 -14.45
N LYS B 253 -4.33 25.36 -13.94
CA LYS B 253 -4.07 24.22 -14.81
C LYS B 253 -5.31 23.88 -15.65
N ASP B 254 -6.50 23.97 -15.04
CA ASP B 254 -7.71 23.72 -15.81
C ASP B 254 -8.06 24.86 -16.75
N LEU B 255 -7.51 26.06 -16.53
CA LEU B 255 -7.59 27.08 -17.56
C LEU B 255 -6.69 26.77 -18.75
N LEU B 256 -5.50 26.18 -18.53
CA LEU B 256 -4.73 25.76 -19.70
C LEU B 256 -5.33 24.56 -20.41
N ASP B 257 -6.11 23.73 -19.71
CA ASP B 257 -6.71 22.57 -20.36
C ASP B 257 -7.77 22.97 -21.38
N GLN B 258 -8.33 24.17 -21.26
CA GLN B 258 -9.39 24.62 -22.17
C GLN B 258 -8.89 25.32 -23.42
N ALA B 259 -7.58 25.43 -23.61
CA ALA B 259 -7.05 26.06 -24.82
C ALA B 259 -7.16 25.08 -25.98
N ARG B 260 -7.93 25.43 -27.01
CA ARG B 260 -8.18 24.54 -28.13
C ARG B 260 -7.49 24.97 -29.41
N SER B 261 -6.45 25.79 -29.30
CA SER B 261 -5.60 26.13 -30.44
C SER B 261 -4.26 26.59 -29.89
N SER B 262 -3.29 26.79 -30.78
CA SER B 262 -1.97 27.20 -30.38
C SER B 262 -1.77 28.70 -30.45
N ARG B 263 -2.63 29.44 -31.17
CA ARG B 263 -2.62 30.89 -31.06
C ARG B 263 -3.06 31.31 -29.67
N GLU B 264 -4.10 30.65 -29.13
CA GLU B 264 -4.54 30.92 -27.77
C GLU B 264 -3.46 30.57 -26.76
N LEU B 265 -2.78 29.44 -26.95
CA LEU B 265 -1.76 29.00 -26.02
C LEU B 265 -0.53 29.91 -26.06
N GLU B 266 -0.17 30.40 -27.24
CA GLU B 266 0.92 31.35 -27.32
C GLU B 266 0.54 32.74 -26.81
N ILE B 267 -0.74 33.10 -26.88
CA ILE B 267 -1.15 34.36 -26.26
C ILE B 267 -1.10 34.25 -24.73
N ILE B 268 -1.48 33.09 -24.19
CA ILE B 268 -1.39 32.85 -22.75
C ILE B 268 0.06 32.90 -22.28
N LEU B 269 0.91 32.05 -22.86
CA LEU B 269 2.22 31.85 -22.28
C LEU B 269 3.21 32.98 -22.56
N ASN B 270 2.86 33.95 -23.41
CA ASN B 270 3.76 35.04 -23.72
C ASN B 270 3.31 36.37 -23.11
N HIS B 271 2.29 36.36 -22.26
CA HIS B 271 1.68 37.59 -21.80
C HIS B 271 2.55 38.25 -20.74
N ARG B 272 3.19 39.34 -21.12
CA ARG B 272 3.95 40.16 -20.17
C ARG B 272 3.00 41.13 -19.48
N ASP B 273 3.05 41.17 -18.16
CA ASP B 273 2.20 42.06 -17.38
C ASP B 273 2.78 43.47 -17.42
N ASP B 286 10.20 35.79 -25.78
CA ASP B 286 10.21 35.44 -24.37
C ASP B 286 8.96 34.65 -24.02
N LEU B 287 8.96 34.05 -22.83
CA LEU B 287 7.82 33.33 -22.28
C LEU B 287 7.59 33.88 -20.88
N ALA B 288 6.82 34.97 -20.78
CA ALA B 288 6.69 35.65 -19.50
C ALA B 288 5.84 34.86 -18.53
N LYS B 289 4.74 34.26 -19.01
CA LYS B 289 3.81 33.60 -18.11
C LYS B 289 4.36 32.27 -17.60
N LEU B 290 5.25 31.63 -18.37
CA LEU B 290 5.96 30.47 -17.84
C LEU B 290 7.02 30.85 -16.83
N LYS B 291 7.71 31.98 -17.02
CA LYS B 291 8.67 32.43 -16.00
C LYS B 291 7.98 32.77 -14.70
N VAL B 292 6.78 33.36 -14.79
CA VAL B 292 6.00 33.64 -13.60
C VAL B 292 5.45 32.34 -13.00
N ALA B 293 5.12 31.37 -13.86
CA ALA B 293 4.61 30.08 -13.37
C ALA B 293 5.69 29.27 -12.67
N ILE B 294 6.93 29.34 -13.14
CA ILE B 294 8.03 28.66 -12.47
C ILE B 294 8.46 29.45 -11.24
N LYS B 295 8.32 30.77 -11.30
CA LYS B 295 8.64 31.64 -10.16
C LYS B 295 7.72 31.36 -8.97
N TYR B 296 6.43 31.13 -9.24
CA TYR B 296 5.47 30.83 -8.18
C TYR B 296 5.29 29.33 -7.97
N HIS B 297 6.17 28.50 -8.55
CA HIS B 297 6.23 27.05 -8.33
C HIS B 297 4.93 26.35 -8.71
N GLN B 298 4.44 26.64 -9.92
CA GLN B 298 3.18 26.09 -10.41
C GLN B 298 3.49 24.88 -11.27
N LYS B 299 3.64 23.74 -10.59
CA LYS B 299 4.19 22.56 -11.23
C LYS B 299 3.18 21.87 -12.14
N GLU B 300 1.89 21.94 -11.81
CA GLU B 300 0.87 21.34 -12.67
C GLU B 300 0.58 22.20 -13.88
N PHE B 301 0.77 23.52 -13.75
CA PHE B 301 0.59 24.43 -14.88
C PHE B 301 1.65 24.17 -15.95
N VAL B 302 2.90 24.01 -15.53
CA VAL B 302 3.98 23.84 -16.48
C VAL B 302 3.98 22.45 -17.08
N ALA B 303 3.66 21.44 -16.29
CA ALA B 303 3.66 20.06 -16.77
C ALA B 303 2.41 19.70 -17.58
N GLN B 304 1.52 20.66 -17.82
CA GLN B 304 0.37 20.44 -18.69
C GLN B 304 0.86 20.18 -20.11
N PRO B 305 0.33 19.16 -20.80
CA PRO B 305 1.03 18.64 -21.99
C PRO B 305 0.99 19.55 -23.21
N ASN B 306 0.05 20.48 -23.29
CA ASN B 306 0.10 21.43 -24.39
C ASN B 306 1.25 22.40 -24.22
N CYS B 307 1.48 22.82 -22.98
CA CYS B 307 2.67 23.61 -22.64
C CYS B 307 3.95 22.82 -22.89
N GLN B 308 3.92 21.51 -22.65
CA GLN B 308 5.09 20.69 -22.91
C GLN B 308 5.32 20.49 -24.41
N GLN B 309 4.26 20.51 -25.21
CA GLN B 309 4.45 20.49 -26.66
C GLN B 309 5.03 21.81 -27.16
N LEU B 310 4.58 22.95 -26.60
CA LEU B 310 5.14 24.22 -27.01
C LEU B 310 6.61 24.35 -26.61
N LEU B 311 6.93 23.95 -25.38
CA LEU B 311 8.33 23.96 -24.93
C LEU B 311 9.17 22.93 -25.67
N ALA B 312 8.56 21.84 -26.13
CA ALA B 312 9.30 20.87 -26.91
C ALA B 312 9.58 21.36 -28.32
N THR B 313 8.66 22.12 -28.92
CA THR B 313 8.95 22.68 -30.24
C THR B 313 9.93 23.85 -30.14
N LEU B 314 9.92 24.59 -29.03
CA LEU B 314 10.95 25.59 -28.82
C LEU B 314 12.29 24.93 -28.53
N TRP B 315 12.25 23.75 -27.93
CA TRP B 315 13.47 23.05 -27.54
C TRP B 315 14.15 22.39 -28.72
N TYR B 316 13.38 21.70 -29.56
CA TYR B 316 13.93 20.96 -30.70
C TYR B 316 13.83 21.72 -32.01
N ASP B 317 13.97 23.05 -31.99
CA ASP B 317 13.97 23.80 -33.24
C ASP B 317 15.20 23.43 -34.07
N GLY B 318 15.00 23.36 -35.38
CA GLY B 318 16.01 22.76 -36.23
C GLY B 318 16.00 21.25 -36.20
N PHE B 319 14.90 20.64 -35.76
CA PHE B 319 14.72 19.19 -35.81
C PHE B 319 13.27 18.90 -36.17
N PRO B 320 13.00 18.53 -37.43
CA PRO B 320 11.66 18.07 -37.76
C PRO B 320 11.42 16.65 -37.24
N GLY B 321 10.68 16.55 -36.13
CA GLY B 321 10.35 15.27 -35.55
C GLY B 321 11.54 14.53 -34.95
N TRP B 322 12.06 15.04 -33.84
CA TRP B 322 13.15 14.33 -33.17
C TRP B 322 12.63 13.07 -32.49
N ARG B 323 11.43 13.14 -31.91
CA ARG B 323 10.85 12.00 -31.20
C ARG B 323 10.41 10.90 -32.15
N ARG B 324 10.20 11.21 -33.43
CA ARG B 324 9.88 10.20 -34.41
C ARG B 324 11.09 9.33 -34.78
N LYS B 325 12.30 9.82 -34.52
CA LYS B 325 13.51 9.11 -34.90
C LYS B 325 13.78 7.93 -33.97
N HIS B 326 14.57 6.99 -34.46
CA HIS B 326 15.01 5.86 -33.66
C HIS B 326 16.16 6.29 -32.76
N TRP B 327 16.30 5.60 -31.62
CA TRP B 327 17.25 6.04 -30.61
C TRP B 327 18.71 5.82 -31.02
N VAL B 328 18.96 4.97 -32.02
CA VAL B 328 20.32 4.86 -32.56
C VAL B 328 20.66 6.09 -33.38
N VAL B 329 19.69 6.60 -34.15
CA VAL B 329 19.89 7.85 -34.88
C VAL B 329 19.98 9.02 -33.91
N LYS B 330 19.23 8.96 -32.81
CA LYS B 330 19.35 9.94 -31.74
C LYS B 330 20.75 9.92 -31.14
N LEU B 331 21.29 8.72 -30.90
CA LEU B 331 22.62 8.57 -30.33
C LEU B 331 23.70 9.08 -31.30
N LEU B 332 23.52 8.85 -32.59
CA LEU B 332 24.49 9.32 -33.57
C LEU B 332 24.45 10.83 -33.71
N THR B 333 23.26 11.43 -33.62
CA THR B 333 23.21 12.90 -33.65
C THR B 333 23.78 13.50 -32.36
N CYS B 334 23.54 12.84 -31.22
CA CYS B 334 24.11 13.32 -29.95
C CYS B 334 25.63 13.23 -29.96
N MET B 335 26.19 12.15 -30.52
CA MET B 335 27.63 12.00 -30.55
C MET B 335 28.27 12.93 -31.58
N THR B 336 27.76 12.95 -32.82
CA THR B 336 28.38 13.75 -33.86
C THR B 336 28.20 15.25 -33.64
N ILE B 337 27.09 15.67 -33.03
CA ILE B 337 27.00 17.06 -32.59
C ILE B 337 27.86 17.26 -31.35
N GLY B 338 28.09 16.20 -30.57
CA GLY B 338 28.94 16.30 -29.40
C GLY B 338 30.42 16.53 -29.70
N PHE B 339 30.93 15.93 -30.79
CA PHE B 339 32.33 16.12 -31.12
C PHE B 339 32.63 17.52 -31.67
N LEU B 340 31.62 18.22 -32.17
CA LEU B 340 31.85 19.44 -32.94
C LEU B 340 31.66 20.71 -32.12
N PHE B 341 31.89 20.65 -30.80
CA PHE B 341 31.74 21.88 -30.02
C PHE B 341 32.83 22.94 -30.27
N PRO B 342 34.08 22.63 -30.65
CA PRO B 342 34.89 23.69 -31.24
C PRO B 342 34.42 24.10 -32.63
N MET B 343 33.96 23.15 -33.45
CA MET B 343 33.49 23.51 -34.79
C MET B 343 32.17 24.26 -34.76
N LEU B 344 31.43 24.21 -33.66
CA LEU B 344 30.22 24.99 -33.50
C LEU B 344 30.38 26.16 -32.54
N SER B 345 31.52 26.25 -31.83
CA SER B 345 31.74 27.34 -30.89
C SER B 345 32.81 28.32 -31.34
N ILE B 346 33.63 27.97 -32.35
CA ILE B 346 34.45 28.98 -33.01
C ILE B 346 33.58 29.88 -33.87
N ALA B 347 32.66 29.28 -34.63
CA ALA B 347 31.52 30.04 -35.12
C ALA B 347 30.66 30.44 -33.92
N TYR B 348 29.99 31.60 -34.04
CA TYR B 348 29.33 32.46 -33.05
C TYR B 348 30.35 33.28 -32.26
N LEU B 349 31.66 33.07 -32.45
CA LEU B 349 32.65 34.02 -32.02
C LEU B 349 33.19 34.88 -33.15
N ILE B 350 33.38 34.30 -34.35
CA ILE B 350 33.84 35.04 -35.51
C ILE B 350 32.67 35.51 -36.37
N SER B 351 31.74 34.60 -36.68
CA SER B 351 30.57 34.92 -37.48
C SER B 351 29.33 34.55 -36.67
N PRO B 352 28.82 35.47 -35.85
CA PRO B 352 27.54 35.19 -35.16
C PRO B 352 26.36 35.12 -36.10
N ARG B 353 26.24 36.10 -37.01
CA ARG B 353 25.15 36.12 -37.98
C ARG B 353 25.55 35.33 -39.22
N SER B 354 25.56 34.01 -39.07
CA SER B 354 25.95 33.11 -40.14
C SER B 354 25.11 31.84 -40.07
N ASN B 355 25.36 30.93 -41.01
CA ASN B 355 24.64 29.67 -41.03
C ASN B 355 25.06 28.74 -39.89
N LEU B 356 26.29 28.89 -39.40
CA LEU B 356 26.75 28.12 -38.25
C LEU B 356 26.69 28.90 -36.94
N GLY B 357 26.75 30.23 -37.01
CA GLY B 357 26.58 31.03 -35.80
C GLY B 357 25.18 31.02 -35.25
N LEU B 358 24.19 30.79 -36.11
CA LEU B 358 22.81 30.60 -35.67
C LEU B 358 22.48 29.14 -35.39
N PHE B 359 23.47 28.24 -35.43
CA PHE B 359 23.19 26.83 -35.17
C PHE B 359 23.48 26.43 -33.72
N ILE B 360 24.35 27.16 -33.02
CA ILE B 360 24.52 26.91 -31.58
C ILE B 360 23.50 27.71 -30.78
N LYS B 361 22.77 28.64 -31.42
CA LYS B 361 21.69 29.35 -30.75
C LYS B 361 20.50 28.46 -30.46
N LYS B 362 20.41 27.29 -31.09
CA LYS B 362 19.35 26.35 -30.80
C LYS B 362 19.58 25.73 -29.43
N PRO B 363 18.55 25.65 -28.58
CA PRO B 363 18.79 25.23 -27.18
C PRO B 363 19.12 23.76 -27.01
N PHE B 364 18.61 22.88 -27.86
CA PHE B 364 19.05 21.49 -27.78
C PHE B 364 20.45 21.32 -28.33
N ILE B 365 20.88 22.20 -29.25
CA ILE B 365 22.28 22.27 -29.65
C ILE B 365 23.09 23.12 -28.69
N LYS B 366 22.43 23.76 -27.71
CA LYS B 366 23.20 24.22 -26.56
C LYS B 366 23.45 23.09 -25.59
N PHE B 367 22.41 22.32 -25.24
CA PHE B 367 22.52 21.29 -24.19
C PHE B 367 23.51 20.20 -24.57
N ILE B 368 23.31 19.57 -25.72
CA ILE B 368 24.41 18.87 -26.36
C ILE B 368 25.43 19.92 -26.76
N CYS B 369 26.70 19.63 -26.49
CA CYS B 369 27.94 20.41 -26.71
C CYS B 369 28.15 21.49 -25.65
N HIS B 370 27.26 21.67 -24.68
CA HIS B 370 27.65 22.19 -23.36
C HIS B 370 28.00 21.09 -22.40
N THR B 371 27.38 19.92 -22.55
CA THR B 371 27.57 18.79 -21.66
C THR B 371 28.56 17.76 -22.20
N ALA B 372 28.69 17.63 -23.52
CA ALA B 372 29.78 16.83 -24.07
C ALA B 372 31.12 17.52 -23.85
N SER B 373 31.10 18.86 -23.83
CA SER B 373 32.25 19.65 -23.40
C SER B 373 32.59 19.38 -21.94
N TYR B 374 31.58 19.20 -21.10
CA TYR B 374 31.82 18.87 -19.71
C TYR B 374 32.38 17.46 -19.58
N LEU B 375 31.95 16.56 -20.47
CA LEU B 375 32.54 15.22 -20.49
C LEU B 375 33.97 15.24 -21.00
N THR B 376 34.33 16.22 -21.84
CA THR B 376 35.75 16.34 -22.19
C THR B 376 36.56 16.91 -21.03
N PHE B 377 35.96 17.79 -20.22
CA PHE B 377 36.65 18.28 -19.03
C PHE B 377 36.87 17.18 -18.00
N LEU B 378 35.85 16.36 -17.76
CA LEU B 378 36.02 15.20 -16.89
C LEU B 378 36.94 14.16 -17.51
N PHE B 379 37.03 14.13 -18.84
CA PHE B 379 38.05 13.29 -19.46
C PHE B 379 39.44 13.82 -19.20
N MET B 380 39.59 15.15 -19.12
CA MET B 380 40.89 15.71 -18.74
C MET B 380 41.19 15.47 -17.27
N LEU B 381 40.16 15.36 -16.43
CA LEU B 381 40.42 15.03 -15.03
C LEU B 381 40.77 13.55 -14.86
N LEU B 382 40.19 12.68 -15.68
CA LEU B 382 40.66 11.29 -15.72
C LEU B 382 42.07 11.19 -16.26
N LEU B 383 42.41 12.05 -17.23
CA LEU B 383 43.74 12.03 -17.81
C LEU B 383 44.77 12.58 -16.84
N ALA B 384 44.34 13.47 -15.93
CA ALA B 384 45.23 14.15 -15.01
C ALA B 384 45.84 13.22 -13.96
N SER B 385 45.21 12.10 -13.67
CA SER B 385 45.73 11.13 -12.70
C SER B 385 46.68 10.12 -13.32
N GLN B 386 47.16 10.37 -14.53
CA GLN B 386 48.12 9.48 -15.19
C GLN B 386 49.31 10.26 -15.71
N HIS B 394 61.17 14.38 -5.42
CA HIS B 394 60.02 14.95 -6.11
C HIS B 394 59.97 16.44 -5.83
N VAL B 395 59.43 17.22 -6.77
CA VAL B 395 59.44 18.67 -6.63
C VAL B 395 58.42 19.08 -5.57
N GLN B 396 58.83 20.01 -4.70
CA GLN B 396 57.94 20.50 -3.66
C GLN B 396 56.75 21.23 -4.25
N GLY B 397 57.00 22.28 -5.02
CA GLY B 397 55.98 22.89 -5.83
C GLY B 397 56.37 22.88 -7.28
N PRO B 398 55.68 22.08 -8.09
CA PRO B 398 56.08 21.91 -9.48
C PRO B 398 55.46 22.98 -10.36
N PRO B 399 55.97 23.19 -11.57
CA PRO B 399 55.21 23.90 -12.58
C PRO B 399 54.00 23.06 -13.00
N PRO B 400 52.93 23.70 -13.48
CA PRO B 400 51.74 22.93 -13.84
C PRO B 400 51.97 22.02 -15.03
N THR B 401 51.31 20.87 -15.00
CA THR B 401 51.42 19.88 -16.05
C THR B 401 50.69 20.38 -17.29
N VAL B 402 51.03 19.81 -18.45
CA VAL B 402 50.39 20.17 -19.72
C VAL B 402 48.89 19.91 -19.66
N VAL B 403 48.50 18.85 -18.94
CA VAL B 403 47.10 18.60 -18.65
C VAL B 403 46.50 19.72 -17.81
N GLU B 404 47.22 20.18 -16.79
CA GLU B 404 46.70 21.26 -15.94
C GLU B 404 46.67 22.59 -16.71
N TRP B 405 47.65 22.81 -17.60
CA TRP B 405 47.57 24.01 -18.44
C TRP B 405 46.37 23.95 -19.37
N MET B 406 46.02 22.75 -19.85
CA MET B 406 44.77 22.60 -20.59
C MET B 406 43.54 22.73 -19.72
N ILE B 407 43.63 22.45 -18.42
CA ILE B 407 42.44 22.45 -17.57
C ILE B 407 42.10 23.84 -17.01
N LEU B 408 43.12 24.68 -16.74
CA LEU B 408 42.92 26.01 -16.15
C LEU B 408 41.89 26.91 -16.83
N PRO B 409 41.79 27.03 -18.20
CA PRO B 409 40.72 27.87 -18.74
C PRO B 409 39.32 27.24 -18.74
N TRP B 410 39.19 25.91 -18.72
CA TRP B 410 37.92 25.28 -18.33
C TRP B 410 37.47 25.76 -16.95
N VAL B 411 38.40 25.77 -15.99
CA VAL B 411 38.09 26.19 -14.64
C VAL B 411 37.72 27.66 -14.60
N LEU B 412 38.45 28.50 -15.33
CA LEU B 412 38.10 29.93 -15.40
C LEU B 412 36.79 30.17 -16.11
N GLY B 413 36.42 29.30 -17.05
CA GLY B 413 35.11 29.40 -17.68
C GLY B 413 34.00 29.01 -16.73
N PHE B 414 34.26 28.07 -15.83
CA PHE B 414 33.26 27.73 -14.83
C PHE B 414 33.09 28.85 -13.81
N ILE B 415 34.20 29.44 -13.37
CA ILE B 415 34.12 30.49 -12.35
C ILE B 415 33.53 31.77 -12.96
N TRP B 416 33.89 32.09 -14.19
CA TRP B 416 33.27 33.24 -14.87
C TRP B 416 31.80 32.97 -15.17
N GLY B 417 31.45 31.71 -15.43
CA GLY B 417 30.05 31.37 -15.61
C GLY B 417 29.23 31.52 -14.34
N GLU B 418 29.81 31.13 -13.19
CA GLU B 418 29.07 31.21 -11.94
C GLU B 418 28.99 32.63 -11.42
N ILE B 419 30.05 33.43 -11.64
CA ILE B 419 29.97 34.87 -11.35
C ILE B 419 28.96 35.53 -12.28
N LYS B 420 28.87 35.06 -13.53
CA LYS B 420 27.86 35.55 -14.47
C LYS B 420 26.45 35.17 -14.00
N GLU B 421 26.30 34.05 -13.30
CA GLU B 421 25.00 33.71 -12.72
C GLU B 421 24.73 34.44 -11.41
N MET B 422 25.76 34.83 -10.66
CA MET B 422 25.56 35.58 -9.43
C MET B 422 25.32 37.06 -9.69
N TRP B 423 25.72 37.57 -10.87
CA TRP B 423 25.32 38.91 -11.27
C TRP B 423 23.82 38.97 -11.55
N ASP B 424 23.27 37.91 -12.14
CA ASP B 424 21.85 37.88 -12.41
C ASP B 424 21.07 37.66 -11.11
N GLY B 425 20.05 38.48 -10.91
CA GLY B 425 19.27 38.41 -9.68
C GLY B 425 20.09 38.82 -8.46
N GLY B 426 20.20 37.89 -7.52
CA GLY B 426 20.96 38.09 -6.30
C GLY B 426 21.27 36.75 -5.68
N PHE B 427 21.68 36.79 -4.40
CA PHE B 427 21.88 35.55 -3.65
C PHE B 427 20.57 35.04 -3.04
N THR B 428 19.52 34.95 -3.85
CA THR B 428 18.22 34.43 -3.43
C THR B 428 17.84 33.18 -4.21
N GLU B 429 17.80 33.27 -5.53
CA GLU B 429 17.56 32.10 -6.36
C GLU B 429 18.82 31.26 -6.53
N TYR B 430 19.99 31.90 -6.49
CA TYR B 430 21.25 31.19 -6.65
C TYR B 430 21.54 30.28 -5.46
N ILE B 431 21.44 30.81 -4.24
CA ILE B 431 21.79 30.04 -3.06
C ILE B 431 20.71 29.05 -2.64
N HIS B 432 19.48 29.21 -3.17
CA HIS B 432 18.43 28.25 -2.87
C HIS B 432 18.55 26.98 -3.71
N ASP B 433 19.26 27.05 -4.83
CA ASP B 433 19.45 25.89 -5.70
C ASP B 433 20.65 25.10 -5.19
N TRP B 434 20.45 23.79 -4.99
CA TRP B 434 21.50 22.96 -4.41
C TRP B 434 22.67 22.75 -5.35
N TRP B 435 22.40 22.66 -6.65
CA TRP B 435 23.49 22.41 -7.59
C TRP B 435 24.37 23.64 -7.78
N ASN B 436 23.83 24.83 -7.55
CA ASN B 436 24.65 26.04 -7.59
C ASN B 436 25.50 26.17 -6.33
N LEU B 437 24.98 25.70 -5.19
CA LEU B 437 25.80 25.59 -3.99
C LEU B 437 26.93 24.58 -4.21
N MET B 438 26.64 23.51 -4.94
CA MET B 438 27.68 22.55 -5.30
C MET B 438 28.66 23.13 -6.30
N ASP B 439 28.20 24.04 -7.16
CA ASP B 439 29.13 24.80 -8.00
C ASP B 439 30.01 25.72 -7.18
N PHE B 440 29.47 26.30 -6.10
CA PHE B 440 30.30 27.15 -5.27
C PHE B 440 31.33 26.34 -4.50
N ALA B 441 30.96 25.13 -4.06
CA ALA B 441 31.92 24.26 -3.40
C ALA B 441 33.01 23.79 -4.36
N MET B 442 32.61 23.36 -5.56
CA MET B 442 33.54 22.86 -6.56
C MET B 442 34.50 23.95 -7.03
N ASN B 443 33.96 25.10 -7.42
CA ASN B 443 34.80 26.17 -7.93
C ASN B 443 35.59 26.85 -6.82
N SER B 444 35.07 26.83 -5.59
CA SER B 444 35.85 27.31 -4.46
C SER B 444 37.04 26.39 -4.18
N LEU B 445 36.86 25.08 -4.35
CA LEU B 445 38.00 24.17 -4.23
C LEU B 445 38.95 24.30 -5.42
N TYR B 446 38.45 24.76 -6.57
CA TYR B 446 39.35 25.06 -7.69
C TYR B 446 40.20 26.29 -7.39
N LEU B 447 39.60 27.32 -6.80
CA LEU B 447 40.36 28.50 -6.41
C LEU B 447 41.37 28.18 -5.31
N ALA B 448 40.97 27.34 -4.36
CA ALA B 448 41.90 26.92 -3.31
C ALA B 448 43.02 26.06 -3.86
N THR B 449 42.72 25.20 -4.84
CA THR B 449 43.73 24.32 -5.41
C THR B 449 44.74 25.10 -6.24
N ILE B 450 44.26 25.95 -7.15
CA ILE B 450 45.15 26.75 -7.99
C ILE B 450 45.93 27.74 -7.13
N SER B 451 45.30 28.29 -6.09
CA SER B 451 46.00 29.20 -5.18
C SER B 451 47.09 28.48 -4.40
N LEU B 452 46.87 27.24 -3.99
CA LEU B 452 47.94 26.51 -3.34
C LEU B 452 49.00 25.99 -4.31
N LYS B 453 48.68 25.89 -5.60
CA LYS B 453 49.74 25.64 -6.58
C LYS B 453 50.62 26.87 -6.75
N ILE B 454 50.01 28.07 -6.74
CA ILE B 454 50.79 29.30 -6.85
C ILE B 454 51.63 29.52 -5.59
N VAL B 455 51.04 29.26 -4.42
CA VAL B 455 51.78 29.38 -3.16
C VAL B 455 52.88 28.32 -3.08
N ALA B 456 52.61 27.11 -3.58
CA ALA B 456 53.64 26.08 -3.58
C ALA B 456 54.75 26.36 -4.58
N TYR B 457 54.46 27.10 -5.65
CA TYR B 457 55.51 27.48 -6.59
C TYR B 457 56.39 28.59 -6.02
N VAL B 458 55.85 29.42 -5.13
CA VAL B 458 56.60 30.53 -4.56
C VAL B 458 57.52 30.04 -3.46
N LYS B 459 58.82 30.34 -3.61
CA LYS B 459 59.92 30.13 -2.64
C LYS B 459 59.99 28.70 -2.09
N TYR B 460 59.52 27.71 -2.86
CA TYR B 460 59.84 26.30 -2.64
C TYR B 460 60.65 25.88 -3.86
N ASN B 461 61.96 26.16 -3.82
CA ASN B 461 62.82 25.97 -4.96
C ASN B 461 63.50 24.61 -4.98
N GLY B 462 63.78 24.06 -3.81
CA GLY B 462 64.47 22.78 -3.74
C GLY B 462 63.56 21.60 -3.97
N SER B 463 64.16 20.42 -3.99
CA SER B 463 63.45 19.15 -4.16
C SER B 463 63.77 18.25 -2.98
N ARG B 464 62.76 17.97 -2.14
CA ARG B 464 62.82 17.00 -1.07
C ARG B 464 61.99 15.78 -1.44
N PRO B 465 62.39 14.57 -1.00
CA PRO B 465 61.59 13.37 -1.29
C PRO B 465 60.22 13.42 -0.63
N ARG B 466 59.29 12.61 -1.18
CA ARG B 466 57.88 12.70 -0.81
C ARG B 466 57.63 12.36 0.66
N GLU B 467 58.30 11.33 1.17
CA GLU B 467 58.08 10.88 2.54
C GLU B 467 58.76 11.75 3.59
N GLU B 468 59.36 12.88 3.22
CA GLU B 468 60.00 13.78 4.16
C GLU B 468 59.20 15.06 4.35
N TRP B 469 58.09 15.21 3.63
CA TRP B 469 57.32 16.44 3.67
C TRP B 469 56.54 16.56 4.97
N GLU B 470 56.19 17.79 5.32
CA GLU B 470 55.34 18.02 6.49
C GLU B 470 53.90 17.65 6.16
N MET B 471 53.07 17.58 7.22
CA MET B 471 51.69 17.16 7.04
C MET B 471 50.86 18.25 6.38
N TRP B 472 51.12 19.52 6.71
CA TRP B 472 50.40 20.63 6.15
C TRP B 472 51.14 21.30 5.00
N HIS B 473 51.95 20.54 4.27
CA HIS B 473 52.56 21.03 3.03
C HIS B 473 51.45 21.37 2.04
N PRO B 474 51.44 22.58 1.47
CA PRO B 474 50.33 22.95 0.57
C PRO B 474 50.28 22.18 -0.74
N THR B 475 51.32 21.42 -1.08
CA THR B 475 51.24 20.52 -2.23
C THR B 475 50.28 19.37 -1.96
N LEU B 476 50.38 18.74 -0.78
CA LEU B 476 49.50 17.64 -0.42
C LEU B 476 48.06 18.12 -0.23
N ILE B 477 47.90 19.34 0.31
CA ILE B 477 46.57 19.89 0.48
C ILE B 477 45.96 20.25 -0.88
N ALA B 478 46.78 20.75 -1.80
CA ALA B 478 46.28 21.06 -3.14
C ALA B 478 45.87 19.80 -3.88
N GLU B 479 46.60 18.70 -3.67
CA GLU B 479 46.22 17.44 -4.31
C GLU B 479 44.98 16.83 -3.68
N ALA B 480 44.83 16.96 -2.35
CA ALA B 480 43.64 16.42 -1.68
C ALA B 480 42.38 17.21 -2.07
N LEU B 481 42.47 18.55 -2.05
CA LEU B 481 41.34 19.36 -2.45
C LEU B 481 41.06 19.24 -3.94
N PHE B 482 42.09 18.94 -4.74
CA PHE B 482 41.86 18.66 -6.15
C PHE B 482 41.10 17.35 -6.34
N ALA B 483 41.39 16.36 -5.49
CA ALA B 483 40.65 15.09 -5.57
C ALA B 483 39.20 15.25 -5.13
N ILE B 484 38.95 16.02 -4.07
CA ILE B 484 37.58 16.27 -3.63
C ILE B 484 36.82 17.06 -4.67
N SER B 485 37.48 18.02 -5.31
CA SER B 485 36.84 18.75 -6.39
C SER B 485 36.63 17.88 -7.63
N ASN B 486 37.39 16.79 -7.77
CA ASN B 486 37.09 15.84 -8.84
C ASN B 486 35.86 15.00 -8.53
N ILE B 487 35.64 14.67 -7.25
CA ILE B 487 34.40 14.00 -6.87
C ILE B 487 33.20 14.92 -7.09
N LEU B 488 33.33 16.19 -6.67
CA LEU B 488 32.22 17.12 -6.85
C LEU B 488 32.00 17.48 -8.31
N SER B 489 33.06 17.49 -9.12
CA SER B 489 32.90 17.81 -10.53
C SER B 489 32.37 16.62 -11.31
N SER B 490 32.64 15.41 -10.83
CA SER B 490 32.17 14.21 -11.49
C SER B 490 30.83 13.72 -10.99
N LEU B 491 30.30 14.28 -9.90
CA LEU B 491 28.93 14.04 -9.49
C LEU B 491 27.95 15.06 -10.07
N ARG B 492 28.41 16.04 -10.85
CA ARG B 492 27.49 16.95 -11.51
C ARG B 492 26.75 16.31 -12.68
N LEU B 493 27.18 15.13 -13.13
CA LEU B 493 26.49 14.44 -14.20
C LEU B 493 25.14 13.86 -13.78
N ILE B 494 24.88 13.81 -12.47
CA ILE B 494 23.57 13.41 -11.97
C ILE B 494 22.51 14.46 -12.31
N SER B 495 22.90 15.74 -12.36
CA SER B 495 21.96 16.80 -12.73
C SER B 495 21.58 16.77 -14.20
N LEU B 496 22.31 16.04 -15.03
CA LEU B 496 21.97 15.83 -16.43
C LEU B 496 20.92 14.75 -16.64
N PHE B 497 20.40 14.15 -15.58
CA PHE B 497 19.42 13.09 -15.73
C PHE B 497 18.03 13.60 -16.06
N THR B 498 17.72 14.85 -15.74
CA THR B 498 16.36 15.36 -15.93
C THR B 498 16.00 15.49 -17.41
N ALA B 499 16.99 15.60 -18.29
CA ALA B 499 16.72 15.66 -19.71
C ALA B 499 16.26 14.33 -20.28
N ASN B 500 16.59 13.23 -19.62
CA ASN B 500 16.23 11.90 -20.10
C ASN B 500 14.92 11.46 -19.46
N SER B 501 14.09 10.78 -20.24
CA SER B 501 12.76 10.40 -19.77
C SER B 501 12.77 9.20 -18.86
N HIS B 502 13.85 8.43 -18.84
CA HIS B 502 13.97 7.24 -17.99
C HIS B 502 14.67 7.53 -16.68
N LEU B 503 15.72 8.34 -16.70
CA LEU B 503 16.52 8.61 -15.52
C LEU B 503 16.03 9.80 -14.74
N GLY B 504 15.26 10.68 -15.37
CA GLY B 504 14.73 11.89 -14.78
C GLY B 504 13.87 11.74 -13.55
N PRO B 505 12.71 11.06 -13.65
CA PRO B 505 11.85 10.91 -12.48
C PRO B 505 12.47 10.06 -11.38
N LEU B 506 13.39 9.17 -11.75
CA LEU B 506 14.16 8.43 -10.75
C LEU B 506 15.06 9.37 -9.96
N GLN B 507 15.82 10.21 -10.67
CA GLN B 507 16.76 11.13 -10.03
C GLN B 507 16.04 12.16 -9.15
N ILE B 508 14.89 12.64 -9.61
CA ILE B 508 14.16 13.62 -8.82
C ILE B 508 13.44 12.96 -7.65
N SER B 509 13.05 11.69 -7.78
CA SER B 509 12.54 10.98 -6.61
C SER B 509 13.63 10.73 -5.56
N LEU B 510 14.87 10.43 -5.99
CA LEU B 510 15.97 10.27 -5.04
C LEU B 510 16.28 11.59 -4.35
N GLY B 511 16.26 12.69 -5.12
CA GLY B 511 16.46 14.00 -4.54
C GLY B 511 15.38 14.40 -3.56
N ARG B 512 14.15 13.93 -3.78
CA ARG B 512 13.09 14.21 -2.82
C ARG B 512 13.09 13.26 -1.62
N MET B 513 13.83 12.14 -1.68
CA MET B 513 14.01 11.34 -0.48
C MET B 513 15.25 11.73 0.34
N LEU B 514 16.20 12.46 -0.26
CA LEU B 514 17.39 12.90 0.50
C LEU B 514 17.03 13.83 1.65
N LEU B 515 16.00 14.68 1.47
CA LEU B 515 15.60 15.59 2.53
C LEU B 515 14.93 14.83 3.68
N ASP B 516 14.39 13.64 3.40
CA ASP B 516 13.86 12.79 4.45
C ASP B 516 14.91 11.91 5.09
N ILE B 517 16.05 11.67 4.41
CA ILE B 517 17.18 11.04 5.08
C ILE B 517 17.87 12.02 6.03
N LEU B 518 18.00 13.28 5.59
CA LEU B 518 18.71 14.27 6.40
C LEU B 518 17.99 14.63 7.69
N LYS B 519 16.69 14.37 7.78
CA LYS B 519 16.00 14.48 9.07
C LYS B 519 16.36 13.34 9.99
N PHE B 520 16.83 12.22 9.44
CA PHE B 520 17.15 11.03 10.22
C PHE B 520 18.60 10.97 10.64
N LEU B 521 19.51 11.52 9.83
CA LEU B 521 20.92 11.53 10.18
C LEU B 521 21.24 12.41 11.37
N PHE B 522 20.37 13.36 11.70
CA PHE B 522 20.56 14.15 12.91
C PHE B 522 20.35 13.29 14.15
N ILE B 523 19.30 12.47 14.13
CA ILE B 523 18.99 11.57 15.24
C ILE B 523 20.07 10.50 15.37
N TYR B 524 20.50 9.92 14.24
CA TYR B 524 21.60 8.96 14.26
C TYR B 524 22.91 9.59 14.75
N CYS B 525 23.16 10.85 14.38
CA CYS B 525 24.38 11.50 14.86
C CYS B 525 24.32 11.81 16.34
N LEU B 526 23.09 11.89 16.84
CA LEU B 526 22.78 12.04 18.25
C LEU B 526 23.20 10.78 18.96
N VAL B 527 22.90 9.65 18.34
CA VAL B 527 23.25 8.32 18.84
C VAL B 527 24.77 8.09 18.81
N LEU B 528 25.41 8.41 17.70
CA LEU B 528 26.82 8.15 17.62
C LEU B 528 27.51 8.93 18.70
N LEU B 529 27.10 10.18 18.94
CA LEU B 529 27.72 10.95 19.98
C LEU B 529 27.51 10.32 21.34
N ALA B 530 26.27 9.94 21.67
CA ALA B 530 26.00 9.23 22.91
C ALA B 530 26.98 8.08 23.15
N PHE B 531 27.09 7.16 22.19
CA PHE B 531 27.98 6.03 22.39
C PHE B 531 29.45 6.40 22.30
N ALA B 532 29.79 7.46 21.58
CA ALA B 532 31.17 7.91 21.58
C ALA B 532 31.54 8.57 22.89
N ASN B 533 30.57 9.27 23.51
CA ASN B 533 30.78 9.79 24.85
C ASN B 533 31.02 8.67 25.84
N GLY B 534 30.22 7.60 25.76
CA GLY B 534 30.39 6.50 26.69
C GLY B 534 31.67 5.71 26.47
N LEU B 535 31.99 5.38 25.22
CA LEU B 535 33.17 4.57 24.96
C LEU B 535 34.47 5.35 25.13
N ASN B 536 34.48 6.64 24.79
CA ASN B 536 35.64 7.47 25.12
C ASN B 536 35.80 7.58 26.63
N GLN B 537 34.70 7.72 27.36
CA GLN B 537 34.76 7.83 28.81
C GLN B 537 35.26 6.54 29.44
N LEU B 538 34.97 5.40 28.83
CA LEU B 538 35.44 4.15 29.42
C LEU B 538 36.87 3.83 29.02
N TYR B 539 37.28 4.14 27.79
CA TYR B 539 38.58 3.72 27.29
C TYR B 539 39.61 4.84 27.19
N PHE B 540 39.38 6.02 27.78
CA PHE B 540 40.41 7.04 27.62
C PHE B 540 41.60 6.80 28.53
N TYR B 541 41.50 5.88 29.48
CA TYR B 541 42.60 5.53 30.37
C TYR B 541 43.66 4.66 29.71
N TYR B 542 43.41 4.17 28.50
CA TYR B 542 44.22 3.12 27.90
C TYR B 542 44.87 3.57 26.59
N GLU B 543 45.18 4.86 26.48
CA GLU B 543 45.92 5.33 25.31
C GLU B 543 47.33 4.79 25.34
N THR B 544 47.79 4.30 24.19
CA THR B 544 49.16 3.84 24.03
C THR B 544 49.82 4.70 22.96
N ARG B 545 51.11 4.96 23.14
CA ARG B 545 51.84 5.74 22.15
C ARG B 545 52.03 4.94 20.88
N ALA B 546 52.27 5.65 19.78
CA ALA B 546 52.40 5.01 18.48
C ALA B 546 53.66 4.17 18.35
N ILE B 547 54.66 4.39 19.21
CA ILE B 547 55.89 3.61 19.19
C ILE B 547 55.62 2.19 19.69
N ASP B 548 54.64 2.02 20.57
CA ASP B 548 54.38 0.75 21.24
C ASP B 548 53.71 -0.29 20.35
N GLU B 549 53.17 0.11 19.22
CA GLU B 549 52.53 -0.85 18.30
C GLU B 549 53.45 -1.12 17.12
N PRO B 550 53.26 -2.24 16.40
CA PRO B 550 54.08 -2.48 15.21
C PRO B 550 53.80 -1.49 14.09
N ASN B 551 54.83 -1.27 13.28
CA ASN B 551 54.85 -0.38 12.11
C ASN B 551 54.59 1.09 12.46
N ASN B 552 54.69 1.44 13.75
CA ASN B 552 54.53 2.81 14.26
C ASN B 552 53.18 3.40 13.86
N CYS B 553 52.12 2.60 14.02
CA CYS B 553 50.79 2.95 13.53
C CYS B 553 49.84 2.98 14.70
N LYS B 554 49.02 4.03 14.77
CA LYS B 554 48.08 4.25 15.85
C LYS B 554 46.66 4.36 15.29
N GLY B 555 45.70 3.88 16.05
CA GLY B 555 44.30 4.02 15.69
C GLY B 555 43.85 2.93 14.73
N ILE B 556 42.68 3.18 14.15
CA ILE B 556 42.17 2.41 13.01
C ILE B 556 42.88 2.98 11.79
N ARG B 557 42.68 2.35 10.62
CA ARG B 557 43.50 2.47 9.42
C ARG B 557 44.91 1.98 9.69
N CYS B 558 45.02 0.93 10.50
CA CYS B 558 46.22 0.14 10.69
C CYS B 558 45.90 -1.32 10.41
N GLU B 559 46.94 -2.13 10.19
CA GLU B 559 46.74 -3.57 10.10
C GLU B 559 46.31 -4.14 11.45
N LYS B 560 46.84 -3.58 12.53
CA LYS B 560 46.45 -3.89 13.89
C LYS B 560 45.62 -2.72 14.41
N GLN B 561 44.31 -2.94 14.54
CA GLN B 561 43.38 -1.91 15.02
C GLN B 561 43.55 -1.79 16.52
N ASN B 562 44.25 -0.74 16.95
CA ASN B 562 44.83 -0.72 18.28
C ASN B 562 44.16 0.27 19.23
N ASN B 563 44.02 1.54 18.87
CA ASN B 563 43.45 2.55 19.77
C ASN B 563 42.31 3.24 19.04
N ALA B 564 41.12 2.66 19.12
CA ALA B 564 39.97 3.26 18.48
C ALA B 564 39.15 4.11 19.44
N PHE B 565 39.03 3.69 20.69
CA PHE B 565 38.22 4.43 21.64
C PHE B 565 39.09 5.29 22.55
N SER B 566 40.22 5.77 22.04
CA SER B 566 41.18 6.53 22.84
C SER B 566 40.79 7.99 22.92
N THR B 567 40.67 8.67 21.78
CA THR B 567 40.23 10.05 21.73
C THR B 567 38.80 10.10 21.22
N LEU B 568 38.19 11.28 21.29
CA LEU B 568 36.81 11.43 20.88
C LEU B 568 36.64 11.38 19.37
N PHE B 569 37.59 11.96 18.64
CA PHE B 569 37.51 11.95 17.19
C PHE B 569 37.72 10.55 16.64
N GLU B 570 38.61 9.79 17.26
CA GLU B 570 38.87 8.42 16.83
C GLU B 570 37.73 7.50 17.24
N THR B 571 36.99 7.87 18.28
CA THR B 571 35.84 7.08 18.71
C THR B 571 34.64 7.33 17.81
N LEU B 572 34.41 8.59 17.43
CA LEU B 572 33.39 8.90 16.42
C LEU B 572 33.69 8.22 15.11
N GLN B 573 34.98 8.16 14.71
CA GLN B 573 35.38 7.44 13.50
C GLN B 573 35.18 5.96 13.67
N SER B 574 35.46 5.47 14.88
CA SER B 574 35.32 4.04 15.13
C SER B 574 33.87 3.58 15.04
N LEU B 575 32.97 4.32 15.67
CA LEU B 575 31.56 3.98 15.61
C LEU B 575 30.96 4.29 14.25
N PHE B 576 31.59 5.15 13.46
CA PHE B 576 31.18 5.29 12.08
C PHE B 576 31.54 4.04 11.28
N TRP B 577 32.76 3.54 11.43
CA TRP B 577 33.18 2.42 10.59
C TRP B 577 32.57 1.09 11.00
N SER B 578 31.92 1.01 12.15
CA SER B 578 31.30 -0.24 12.59
C SER B 578 29.91 -0.44 12.05
N VAL B 579 29.31 0.57 11.41
CA VAL B 579 28.05 0.38 10.70
C VAL B 579 28.26 -0.58 9.55
N PHE B 580 29.41 -0.49 8.91
CA PHE B 580 29.86 -1.44 7.91
C PHE B 580 30.75 -2.44 8.63
N GLY B 581 31.00 -3.58 8.00
CA GLY B 581 31.73 -4.61 8.73
C GLY B 581 33.23 -4.40 8.84
N LEU B 582 33.67 -3.21 9.26
CA LEU B 582 35.07 -2.84 9.14
C LEU B 582 35.81 -2.69 10.46
N LEU B 583 35.13 -2.71 11.59
CA LEU B 583 35.85 -2.95 12.83
C LEU B 583 35.92 -4.43 13.14
N ASN B 584 36.58 -4.75 14.24
CA ASN B 584 36.78 -6.10 14.69
C ASN B 584 36.54 -6.13 16.19
N LEU B 585 36.42 -7.34 16.74
CA LEU B 585 36.17 -7.44 18.18
C LEU B 585 37.44 -7.29 18.99
N TYR B 586 38.62 -7.39 18.37
CA TYR B 586 39.84 -7.13 19.14
C TYR B 586 40.05 -5.65 19.43
N VAL B 587 39.23 -4.78 18.82
CA VAL B 587 39.28 -3.35 19.08
C VAL B 587 38.94 -3.02 20.54
N THR B 588 37.94 -3.69 21.10
CA THR B 588 37.42 -3.32 22.43
C THR B 588 38.26 -3.85 23.58
N ASN B 589 39.42 -4.45 23.31
CA ASN B 589 40.33 -4.89 24.33
C ASN B 589 41.26 -3.78 24.77
N VAL B 590 41.87 -3.99 25.95
CA VAL B 590 42.97 -3.18 26.40
C VAL B 590 44.15 -4.11 26.64
N LYS B 591 45.35 -3.52 26.70
CA LYS B 591 46.54 -4.31 27.01
C LYS B 591 46.54 -4.78 28.45
N ALA B 592 45.85 -4.07 29.33
CA ALA B 592 45.93 -4.29 30.77
C ALA B 592 45.04 -5.44 31.25
N ARG B 593 44.30 -6.09 30.36
CA ARG B 593 43.51 -7.32 30.63
C ARG B 593 42.45 -7.11 31.70
N HIS B 594 41.70 -6.01 31.61
CA HIS B 594 40.59 -5.75 32.53
C HIS B 594 39.30 -6.30 31.94
N GLU B 595 38.89 -7.47 32.40
CA GLU B 595 37.81 -8.19 31.74
C GLU B 595 36.44 -7.57 32.00
N PHE B 596 36.26 -6.85 33.11
CA PHE B 596 34.97 -6.23 33.35
C PHE B 596 34.76 -5.01 32.47
N THR B 597 35.78 -4.14 32.36
CA THR B 597 35.64 -2.97 31.52
C THR B 597 35.67 -3.31 30.04
N GLU B 598 36.38 -4.38 29.66
CA GLU B 598 36.32 -4.84 28.27
C GLU B 598 34.97 -5.46 27.98
N PHE B 599 34.37 -6.13 28.96
CA PHE B 599 33.04 -6.69 28.74
C PHE B 599 31.97 -5.61 28.66
N VAL B 600 32.03 -4.62 29.56
CA VAL B 600 31.08 -3.51 29.55
C VAL B 600 31.23 -2.70 28.26
N GLY B 601 32.47 -2.50 27.80
CA GLY B 601 32.68 -1.82 26.54
C GLY B 601 32.18 -2.61 25.34
N ALA B 602 32.29 -3.94 25.41
CA ALA B 602 31.74 -4.77 24.33
C ALA B 602 30.23 -4.82 24.35
N THR B 603 29.60 -4.63 25.50
CA THR B 603 28.15 -4.57 25.54
C THR B 603 27.64 -3.21 25.06
N MET B 604 28.41 -2.16 25.33
CA MET B 604 28.11 -0.84 24.78
C MET B 604 28.26 -0.84 23.26
N PHE B 605 29.30 -1.50 22.75
CA PHE B 605 29.47 -1.63 21.31
C PHE B 605 28.39 -2.53 20.70
N GLY B 606 27.93 -3.54 21.46
CA GLY B 606 26.87 -4.39 20.96
C GLY B 606 25.53 -3.70 20.89
N THR B 607 25.19 -2.89 21.90
CA THR B 607 23.95 -2.13 21.83
C THR B 607 24.02 -1.02 20.82
N TYR B 608 25.21 -0.46 20.55
CA TYR B 608 25.34 0.43 19.40
C TYR B 608 25.06 -0.31 18.09
N ASN B 609 25.52 -1.55 17.99
CA ASN B 609 25.27 -2.30 16.75
C ASN B 609 23.80 -2.67 16.59
N VAL B 610 23.11 -2.97 17.69
CA VAL B 610 21.69 -3.29 17.61
C VAL B 610 20.86 -2.05 17.29
N ILE B 611 21.16 -0.93 17.95
CA ILE B 611 20.41 0.30 17.72
C ILE B 611 20.68 0.83 16.32
N SER B 612 21.94 0.91 15.92
CA SER B 612 22.28 1.52 14.64
C SER B 612 21.96 0.61 13.46
N LEU B 613 22.22 -0.69 13.58
CA LEU B 613 22.11 -1.56 12.41
C LEU B 613 20.79 -2.28 12.27
N VAL B 614 20.19 -2.72 13.37
CA VAL B 614 18.95 -3.46 13.33
C VAL B 614 17.76 -2.52 13.46
N VAL B 615 17.82 -1.58 14.38
CA VAL B 615 16.69 -0.70 14.64
C VAL B 615 16.66 0.46 13.63
N LEU B 616 17.68 1.34 13.69
CA LEU B 616 17.61 2.60 12.97
C LEU B 616 17.74 2.44 11.46
N LEU B 617 18.54 1.47 11.00
CA LEU B 617 18.72 1.29 9.56
C LEU B 617 17.44 0.80 8.91
N ASN B 618 16.75 -0.14 9.56
CA ASN B 618 15.52 -0.68 9.00
C ASN B 618 14.36 0.28 9.19
N MET B 619 14.39 1.12 10.23
CA MET B 619 13.44 2.21 10.33
C MET B 619 13.66 3.26 9.24
N LEU B 620 14.91 3.44 8.82
CA LEU B 620 15.19 4.27 7.64
C LEU B 620 14.68 3.62 6.36
N ILE B 621 14.72 2.29 6.30
CA ILE B 621 14.17 1.57 5.14
C ILE B 621 12.66 1.75 5.05
N ALA B 622 11.96 1.55 6.18
CA ALA B 622 10.51 1.77 6.20
C ALA B 622 10.15 3.22 5.96
N MET B 623 10.98 4.15 6.45
CA MET B 623 10.80 5.57 6.22
C MET B 623 10.89 5.92 4.75
N MET B 624 11.84 5.30 4.03
CA MET B 624 11.96 5.58 2.61
C MET B 624 10.96 4.82 1.77
N ASN B 625 10.41 3.71 2.27
CA ASN B 625 9.25 3.12 1.60
C ASN B 625 8.07 4.05 1.64
N ASN B 626 7.74 4.54 2.83
CA ASN B 626 6.56 5.40 2.97
C ASN B 626 6.78 6.76 2.32
N SER B 627 8.02 7.24 2.26
CA SER B 627 8.23 8.48 1.53
C SER B 627 8.22 8.25 0.02
N TYR B 628 8.79 7.13 -0.44
CA TYR B 628 8.86 6.88 -1.88
C TYR B 628 7.48 6.61 -2.47
N GLN B 629 6.56 6.06 -1.68
CA GLN B 629 5.20 5.89 -2.17
C GLN B 629 4.50 7.24 -2.35
N LEU B 630 4.76 8.20 -1.46
CA LEU B 630 4.16 9.52 -1.60
C LEU B 630 4.81 10.31 -2.73
N ILE B 631 6.11 10.12 -2.93
CA ILE B 631 6.83 10.86 -3.97
C ILE B 631 6.48 10.31 -5.35
N ALA B 632 6.32 8.99 -5.46
CA ALA B 632 6.12 8.37 -6.77
C ALA B 632 4.73 8.61 -7.36
N ASP B 633 3.81 9.27 -6.66
CA ASP B 633 2.55 9.68 -7.27
C ASP B 633 2.68 11.03 -7.97
N HIS B 634 3.31 12.00 -7.31
CA HIS B 634 3.55 13.31 -7.90
C HIS B 634 4.76 13.34 -8.84
N ALA B 635 5.43 12.21 -9.04
CA ALA B 635 6.45 12.15 -10.09
C ALA B 635 5.79 12.23 -11.46
N ASP B 636 6.59 12.61 -12.46
CA ASP B 636 6.27 12.96 -13.86
C ASP B 636 5.57 14.30 -14.00
N ILE B 637 5.27 15.02 -12.92
CA ILE B 637 4.93 16.43 -13.02
C ILE B 637 5.94 17.17 -12.17
N GLU B 638 6.47 16.47 -11.18
CA GLU B 638 7.64 16.98 -10.46
C GLU B 638 8.87 16.88 -11.33
N TRP B 639 8.96 15.81 -12.13
CA TRP B 639 10.05 15.67 -13.10
C TRP B 639 9.97 16.70 -14.22
N LYS B 640 8.78 16.93 -14.77
CA LYS B 640 8.67 17.82 -15.91
C LYS B 640 8.88 19.28 -15.53
N PHE B 641 8.64 19.63 -14.28
CA PHE B 641 8.92 20.98 -13.82
C PHE B 641 10.43 21.24 -13.83
N ALA B 642 11.21 20.28 -13.35
CA ALA B 642 12.66 20.41 -13.36
C ALA B 642 13.21 20.28 -14.77
N ARG B 643 12.54 19.52 -15.64
CA ARG B 643 12.99 19.42 -17.02
C ARG B 643 12.71 20.72 -17.77
N THR B 644 11.63 21.42 -17.43
CA THR B 644 11.41 22.74 -18.03
C THR B 644 12.29 23.81 -17.42
N LYS B 645 12.75 23.63 -16.20
CA LYS B 645 13.77 24.55 -15.69
C LYS B 645 15.10 24.33 -16.39
N LEU B 646 15.46 23.06 -16.63
CA LEU B 646 16.69 22.76 -17.36
C LEU B 646 16.61 23.20 -18.81
N TRP B 647 15.46 22.96 -19.45
CA TRP B 647 15.24 23.42 -20.82
C TRP B 647 15.26 24.93 -20.90
N MET B 648 14.58 25.59 -19.98
CA MET B 648 14.39 27.01 -20.05
C MET B 648 15.63 27.77 -19.57
N SER B 649 16.61 27.07 -19.00
CA SER B 649 17.91 27.67 -18.76
C SER B 649 18.71 27.86 -20.05
N TYR B 650 18.40 27.11 -21.12
CA TYR B 650 19.13 27.20 -22.37
C TYR B 650 18.42 28.04 -23.42
N PHE B 651 17.40 28.78 -23.04
CA PHE B 651 16.71 29.66 -23.99
C PHE B 651 17.31 31.06 -24.03
N ASP B 652 18.16 31.41 -23.08
CA ASP B 652 18.62 32.77 -22.93
C ASP B 652 19.69 33.12 -23.96
N GLU B 653 20.11 34.39 -23.94
CA GLU B 653 21.14 34.91 -24.84
C GLU B 653 22.57 34.35 -24.71
N GLY B 654 23.03 34.10 -23.49
CA GLY B 654 24.39 33.61 -23.29
C GLY B 654 24.62 32.12 -23.48
N GLY B 655 24.85 31.75 -24.74
CA GLY B 655 25.07 30.37 -25.14
C GLY B 655 26.44 29.82 -25.48
N THR B 656 27.52 30.52 -25.17
CA THR B 656 28.85 29.98 -25.48
C THR B 656 29.24 28.83 -24.56
N LEU B 657 29.89 27.82 -25.12
CA LEU B 657 30.32 26.64 -24.39
C LEU B 657 31.42 27.02 -23.40
N PRO B 658 31.53 26.25 -22.25
CA PRO B 658 32.61 26.66 -21.34
C PRO B 658 33.94 25.95 -21.52
N PRO B 659 34.22 25.39 -22.75
CA PRO B 659 35.53 24.70 -22.84
C PRO B 659 36.61 25.74 -22.66
N PRO B 660 36.20 26.98 -22.74
CA PRO B 660 37.10 28.15 -22.55
C PRO B 660 36.71 29.27 -23.49
N PHE B 661 35.79 28.94 -24.40
CA PHE B 661 35.28 29.86 -25.41
C PHE B 661 34.49 30.98 -24.73
N ASN B 662 34.14 30.72 -23.50
CA ASN B 662 33.37 31.60 -22.67
C ASN B 662 34.09 32.91 -22.30
N ILE B 663 35.38 33.00 -22.61
CA ILE B 663 36.19 34.14 -22.23
C ILE B 663 36.66 34.89 -23.47
N LEU B 707 -1.05 47.56 -25.57
CA LEU B 707 -2.49 47.48 -25.35
C LEU B 707 -3.13 46.43 -26.25
N ILE B 708 -2.52 46.20 -27.41
CA ILE B 708 -3.02 45.20 -28.34
C ILE B 708 -2.85 43.80 -27.78
N GLN B 709 -1.72 43.56 -27.10
CA GLN B 709 -1.46 42.29 -26.44
C GLN B 709 -2.44 42.04 -25.32
N ASN B 710 -2.83 43.08 -24.59
CA ASN B 710 -3.81 42.91 -23.53
C ASN B 710 -5.21 42.71 -24.08
N GLN B 711 -5.53 43.29 -25.23
CA GLN B 711 -6.84 43.05 -25.84
C GLN B 711 -6.94 41.63 -26.37
N HIS B 712 -5.88 41.13 -27.00
CA HIS B 712 -5.87 39.73 -27.43
C HIS B 712 -5.87 38.79 -26.23
N TYR B 713 -5.22 39.17 -25.14
CA TYR B 713 -5.15 38.29 -23.98
C TYR B 713 -6.47 38.23 -23.23
N GLN B 714 -7.18 39.35 -23.12
CA GLN B 714 -8.51 39.31 -22.54
C GLN B 714 -9.49 38.61 -23.48
N GLU B 715 -9.24 38.70 -24.79
CA GLU B 715 -10.07 38.00 -25.76
C GLU B 715 -9.89 36.48 -25.67
N VAL B 716 -8.71 36.03 -25.27
CA VAL B 716 -8.50 34.59 -25.04
C VAL B 716 -9.03 34.17 -23.67
N ILE B 717 -8.73 34.96 -22.64
CA ILE B 717 -9.13 34.67 -21.25
C ILE B 717 -10.64 34.61 -21.09
N ARG B 718 -11.38 35.45 -21.82
CA ARG B 718 -12.84 35.39 -21.77
C ARG B 718 -13.38 34.07 -22.30
N ASN B 719 -12.79 33.55 -23.38
CA ASN B 719 -13.20 32.26 -23.92
C ASN B 719 -12.81 31.12 -22.99
N LEU B 720 -11.63 31.20 -22.39
CA LEU B 720 -11.17 30.14 -21.49
C LEU B 720 -11.99 30.09 -20.21
N VAL B 721 -12.37 31.24 -19.68
CA VAL B 721 -13.21 31.28 -18.50
C VAL B 721 -14.61 30.77 -18.84
N LYS B 722 -15.12 31.13 -20.02
CA LYS B 722 -16.49 30.73 -20.39
C LYS B 722 -16.59 29.22 -20.61
N ARG B 723 -15.66 28.64 -21.36
CA ARG B 723 -15.73 27.19 -21.55
C ARG B 723 -15.18 26.42 -20.37
N TYR B 724 -14.37 27.06 -19.51
CA TYR B 724 -13.99 26.44 -18.24
C TYR B 724 -15.18 26.27 -17.33
N VAL B 725 -15.95 27.34 -17.14
CA VAL B 725 -17.10 27.30 -16.24
C VAL B 725 -18.18 26.38 -16.81
N ALA B 726 -18.33 26.34 -18.13
CA ALA B 726 -19.23 25.37 -18.75
C ALA B 726 -18.78 23.94 -18.52
N ALA B 727 -17.46 23.69 -18.58
CA ALA B 727 -16.94 22.36 -18.30
C ALA B 727 -17.08 21.99 -16.84
N MET B 728 -17.03 22.97 -15.93
CA MET B 728 -17.12 22.65 -14.51
C MET B 728 -18.55 22.37 -14.08
N ILE B 729 -19.52 23.11 -14.62
CA ILE B 729 -20.91 22.79 -14.33
C ILE B 729 -21.31 21.47 -15.00
N ARG B 730 -20.75 21.19 -16.18
CA ARG B 730 -20.91 19.87 -16.79
C ARG B 730 -20.35 18.76 -15.91
N ASN B 731 -19.16 18.96 -15.35
CA ASN B 731 -18.57 17.96 -14.47
C ASN B 731 -19.32 17.85 -13.15
N SER B 732 -19.94 18.93 -12.68
CA SER B 732 -20.76 18.83 -11.48
C SER B 732 -22.06 18.09 -11.76
N LYS B 733 -22.58 18.17 -12.99
CA LYS B 733 -23.76 17.39 -13.31
C LYS B 733 -23.44 15.91 -13.46
N THR B 734 -22.29 15.59 -14.05
CA THR B 734 -21.94 14.17 -14.22
C THR B 734 -21.47 13.53 -12.93
N ASN B 735 -20.60 14.21 -12.18
CA ASN B 735 -19.83 13.53 -11.14
C ASN B 735 -20.41 13.65 -9.73
N GLU B 736 -21.43 14.50 -9.52
CA GLU B 736 -22.04 14.60 -8.19
C GLU B 736 -22.99 13.44 -7.97
N GLY B 737 -22.73 12.65 -6.92
CA GLY B 737 -23.65 11.60 -6.55
C GLY B 737 -24.86 12.13 -5.81
N LEU B 738 -25.96 11.40 -5.88
CA LEU B 738 -27.19 11.84 -5.25
C LEU B 738 -27.12 11.65 -3.74
N THR B 739 -27.86 12.50 -3.04
CA THR B 739 -27.83 12.57 -1.58
C THR B 739 -29.24 12.66 -1.02
N GLU B 740 -29.33 12.81 0.30
CA GLU B 740 -30.62 12.73 0.97
C GLU B 740 -31.48 13.96 0.70
N GLU B 741 -30.86 15.14 0.56
CA GLU B 741 -31.66 16.34 0.33
C GLU B 741 -32.28 16.34 -1.07
N ASN B 742 -31.60 15.74 -2.05
CA ASN B 742 -32.19 15.53 -3.37
C ASN B 742 -33.37 14.57 -3.30
N PHE B 743 -33.34 13.61 -2.37
CA PHE B 743 -34.49 12.75 -2.12
C PHE B 743 -35.64 13.54 -1.50
N LYS B 744 -35.34 14.47 -0.60
CA LYS B 744 -36.39 15.29 0.01
C LYS B 744 -37.02 16.23 -1.00
N GLU B 745 -36.28 16.64 -2.03
CA GLU B 745 -36.85 17.52 -3.05
C GLU B 745 -37.88 16.81 -3.91
N LEU B 746 -37.57 15.59 -4.35
CA LEU B 746 -38.56 14.77 -5.06
C LEU B 746 -39.75 14.42 -4.18
N LYS B 747 -39.48 14.14 -2.89
CA LYS B 747 -40.56 13.79 -1.98
C LYS B 747 -41.51 14.96 -1.76
N GLN B 748 -40.98 16.19 -1.73
CA GLN B 748 -41.86 17.34 -1.59
C GLN B 748 -42.54 17.69 -2.91
N ASP B 749 -41.91 17.37 -4.04
CA ASP B 749 -42.57 17.65 -5.33
C ASP B 749 -43.78 16.75 -5.52
N ILE B 750 -43.63 15.46 -5.22
CA ILE B 750 -44.75 14.54 -5.34
C ILE B 750 -45.77 14.81 -4.26
N SER B 751 -45.32 15.19 -3.05
CA SER B 751 -46.24 15.47 -1.96
C SER B 751 -47.04 16.75 -2.21
N SER B 752 -46.36 17.81 -2.67
CA SER B 752 -47.02 19.08 -2.91
C SER B 752 -47.97 19.00 -4.10
N PHE B 753 -47.55 18.29 -5.15
CA PHE B 753 -48.43 18.03 -6.29
C PHE B 753 -49.62 17.17 -5.88
N ARG B 754 -49.41 16.26 -4.93
CA ARG B 754 -50.49 15.46 -4.39
C ARG B 754 -51.53 16.30 -3.68
N TYR B 755 -51.09 17.15 -2.73
CA TYR B 755 -52.04 17.98 -2.01
C TYR B 755 -52.68 19.04 -2.90
N GLU B 756 -52.00 19.44 -3.97
CA GLU B 756 -52.60 20.41 -4.88
C GLU B 756 -53.69 19.77 -5.73
N VAL B 757 -53.47 18.54 -6.21
CA VAL B 757 -54.51 17.84 -6.97
C VAL B 757 -55.68 17.47 -6.06
N LEU B 758 -55.40 17.03 -4.83
CA LEU B 758 -56.47 16.72 -3.89
C LEU B 758 -57.25 17.97 -3.49
N ASP B 759 -56.59 19.13 -3.44
CA ASP B 759 -57.30 20.37 -3.18
C ASP B 759 -58.07 20.90 -4.38
N LEU B 760 -57.67 20.55 -5.61
CA LEU B 760 -58.52 20.91 -6.74
C LEU B 760 -59.72 19.97 -6.88
N LEU B 761 -59.56 18.69 -6.55
CA LEU B 761 -60.64 17.73 -6.70
C LEU B 761 -61.52 17.62 -5.47
N GLY B 762 -61.25 18.41 -4.43
CA GLY B 762 -62.06 18.38 -3.22
C GLY B 762 -62.91 19.63 -3.05
N LEU C 29 -50.19 -19.22 3.40
CA LEU C 29 -51.04 -18.04 3.26
C LEU C 29 -52.19 -18.27 2.30
N SER C 30 -53.34 -17.69 2.62
CA SER C 30 -54.48 -17.72 1.72
C SER C 30 -54.26 -16.75 0.55
N ALA C 31 -55.04 -16.95 -0.51
CA ALA C 31 -54.96 -16.05 -1.66
C ALA C 31 -55.52 -14.68 -1.34
N GLU C 32 -56.52 -14.62 -0.45
CA GLU C 32 -57.04 -13.33 -0.02
C GLU C 32 -56.14 -12.65 1.00
N GLU C 33 -55.38 -13.43 1.77
CA GLU C 33 -54.38 -12.86 2.66
C GLU C 33 -53.22 -12.27 1.86
N LYS C 34 -52.82 -12.96 0.78
CA LYS C 34 -51.83 -12.40 -0.13
C LYS C 34 -52.38 -11.22 -0.91
N ALA C 35 -53.70 -11.20 -1.14
CA ALA C 35 -54.33 -10.05 -1.78
C ALA C 35 -54.35 -8.84 -0.84
N PHE C 36 -54.48 -9.08 0.46
CA PHE C 36 -54.41 -7.99 1.43
C PHE C 36 -52.98 -7.51 1.63
N LEU C 37 -52.02 -8.42 1.68
CA LEU C 37 -50.62 -8.03 1.85
C LEU C 37 -50.01 -7.50 0.57
N SER C 38 -50.66 -7.72 -0.57
CA SER C 38 -50.32 -7.03 -1.81
C SER C 38 -51.17 -5.78 -2.03
N ALA C 39 -52.25 -5.61 -1.27
CA ALA C 39 -52.95 -4.33 -1.27
C ALA C 39 -52.11 -3.27 -0.57
N VAL C 40 -51.58 -3.59 0.60
CA VAL C 40 -50.47 -2.84 1.18
C VAL C 40 -49.21 -3.22 0.40
N GLU C 41 -48.18 -2.35 0.49
CA GLU C 41 -46.92 -2.25 -0.27
C GLU C 41 -47.20 -1.65 -1.65
N LYS C 42 -48.45 -1.39 -2.00
CA LYS C 42 -48.78 -0.63 -3.19
C LYS C 42 -49.38 0.74 -2.87
N GLY C 43 -49.81 0.97 -1.64
CA GLY C 43 -50.31 2.28 -1.26
C GLY C 43 -51.81 2.47 -1.38
N ASP C 44 -52.57 1.39 -1.48
CA ASP C 44 -54.03 1.49 -1.55
C ASP C 44 -54.60 2.03 -0.25
N TYR C 45 -55.53 2.98 -0.37
CA TYR C 45 -56.37 3.36 0.76
C TYR C 45 -57.80 2.85 0.56
N ALA C 46 -58.11 2.29 -0.60
CA ALA C 46 -59.45 1.77 -0.86
C ALA C 46 -59.55 0.27 -0.57
N THR C 47 -58.70 -0.54 -1.21
CA THR C 47 -58.83 -1.99 -1.06
C THR C 47 -58.33 -2.46 0.30
N VAL C 48 -57.40 -1.71 0.90
CA VAL C 48 -56.98 -2.01 2.27
C VAL C 48 -58.11 -1.74 3.25
N LYS C 49 -58.80 -0.60 3.07
CA LYS C 49 -59.91 -0.27 3.95
C LYS C 49 -61.10 -1.18 3.71
N GLN C 50 -61.32 -1.61 2.47
CA GLN C 50 -62.37 -2.58 2.18
C GLN C 50 -62.05 -3.95 2.79
N ALA C 51 -60.78 -4.34 2.77
CA ALA C 51 -60.41 -5.59 3.41
C ALA C 51 -60.48 -5.51 4.93
N LEU C 52 -60.21 -4.36 5.51
CA LEU C 52 -60.31 -4.19 6.95
C LEU C 52 -61.74 -4.01 7.43
N GLN C 53 -62.65 -3.60 6.54
CA GLN C 53 -64.06 -3.58 6.88
C GLN C 53 -64.74 -4.92 6.61
N GLU C 54 -64.21 -5.71 5.66
CA GLU C 54 -64.70 -7.08 5.51
C GLU C 54 -64.16 -7.99 6.61
N ALA C 55 -63.00 -7.64 7.19
CA ALA C 55 -62.47 -8.43 8.30
C ALA C 55 -63.35 -8.32 9.53
N GLU C 56 -64.02 -7.18 9.73
CA GLU C 56 -64.94 -7.03 10.84
C GLU C 56 -66.21 -7.84 10.63
N ILE C 57 -66.75 -7.84 9.41
CA ILE C 57 -68.03 -8.48 9.14
C ILE C 57 -67.88 -10.00 9.13
N TYR C 58 -66.91 -10.50 8.36
CA TYR C 58 -66.63 -11.92 8.29
C TYR C 58 -65.20 -12.19 8.72
N TYR C 59 -64.99 -13.36 9.32
CA TYR C 59 -63.65 -13.81 9.71
C TYR C 59 -63.00 -14.52 8.52
N ASN C 60 -62.74 -13.72 7.48
CA ASN C 60 -62.23 -14.22 6.22
C ASN C 60 -60.71 -14.09 6.12
N VAL C 61 -60.17 -12.95 6.53
CA VAL C 61 -58.73 -12.70 6.51
C VAL C 61 -58.33 -12.17 7.88
N ASN C 62 -57.32 -12.78 8.49
CA ASN C 62 -56.75 -12.21 9.70
C ASN C 62 -55.84 -11.05 9.33
N ILE C 63 -55.98 -9.94 10.06
CA ILE C 63 -55.18 -8.76 9.76
C ILE C 63 -53.73 -9.01 10.14
N ASN C 64 -53.50 -9.79 11.20
CA ASN C 64 -52.15 -10.14 11.62
C ASN C 64 -51.67 -11.38 10.87
N CYS C 65 -51.63 -11.24 9.54
CA CYS C 65 -51.15 -12.30 8.67
C CYS C 65 -49.74 -11.94 8.21
N MET C 66 -48.84 -12.89 8.34
CA MET C 66 -47.43 -12.66 8.11
C MET C 66 -47.09 -12.96 6.66
N ASP C 67 -46.03 -12.34 6.17
CA ASP C 67 -45.39 -12.80 4.95
C ASP C 67 -44.65 -14.11 5.24
N PRO C 68 -44.11 -14.78 4.21
CA PRO C 68 -43.14 -15.85 4.49
C PRO C 68 -41.81 -15.39 5.11
N LEU C 69 -41.62 -14.10 5.40
CA LEU C 69 -40.38 -13.58 5.98
C LEU C 69 -40.74 -12.68 7.17
N GLY C 70 -41.60 -13.19 8.05
CA GLY C 70 -42.15 -12.33 9.09
C GLY C 70 -43.14 -11.37 8.46
N ARG C 71 -42.99 -10.08 8.76
CA ARG C 71 -43.55 -8.98 7.96
C ARG C 71 -45.09 -8.95 7.97
N SER C 72 -45.65 -8.53 9.11
CA SER C 72 -47.07 -8.19 9.19
C SER C 72 -47.42 -7.00 8.31
N ALA C 73 -48.72 -6.75 8.10
CA ALA C 73 -49.17 -5.63 7.28
C ALA C 73 -48.73 -4.28 7.86
N LEU C 74 -48.68 -4.19 9.20
CA LEU C 74 -48.20 -2.98 9.85
C LEU C 74 -46.73 -2.72 9.54
N LEU C 75 -45.91 -3.76 9.53
CA LEU C 75 -44.50 -3.60 9.23
C LEU C 75 -44.26 -3.28 7.76
N ILE C 76 -45.13 -3.78 6.89
CA ILE C 76 -45.11 -3.41 5.48
C ILE C 76 -45.48 -1.94 5.31
N ALA C 77 -46.45 -1.46 6.10
CA ALA C 77 -46.77 -0.04 6.12
C ALA C 77 -45.76 0.81 6.87
N ILE C 78 -44.77 0.20 7.53
CA ILE C 78 -43.69 0.94 8.17
C ILE C 78 -42.46 1.05 7.27
N GLU C 79 -42.10 -0.03 6.56
CA GLU C 79 -40.94 0.05 5.65
C GLU C 79 -41.22 0.97 4.47
N ASN C 80 -42.47 1.09 4.07
CA ASN C 80 -42.88 2.10 3.13
C ASN C 80 -43.55 3.20 3.93
N GLU C 81 -42.93 4.37 3.97
CA GLU C 81 -43.26 5.38 4.97
C GLU C 81 -44.59 6.05 4.62
N ASN C 82 -45.66 5.30 4.86
CA ASN C 82 -47.02 5.75 4.60
C ASN C 82 -47.79 5.77 5.91
N LEU C 83 -48.15 6.97 6.36
CA LEU C 83 -48.78 7.11 7.66
C LEU C 83 -50.28 6.90 7.62
N GLU C 84 -50.88 6.95 6.43
CA GLU C 84 -52.33 6.79 6.31
C GLU C 84 -52.73 5.33 6.47
N ILE C 85 -51.94 4.41 5.90
CA ILE C 85 -52.19 2.99 6.12
C ILE C 85 -51.83 2.60 7.55
N MET C 86 -50.88 3.30 8.17
CA MET C 86 -50.57 3.04 9.57
C MET C 86 -51.71 3.48 10.48
N GLU C 87 -52.31 4.64 10.22
CA GLU C 87 -53.47 5.06 11.01
C GLU C 87 -54.67 4.18 10.73
N LEU C 88 -54.83 3.73 9.47
CA LEU C 88 -55.94 2.88 9.10
C LEU C 88 -55.84 1.51 9.74
N LEU C 89 -54.61 0.99 9.89
CA LEU C 89 -54.45 -0.29 10.59
C LEU C 89 -54.58 -0.11 12.09
N LEU C 90 -53.92 0.92 12.65
CA LEU C 90 -53.95 1.13 14.10
C LEU C 90 -55.31 1.56 14.62
N ASN C 91 -56.23 2.01 13.76
CA ASN C 91 -57.61 2.16 14.19
C ASN C 91 -58.28 0.81 14.44
N HIS C 92 -57.81 -0.23 13.76
CA HIS C 92 -58.28 -1.58 14.02
C HIS C 92 -57.41 -2.25 15.07
N SER C 93 -57.84 -3.43 15.50
CA SER C 93 -57.16 -4.18 16.56
C SER C 93 -56.05 -5.04 15.96
N VAL C 94 -55.03 -4.36 15.45
CA VAL C 94 -53.82 -5.00 14.96
C VAL C 94 -52.89 -5.24 16.13
N TYR C 95 -52.19 -6.37 16.12
CA TYR C 95 -51.12 -6.65 17.08
C TYR C 95 -49.97 -5.68 16.82
N VAL C 96 -49.76 -4.74 17.74
CA VAL C 96 -48.72 -3.71 17.57
C VAL C 96 -47.39 -4.20 18.16
N GLY C 97 -47.37 -5.37 18.80
CA GLY C 97 -46.25 -5.86 19.57
C GLY C 97 -44.91 -5.99 18.87
N ASP C 98 -43.90 -5.32 19.45
CA ASP C 98 -42.51 -5.26 18.99
C ASP C 98 -42.38 -4.68 17.59
N ALA C 99 -43.31 -3.82 17.18
CA ALA C 99 -43.28 -3.16 15.89
C ALA C 99 -42.93 -1.68 15.97
N LEU C 100 -42.80 -1.13 17.18
CA LEU C 100 -42.31 0.22 17.35
C LEU C 100 -40.81 0.30 17.08
N LEU C 101 -40.10 -0.79 17.37
CA LEU C 101 -38.66 -0.86 17.14
C LEU C 101 -38.35 -0.81 15.65
N TYR C 102 -39.19 -1.45 14.82
CA TYR C 102 -39.01 -1.38 13.37
C TYR C 102 -39.18 0.03 12.84
N ALA C 103 -40.06 0.81 13.46
CA ALA C 103 -40.19 2.22 13.10
C ALA C 103 -39.00 3.02 13.57
N ILE C 104 -38.35 2.59 14.66
CA ILE C 104 -37.16 3.33 15.10
C ILE C 104 -35.95 3.01 14.22
N ARG C 105 -35.87 1.79 13.65
CA ARG C 105 -34.73 1.41 12.81
C ARG C 105 -34.60 2.30 11.59
N LYS C 106 -35.71 2.60 10.95
CA LYS C 106 -35.70 3.34 9.70
C LYS C 106 -35.75 4.84 9.91
N GLU C 107 -35.67 5.30 11.17
CA GLU C 107 -35.65 6.71 11.54
C GLU C 107 -36.92 7.44 11.09
N VAL C 108 -38.03 6.72 11.06
CA VAL C 108 -39.31 7.30 10.71
C VAL C 108 -39.83 8.04 11.93
N VAL C 109 -40.45 9.20 11.71
CA VAL C 109 -40.98 10.01 12.80
C VAL C 109 -42.48 9.74 12.80
N GLY C 110 -42.87 8.60 12.26
CA GLY C 110 -44.18 8.01 12.47
C GLY C 110 -44.16 7.06 13.64
N ALA C 111 -43.15 7.22 14.51
CA ALA C 111 -43.15 6.65 15.84
C ALA C 111 -44.00 7.45 16.82
N VAL C 112 -44.45 8.64 16.42
CA VAL C 112 -45.39 9.41 17.22
C VAL C 112 -46.74 8.70 17.26
N GLU C 113 -47.14 8.06 16.15
CA GLU C 113 -48.37 7.27 16.16
C GLU C 113 -48.24 6.04 17.04
N LEU C 114 -47.08 5.40 17.02
CA LEU C 114 -46.88 4.19 17.80
C LEU C 114 -46.66 4.49 19.28
N LEU C 115 -46.25 5.72 19.62
CA LEU C 115 -46.25 6.15 21.01
C LEU C 115 -47.57 6.78 21.42
N LEU C 116 -48.43 7.13 20.47
CA LEU C 116 -49.72 7.73 20.79
C LEU C 116 -50.73 6.65 21.19
N SER C 117 -50.91 5.64 20.35
CA SER C 117 -51.86 4.57 20.63
C SER C 117 -51.23 3.52 21.54
N GLN C 135 -42.60 -14.60 18.23
CA GLN C 135 -43.20 -14.31 16.94
C GLN C 135 -42.17 -13.72 16.00
N PHE C 136 -41.01 -14.35 15.93
CA PHE C 136 -39.93 -13.88 15.07
C PHE C 136 -39.57 -12.42 15.27
N SER C 137 -39.31 -12.02 16.52
CA SER C 137 -38.91 -10.64 16.76
C SER C 137 -37.56 -10.57 16.07
N GLU C 138 -37.26 -9.44 15.45
CA GLU C 138 -35.97 -9.32 14.76
C GLU C 138 -34.93 -8.65 15.65
N PHE C 139 -34.98 -8.95 16.96
CA PHE C 139 -34.08 -8.38 17.94
C PHE C 139 -33.91 -9.35 19.10
N THR C 140 -32.76 -9.29 19.75
CA THR C 140 -32.62 -9.88 21.06
C THR C 140 -33.60 -9.19 22.02
N PRO C 141 -34.33 -9.94 22.84
CA PRO C 141 -35.40 -9.34 23.65
C PRO C 141 -34.94 -8.41 24.78
N ASP C 142 -33.65 -8.11 24.89
CA ASP C 142 -33.17 -7.08 25.80
C ASP C 142 -33.43 -5.67 25.29
N ILE C 143 -33.74 -5.52 24.01
CA ILE C 143 -33.78 -4.20 23.37
C ILE C 143 -35.02 -3.45 23.82
N THR C 144 -34.81 -2.31 24.47
CA THR C 144 -35.79 -1.28 24.75
C THR C 144 -35.78 -0.27 23.61
N PRO C 145 -36.84 0.54 23.45
CA PRO C 145 -36.84 1.52 22.34
C PRO C 145 -35.76 2.60 22.42
N ILE C 146 -35.27 2.95 23.60
CA ILE C 146 -34.24 3.98 23.70
C ILE C 146 -32.85 3.42 23.41
N MET C 147 -32.62 2.14 23.65
CA MET C 147 -31.36 1.53 23.24
C MET C 147 -31.26 1.49 21.72
N LEU C 148 -32.35 1.14 21.04
CA LEU C 148 -32.33 1.08 19.59
C LEU C 148 -32.35 2.47 18.99
N ALA C 149 -32.99 3.43 19.67
CA ALA C 149 -32.95 4.82 19.22
C ALA C 149 -31.54 5.39 19.31
N ALA C 150 -30.79 5.01 20.34
CA ALA C 150 -29.39 5.39 20.41
C ALA C 150 -28.52 4.61 19.44
N HIS C 151 -28.88 3.38 19.09
CA HIS C 151 -28.13 2.66 18.07
C HIS C 151 -28.32 3.28 16.70
N THR C 152 -29.49 3.88 16.45
CA THR C 152 -29.71 4.54 15.17
C THR C 152 -29.23 5.98 15.15
N ASN C 153 -28.94 6.56 16.31
CA ASN C 153 -28.30 7.89 16.45
C ASN C 153 -29.17 9.00 15.86
N ASN C 154 -30.49 8.87 15.93
CA ASN C 154 -31.39 9.89 15.43
C ASN C 154 -31.81 10.78 16.59
N TYR C 155 -31.58 12.09 16.47
CA TYR C 155 -31.76 13.00 17.59
C TYR C 155 -33.23 13.22 17.90
N GLU C 156 -34.10 13.17 16.89
CA GLU C 156 -35.51 13.47 17.11
C GLU C 156 -36.22 12.34 17.85
N ILE C 157 -35.91 11.09 17.51
CA ILE C 157 -36.54 9.95 18.17
C ILE C 157 -36.02 9.79 19.58
N ILE C 158 -34.73 10.07 19.79
CA ILE C 158 -34.16 10.05 21.14
C ILE C 158 -34.79 11.15 21.99
N LYS C 159 -35.07 12.31 21.41
CA LYS C 159 -35.78 13.34 22.18
C LYS C 159 -37.23 12.94 22.45
N LEU C 160 -37.89 12.29 21.49
CA LEU C 160 -39.27 11.82 21.69
C LEU C 160 -39.37 10.70 22.70
N LEU C 161 -38.29 9.97 22.98
CA LEU C 161 -38.31 8.91 23.97
C LEU C 161 -37.76 9.34 25.32
N VAL C 162 -36.81 10.28 25.35
CA VAL C 162 -36.36 10.87 26.59
C VAL C 162 -37.46 11.75 27.19
N GLN C 163 -38.29 12.37 26.35
CA GLN C 163 -39.47 13.07 26.86
C GLN C 163 -40.56 12.12 27.39
N LYS C 164 -40.38 10.81 27.29
CA LYS C 164 -41.30 9.85 27.90
C LYS C 164 -40.76 9.29 29.22
N ARG C 165 -39.61 9.81 29.70
CA ARG C 165 -39.03 9.49 31.01
C ARG C 165 -38.71 8.00 31.15
N VAL C 166 -38.07 7.42 30.14
CA VAL C 166 -37.62 6.04 30.22
C VAL C 166 -36.17 5.99 30.71
N THR C 167 -35.76 4.80 31.18
CA THR C 167 -34.48 4.60 31.84
C THR C 167 -33.63 3.60 31.08
N ILE C 168 -32.36 3.50 31.47
CA ILE C 168 -31.38 2.56 30.91
C ILE C 168 -30.63 1.89 32.07
N PRO C 169 -30.44 0.58 32.05
CA PRO C 169 -29.76 -0.10 33.17
C PRO C 169 -28.28 0.24 33.23
N ARG C 170 -27.74 0.15 34.46
CA ARG C 170 -26.31 0.28 34.67
C ARG C 170 -25.63 -1.09 34.52
N PRO C 171 -24.46 -1.14 33.86
CA PRO C 171 -23.95 -2.43 33.37
C PRO C 171 -23.33 -3.35 34.41
N HIS C 172 -22.83 -2.82 35.52
CA HIS C 172 -22.02 -3.61 36.43
C HIS C 172 -22.83 -4.64 37.22
N GLN C 173 -22.15 -5.72 37.61
CA GLN C 173 -22.75 -6.92 38.19
C GLN C 173 -22.03 -7.20 39.50
N ILE C 174 -22.50 -8.22 40.23
CA ILE C 174 -21.96 -8.58 41.54
C ILE C 174 -20.51 -9.04 41.47
N ASP C 188 -27.27 -17.67 28.27
CA ASP C 188 -26.79 -17.48 29.63
C ASP C 188 -25.57 -16.57 29.63
N SER C 189 -24.72 -16.74 28.63
CA SER C 189 -23.50 -15.95 28.52
C SER C 189 -23.38 -15.16 27.23
N LEU C 190 -24.12 -15.49 26.17
CA LEU C 190 -24.18 -14.61 25.00
C LEU C 190 -25.15 -13.46 25.23
N ARG C 191 -26.22 -13.71 25.98
CA ARG C 191 -27.16 -12.65 26.29
C ARG C 191 -26.56 -11.63 27.24
N HIS C 192 -25.61 -12.07 28.08
CA HIS C 192 -25.04 -11.16 29.06
C HIS C 192 -24.03 -10.22 28.42
N SER C 193 -23.13 -10.75 27.59
CA SER C 193 -22.19 -9.91 26.88
C SER C 193 -22.84 -9.14 25.74
N ARG C 194 -23.85 -9.75 25.10
CA ARG C 194 -24.60 -9.06 24.06
C ARG C 194 -25.42 -7.92 24.66
N SER C 195 -26.01 -8.14 25.83
CA SER C 195 -26.78 -7.08 26.47
C SER C 195 -25.89 -5.99 27.02
N ARG C 196 -24.71 -6.35 27.53
CA ARG C 196 -23.76 -5.33 27.97
C ARG C 196 -23.23 -4.52 26.79
N LEU C 197 -23.04 -5.16 25.64
CA LEU C 197 -22.60 -4.45 24.44
C LEU C 197 -23.71 -3.58 23.88
N ASN C 198 -24.97 -3.97 24.09
CA ASN C 198 -26.07 -3.10 23.70
C ASN C 198 -26.20 -1.90 24.62
N ILE C 199 -25.96 -2.09 25.92
CA ILE C 199 -26.06 -0.99 26.87
C ILE C 199 -24.94 0.02 26.64
N TYR C 200 -23.69 -0.47 26.53
CA TYR C 200 -22.59 0.42 26.20
C TYR C 200 -22.68 0.96 24.77
N LYS C 201 -23.33 0.23 23.87
CA LYS C 201 -23.52 0.75 22.52
C LYS C 201 -24.55 1.85 22.49
N ALA C 202 -25.51 1.83 23.42
CA ALA C 202 -26.50 2.89 23.47
C ALA C 202 -25.98 4.09 24.25
N LEU C 203 -25.19 3.87 25.30
CA LEU C 203 -24.65 4.99 26.06
C LEU C 203 -23.58 5.75 25.29
N ALA C 204 -22.91 5.09 24.34
CA ALA C 204 -21.84 5.71 23.57
C ALA C 204 -22.35 6.43 22.34
N SER C 205 -23.64 6.69 22.24
CA SER C 205 -24.12 7.43 21.09
C SER C 205 -24.03 8.92 21.36
N PRO C 206 -23.65 9.71 20.35
CA PRO C 206 -23.45 11.14 20.54
C PRO C 206 -24.73 11.96 20.64
N SER C 207 -25.90 11.34 20.78
CA SER C 207 -27.14 12.05 21.04
C SER C 207 -27.73 11.77 22.40
N LEU C 208 -27.45 10.61 23.00
CA LEU C 208 -27.72 10.40 24.43
C LEU C 208 -26.63 11.01 25.29
N ILE C 209 -25.49 11.36 24.70
CA ILE C 209 -24.53 12.15 25.47
C ILE C 209 -24.86 13.63 25.31
N ALA C 210 -25.38 14.04 24.15
CA ALA C 210 -25.75 15.43 23.93
C ALA C 210 -26.99 15.81 24.74
N LEU C 211 -27.93 14.88 24.88
CA LEU C 211 -29.05 15.01 25.78
C LEU C 211 -28.74 14.31 27.10
N SER C 212 -29.55 14.61 28.11
CA SER C 212 -29.70 13.82 29.34
C SER C 212 -28.40 13.70 30.14
N SER C 213 -27.44 14.58 29.91
CA SER C 213 -26.16 14.52 30.58
C SER C 213 -25.75 15.91 31.00
N GLU C 214 -25.06 16.01 32.13
CA GLU C 214 -24.70 17.31 32.70
C GLU C 214 -23.68 18.02 31.83
N ASP C 215 -22.55 17.36 31.56
CA ASP C 215 -21.64 17.83 30.54
C ASP C 215 -21.23 16.66 29.63
N PRO C 216 -21.40 16.81 28.31
CA PRO C 216 -21.10 15.70 27.40
C PRO C 216 -19.61 15.44 27.21
N ILE C 217 -18.74 16.37 27.59
CA ILE C 217 -17.31 16.18 27.34
C ILE C 217 -16.70 15.20 28.34
N LEU C 218 -17.03 15.35 29.63
CA LEU C 218 -16.58 14.37 30.61
C LEU C 218 -17.25 13.01 30.41
N THR C 219 -18.50 13.00 29.94
CA THR C 219 -19.17 11.74 29.67
C THR C 219 -18.53 11.03 28.48
N ALA C 220 -18.15 11.79 27.44
CA ALA C 220 -17.43 11.20 26.32
C ALA C 220 -16.04 10.74 26.72
N PHE C 221 -15.40 11.44 27.66
CA PHE C 221 -14.06 11.04 28.11
C PHE C 221 -14.14 9.75 28.93
N ARG C 222 -15.01 9.72 29.93
CA ARG C 222 -15.13 8.55 30.80
C ARG C 222 -15.69 7.34 30.06
N LEU C 223 -16.60 7.55 29.11
CA LEU C 223 -17.07 6.43 28.30
C LEU C 223 -16.01 5.95 27.34
N GLY C 224 -15.20 6.85 26.78
CA GLY C 224 -14.10 6.42 25.94
C GLY C 224 -13.07 5.59 26.71
N TRP C 225 -12.82 5.97 27.96
CA TRP C 225 -11.93 5.20 28.81
C TRP C 225 -12.52 3.85 29.20
N GLU C 226 -13.80 3.82 29.60
CA GLU C 226 -14.42 2.58 30.04
C GLU C 226 -14.60 1.60 28.87
N LEU C 227 -14.82 2.12 27.68
CA LEU C 227 -14.89 1.27 26.49
C LEU C 227 -13.52 0.83 26.02
N LYS C 228 -12.48 1.63 26.25
CA LYS C 228 -11.12 1.19 25.90
C LYS C 228 -10.63 0.09 26.82
N GLU C 229 -10.77 0.29 28.15
CA GLU C 229 -10.43 -0.76 29.10
C GLU C 229 -11.33 -1.97 28.93
N LEU C 230 -12.60 -1.75 28.58
CA LEU C 230 -13.52 -2.86 28.40
C LEU C 230 -13.20 -3.64 27.14
N SER C 231 -12.60 -2.97 26.14
CA SER C 231 -12.08 -3.68 24.98
C SER C 231 -10.82 -4.45 25.33
N LYS C 232 -9.98 -3.91 26.23
CA LYS C 232 -8.78 -4.63 26.63
C LYS C 232 -9.09 -5.83 27.51
N VAL C 233 -10.19 -5.80 28.27
CA VAL C 233 -10.54 -6.94 29.12
C VAL C 233 -11.03 -8.11 28.29
N GLU C 234 -11.99 -7.87 27.41
CA GLU C 234 -12.65 -8.92 26.66
C GLU C 234 -11.94 -9.10 25.34
N ASN C 235 -11.33 -10.28 25.15
CA ASN C 235 -10.59 -10.56 23.91
C ASN C 235 -11.56 -10.66 22.74
N GLU C 236 -12.69 -11.32 22.94
CA GLU C 236 -13.78 -11.26 21.98
C GLU C 236 -14.46 -9.90 22.07
N PHE C 237 -15.06 -9.48 20.95
CA PHE C 237 -15.78 -8.22 20.78
C PHE C 237 -14.89 -7.00 20.96
N LYS C 238 -13.58 -7.15 20.76
CA LYS C 238 -12.64 -6.06 20.98
C LYS C 238 -12.80 -4.97 19.93
N ALA C 239 -13.00 -5.36 18.67
CA ALA C 239 -13.09 -4.41 17.57
C ALA C 239 -14.38 -3.61 17.57
N GLU C 240 -15.36 -3.97 18.40
CA GLU C 240 -16.59 -3.20 18.52
C GLU C 240 -16.55 -2.21 19.67
N TYR C 241 -16.00 -2.61 20.82
CA TYR C 241 -15.81 -1.66 21.91
C TYR C 241 -14.75 -0.61 21.58
N GLU C 242 -13.74 -0.99 20.79
CA GLU C 242 -12.80 0.02 20.31
C GLU C 242 -13.46 1.00 19.34
N GLU C 243 -14.41 0.51 18.54
CA GLU C 243 -15.16 1.39 17.65
C GLU C 243 -16.05 2.34 18.43
N LEU C 244 -16.65 1.87 19.52
CA LEU C 244 -17.46 2.73 20.37
C LEU C 244 -16.60 3.75 21.11
N SER C 245 -15.38 3.36 21.49
CA SER C 245 -14.50 4.31 22.16
C SER C 245 -14.03 5.40 21.19
N GLN C 246 -13.75 5.02 19.94
CA GLN C 246 -13.39 6.03 18.93
C GLN C 246 -14.58 6.92 18.59
N GLN C 247 -15.80 6.38 18.69
CA GLN C 247 -17.00 7.19 18.56
C GLN C 247 -17.09 8.23 19.67
N CYS C 248 -16.79 7.81 20.91
CA CYS C 248 -16.82 8.74 22.04
C CYS C 248 -15.72 9.80 21.94
N LYS C 249 -14.56 9.46 21.41
CA LYS C 249 -13.50 10.46 21.25
C LYS C 249 -13.82 11.44 20.14
N LEU C 250 -14.33 10.91 19.02
CA LEU C 250 -14.70 11.74 17.87
C LEU C 250 -15.84 12.69 18.20
N PHE C 251 -16.74 12.29 19.12
CA PHE C 251 -17.82 13.18 19.56
C PHE C 251 -17.28 14.39 20.30
N ALA C 252 -16.37 14.17 21.26
CA ALA C 252 -15.85 15.29 22.05
C ALA C 252 -14.98 16.21 21.21
N LYS C 253 -14.22 15.62 20.28
CA LYS C 253 -13.45 16.42 19.33
C LYS C 253 -14.37 17.28 18.46
N ASP C 254 -15.51 16.72 18.04
CA ASP C 254 -16.45 17.51 17.25
C ASP C 254 -17.21 18.52 18.09
N LEU C 255 -17.25 18.34 19.42
CA LEU C 255 -17.71 19.43 20.26
C LEU C 255 -16.71 20.58 20.33
N LEU C 256 -15.40 20.29 20.33
CA LEU C 256 -14.46 21.41 20.25
C LEU C 256 -14.44 22.07 18.88
N ASP C 257 -14.81 21.35 17.83
CA ASP C 257 -14.82 21.95 16.50
C ASP C 257 -15.89 23.03 16.36
N GLN C 258 -16.92 22.99 17.20
CA GLN C 258 -18.03 23.95 17.09
C GLN C 258 -17.82 25.22 17.90
N ALA C 259 -16.68 25.38 18.56
CA ALA C 259 -16.42 26.61 19.31
C ALA C 259 -16.02 27.71 18.35
N ARG C 260 -16.82 28.79 18.30
CA ARG C 260 -16.60 29.86 17.34
C ARG C 260 -16.10 31.14 17.99
N SER C 261 -15.53 31.05 19.19
CA SER C 261 -14.85 32.18 19.81
C SER C 261 -13.88 31.61 20.83
N SER C 262 -13.05 32.49 21.40
CA SER C 262 -12.06 32.06 22.37
C SER C 262 -12.54 32.22 23.81
N ARG C 263 -13.58 33.00 24.06
CA ARG C 263 -14.22 32.97 25.37
C ARG C 263 -14.87 31.62 25.61
N GLU C 264 -15.54 31.07 24.57
CA GLU C 264 -16.12 29.74 24.69
C GLU C 264 -15.05 28.67 24.87
N LEU C 265 -13.94 28.79 24.15
CA LEU C 265 -12.88 27.80 24.23
C LEU C 265 -12.17 27.86 25.58
N GLU C 266 -12.00 29.05 26.15
CA GLU C 266 -11.42 29.15 27.48
C GLU C 266 -12.40 28.73 28.57
N ILE C 267 -13.71 28.85 28.33
CA ILE C 267 -14.65 28.31 29.31
C ILE C 267 -14.63 26.79 29.28
N ILE C 268 -14.50 26.19 28.09
CA ILE C 268 -14.39 24.74 27.98
C ILE C 268 -13.13 24.23 28.67
N LEU C 269 -11.97 24.73 28.25
CA LEU C 269 -10.72 24.11 28.67
C LEU C 269 -10.32 24.42 30.11
N ASN C 270 -11.01 25.33 30.79
CA ASN C 270 -10.66 25.68 32.16
C ASN C 270 -11.67 25.16 33.17
N HIS C 271 -12.63 24.34 32.75
CA HIS C 271 -13.74 23.96 33.61
C HIS C 271 -13.30 22.91 34.62
N ARG C 272 -13.17 23.33 35.88
CA ARG C 272 -12.90 22.41 36.97
C ARG C 272 -14.21 21.80 37.46
N ASP C 273 -14.25 20.47 37.55
CA ASP C 273 -15.44 19.78 38.02
C ASP C 273 -15.53 19.87 39.53
N ASP C 286 -5.10 27.58 35.57
CA ASP C 286 -5.01 26.15 35.31
C ASP C 286 -5.81 25.79 34.07
N LEU C 287 -5.61 24.58 33.57
CA LEU C 287 -6.35 24.02 32.44
C LEU C 287 -6.86 22.66 32.89
N ALA C 288 -8.03 22.65 33.53
CA ALA C 288 -8.51 21.41 34.14
C ALA C 288 -8.99 20.42 33.09
N LYS C 289 -9.69 20.90 32.06
CA LYS C 289 -10.28 20.00 31.09
C LYS C 289 -9.23 19.40 30.16
N LEU C 290 -8.11 20.10 29.94
CA LEU C 290 -6.99 19.49 29.22
C LEU C 290 -6.25 18.47 30.07
N LYS C 291 -6.13 18.70 31.37
CA LYS C 291 -5.51 17.68 32.23
C LYS C 291 -6.35 16.42 32.28
N VAL C 292 -7.67 16.58 32.29
CA VAL C 292 -8.55 15.43 32.24
C VAL C 292 -8.51 14.78 30.85
N ALA C 293 -8.34 15.59 29.81
CA ALA C 293 -8.27 15.05 28.45
C ALA C 293 -6.97 14.28 28.21
N ILE C 294 -5.87 14.71 28.81
CA ILE C 294 -4.61 13.96 28.70
C ILE C 294 -4.64 12.77 29.64
N LYS C 295 -5.33 12.91 30.77
CA LYS C 295 -5.49 11.81 31.72
C LYS C 295 -6.26 10.64 31.12
N TYR C 296 -7.30 10.92 30.35
CA TYR C 296 -8.08 9.89 29.68
C TYR C 296 -7.60 9.60 28.26
N HIS C 297 -6.42 10.10 27.89
CA HIS C 297 -5.74 9.81 26.61
C HIS C 297 -6.60 10.19 25.40
N GLN C 298 -7.10 11.42 25.40
CA GLN C 298 -7.97 11.91 24.34
C GLN C 298 -7.11 12.69 23.36
N LYS C 299 -6.52 11.95 22.43
CA LYS C 299 -5.48 12.52 21.57
C LYS C 299 -6.05 13.42 20.49
N GLU C 300 -7.25 13.13 20.00
CA GLU C 300 -7.86 13.98 18.98
C GLU C 300 -8.44 15.24 19.59
N PHE C 301 -8.85 15.19 20.85
CA PHE C 301 -9.34 16.36 21.57
C PHE C 301 -8.23 17.39 21.74
N VAL C 302 -7.05 16.92 22.16
CA VAL C 302 -5.95 17.83 22.45
C VAL C 302 -5.32 18.36 21.17
N ALA C 303 -5.21 17.52 20.15
CA ALA C 303 -4.59 17.93 18.90
C ALA C 303 -5.51 18.75 18.01
N GLN C 304 -6.72 19.07 18.47
CA GLN C 304 -7.62 19.95 17.74
C GLN C 304 -6.99 21.35 17.66
N PRO C 305 -6.98 21.99 16.50
CA PRO C 305 -6.07 23.13 16.29
C PRO C 305 -6.43 24.40 17.04
N ASN C 306 -7.68 24.56 17.47
CA ASN C 306 -8.00 25.71 18.30
C ASN C 306 -7.39 25.56 19.69
N CYS C 307 -7.43 24.33 20.21
CA CYS C 307 -6.73 24.00 21.44
C CYS C 307 -5.22 24.17 21.29
N GLN C 308 -4.69 23.86 20.10
CA GLN C 308 -3.26 24.05 19.87
C GLN C 308 -2.89 25.51 19.74
N GLN C 309 -3.82 26.35 19.26
CA GLN C 309 -3.56 27.79 19.28
C GLN C 309 -3.59 28.34 20.69
N LEU C 310 -4.51 27.86 21.54
CA LEU C 310 -4.55 28.34 22.92
C LEU C 310 -3.31 27.89 23.69
N LEU C 311 -2.90 26.64 23.52
CA LEU C 311 -1.67 26.14 24.14
C LEU C 311 -0.44 26.80 23.56
N ALA C 312 -0.48 27.22 22.31
CA ALA C 312 0.65 27.92 21.73
C ALA C 312 0.76 29.35 22.24
N THR C 313 -0.37 30.01 22.51
CA THR C 313 -0.28 31.35 23.09
C THR C 313 0.08 31.29 24.57
N LEU C 314 -0.32 30.22 25.27
CA LEU C 314 0.17 30.04 26.63
C LEU C 314 1.64 29.67 26.63
N TRP C 315 2.10 29.01 25.58
CA TRP C 315 3.47 28.54 25.48
C TRP C 315 4.44 29.66 25.15
N TYR C 316 4.09 30.49 24.17
CA TYR C 316 4.95 31.56 23.69
C TYR C 316 4.61 32.92 24.30
N ASP C 317 4.15 32.96 25.55
CA ASP C 317 3.90 34.25 26.18
C ASP C 317 5.19 35.03 26.35
N GLY C 318 5.12 36.34 26.16
CA GLY C 318 6.32 37.12 26.02
C GLY C 318 6.97 37.02 24.66
N PHE C 319 6.23 36.57 23.65
CA PHE C 319 6.71 36.54 22.27
C PHE C 319 5.54 36.94 21.37
N PRO C 320 5.52 38.18 20.88
CA PRO C 320 4.54 38.53 19.85
C PRO C 320 4.92 37.92 18.50
N GLY C 321 4.23 36.84 18.12
CA GLY C 321 4.47 36.20 16.84
C GLY C 321 5.82 35.54 16.73
N TRP C 322 6.02 34.43 17.44
CA TRP C 322 7.27 33.68 17.31
C TRP C 322 7.32 32.96 15.98
N ARG C 323 6.18 32.41 15.53
CA ARG C 323 6.12 31.67 14.29
C ARG C 323 6.25 32.57 13.07
N ARG C 324 6.00 33.87 13.22
CA ARG C 324 6.20 34.81 12.12
C ARG C 324 7.68 35.08 11.86
N LYS C 325 8.54 34.81 12.84
CA LYS C 325 9.95 35.13 12.71
C LYS C 325 10.66 34.12 11.81
N HIS C 326 11.80 34.53 11.29
CA HIS C 326 12.65 33.66 10.49
C HIS C 326 13.45 32.75 11.41
N TRP C 327 13.83 31.58 10.90
CA TRP C 327 14.44 30.56 11.75
C TRP C 327 15.86 30.91 12.17
N VAL C 328 16.51 31.85 11.49
CA VAL C 328 17.81 32.35 11.95
C VAL C 328 17.62 33.23 13.19
N VAL C 329 16.57 34.06 13.19
CA VAL C 329 16.23 34.85 14.37
C VAL C 329 15.77 33.93 15.50
N LYS C 330 15.06 32.86 15.15
CA LYS C 330 14.69 31.84 16.12
C LYS C 330 15.92 31.19 16.74
N LEU C 331 16.92 30.87 15.91
CA LEU C 331 18.15 30.26 16.39
C LEU C 331 18.94 31.21 17.27
N LEU C 332 18.95 32.51 16.93
CA LEU C 332 19.67 33.48 17.75
C LEU C 332 18.98 33.70 19.08
N THR C 333 17.65 33.68 19.12
CA THR C 333 16.96 33.79 20.41
C THR C 333 17.14 32.52 21.24
N CYS C 334 17.16 31.35 20.59
CA CYS C 334 17.40 30.10 21.31
C CYS C 334 18.81 30.05 21.89
N MET C 335 19.80 30.54 21.14
CA MET C 335 21.17 30.51 21.65
C MET C 335 21.40 31.57 22.72
N THR C 336 20.98 32.81 22.46
CA THR C 336 21.25 33.89 23.42
C THR C 336 20.43 33.75 24.70
N ILE C 337 19.22 33.20 24.60
CA ILE C 337 18.51 32.85 25.84
C ILE C 337 19.13 31.59 26.44
N GLY C 338 19.76 30.75 25.62
CA GLY C 338 20.42 29.56 26.13
C GLY C 338 21.66 29.83 26.96
N PHE C 339 22.43 30.87 26.61
CA PHE C 339 23.63 31.17 27.38
C PHE C 339 23.32 31.78 28.74
N LEU C 340 22.13 32.35 28.92
CA LEU C 340 21.85 33.18 30.08
C LEU C 340 21.09 32.43 31.17
N PHE C 341 21.24 31.11 31.27
CA PHE C 341 20.54 30.40 32.34
C PHE C 341 21.07 30.67 33.76
N PRO C 342 22.35 31.00 34.00
CA PRO C 342 22.64 31.63 35.30
C PRO C 342 22.12 33.04 35.40
N MET C 343 22.15 33.83 34.33
CA MET C 343 21.65 35.20 34.40
C MET C 343 20.13 35.26 34.48
N LEU C 344 19.43 34.16 34.15
CA LEU C 344 17.99 34.09 34.34
C LEU C 344 17.59 33.20 35.50
N SER C 345 18.53 32.45 36.10
CA SER C 345 18.21 31.57 37.21
C SER C 345 18.77 32.04 38.55
N ILE C 346 19.70 32.99 38.55
CA ILE C 346 20.03 33.68 39.80
C ILE C 346 18.91 34.63 40.19
N ALA C 347 18.38 35.38 39.23
CA ALA C 347 17.05 35.94 39.39
C ALA C 347 16.04 34.79 39.42
N TYR C 348 14.95 35.00 40.16
CA TYR C 348 13.91 34.08 40.68
C TYR C 348 14.44 33.30 41.89
N LEU C 349 15.72 33.45 42.26
CA LEU C 349 16.18 33.03 43.58
C LEU C 349 16.34 34.20 44.54
N ILE C 350 16.82 35.34 44.06
CA ILE C 350 16.98 36.54 44.88
C ILE C 350 15.77 37.45 44.76
N SER C 351 15.34 37.74 43.53
CA SER C 351 14.19 38.59 43.27
C SER C 351 13.19 37.80 42.43
N PRO C 352 12.29 37.05 43.06
CA PRO C 352 11.24 36.37 42.27
C PRO C 352 10.25 37.36 41.67
N ARG C 353 9.77 38.32 42.45
CA ARG C 353 8.82 39.32 41.96
C ARG C 353 9.59 40.51 41.39
N SER C 354 10.16 40.28 40.20
CA SER C 354 10.96 41.29 39.53
C SER C 354 10.75 41.17 38.03
N ASN C 355 11.42 42.06 37.28
CA ASN C 355 11.32 42.03 35.83
C ASN C 355 12.05 40.83 35.23
N LEU C 356 13.07 40.31 35.92
CA LEU C 356 13.76 39.11 35.47
C LEU C 356 13.30 37.85 36.20
N GLY C 357 12.77 37.98 37.41
CA GLY C 357 12.21 36.82 38.09
C GLY C 357 10.93 36.32 37.49
N LEU C 358 10.18 37.19 36.81
CA LEU C 358 9.01 36.79 36.06
C LEU C 358 9.32 36.44 34.61
N PHE C 359 10.60 36.39 34.24
CA PHE C 359 10.96 36.06 32.86
C PHE C 359 11.32 34.59 32.67
N ILE C 360 11.75 33.90 33.74
CA ILE C 360 11.93 32.45 33.65
C ILE C 360 10.63 31.73 33.96
N LYS C 361 9.61 32.44 34.44
CA LYS C 361 8.29 31.84 34.63
C LYS C 361 7.59 31.54 33.31
N LYS C 362 8.05 32.11 32.22
CA LYS C 362 7.50 31.80 30.90
C LYS C 362 7.90 30.39 30.51
N PRO C 363 6.98 29.55 30.01
CA PRO C 363 7.30 28.14 29.79
C PRO C 363 8.23 27.88 28.62
N PHE C 364 8.19 28.70 27.58
CA PHE C 364 9.18 28.53 26.52
C PHE C 364 10.55 29.03 26.96
N ILE C 365 10.60 29.98 27.90
CA ILE C 365 11.84 30.34 28.56
C ILE C 365 12.15 29.39 29.71
N LYS C 366 11.24 28.48 30.03
CA LYS C 366 11.66 27.34 30.83
C LYS C 366 12.34 26.30 29.95
N PHE C 367 11.73 25.94 28.82
CA PHE C 367 12.21 24.84 27.99
C PHE C 367 13.60 25.11 27.43
N ILE C 368 13.75 26.23 26.73
CA ILE C 368 15.07 26.80 26.56
C ILE C 368 15.56 27.22 27.94
N CYS C 369 16.80 26.91 28.24
CA CYS C 369 17.60 27.13 29.47
C CYS C 369 17.26 26.13 30.58
N HIS C 370 16.33 25.19 30.37
CA HIS C 370 16.39 23.90 31.06
C HIS C 370 17.13 22.86 30.26
N THR C 371 17.09 22.97 28.93
CA THR C 371 17.71 22.01 28.04
C THR C 371 19.07 22.46 27.52
N ALA C 372 19.32 23.77 27.41
CA ALA C 372 20.67 24.25 27.16
C ALA C 372 21.56 24.03 28.38
N SER C 373 20.96 24.08 29.56
CA SER C 373 21.63 23.66 30.80
C SER C 373 21.98 22.17 30.75
N TYR C 374 21.10 21.35 30.18
CA TYR C 374 21.39 19.95 30.04
C TYR C 374 22.50 19.73 29.02
N LEU C 375 22.55 20.57 27.99
CA LEU C 375 23.66 20.50 27.05
C LEU C 375 24.97 20.98 27.66
N THR C 376 24.92 21.85 28.68
CA THR C 376 26.15 22.16 29.40
C THR C 376 26.57 21.01 30.30
N PHE C 377 25.61 20.26 30.85
CA PHE C 377 25.96 19.08 31.65
C PHE C 377 26.59 17.99 30.78
N LEU C 378 26.00 17.73 29.61
CA LEU C 378 26.62 16.79 28.68
C LEU C 378 27.93 17.33 28.12
N PHE C 379 28.10 18.66 28.10
CA PHE C 379 29.40 19.21 27.75
C PHE C 379 30.41 18.93 28.85
N MET C 380 29.98 18.91 30.11
CA MET C 380 30.87 18.53 31.20
C MET C 380 31.18 17.04 31.17
N LEU C 381 30.25 16.22 30.65
CA LEU C 381 30.55 14.80 30.51
C LEU C 381 31.51 14.54 29.35
N LEU C 382 31.42 15.33 28.28
CA LEU C 382 32.42 15.27 27.24
C LEU C 382 33.77 15.78 27.74
N LEU C 383 33.75 16.78 28.63
CA LEU C 383 34.99 17.32 29.18
C LEU C 383 35.62 16.33 30.15
N ALA C 384 34.80 15.50 30.79
CA ALA C 384 35.26 14.59 31.83
C ALA C 384 36.16 13.48 31.31
N SER C 385 36.07 13.15 30.01
CA SER C 385 36.91 12.10 29.42
C SER C 385 38.23 12.63 28.91
N GLN C 386 38.62 13.85 29.29
CA GLN C 386 39.89 14.43 28.88
C GLN C 386 40.67 14.95 30.09
N HIS C 394 48.99 4.56 39.34
CA HIS C 394 47.75 5.31 39.33
C HIS C 394 47.04 5.11 40.67
N VAL C 395 46.27 6.11 41.09
CA VAL C 395 45.64 6.05 42.41
C VAL C 395 44.50 5.05 42.37
N GLN C 396 44.41 4.21 43.41
CA GLN C 396 43.34 3.22 43.50
C GLN C 396 41.97 3.91 43.61
N GLY C 397 41.80 4.72 44.64
CA GLY C 397 40.65 5.57 44.72
C GLY C 397 41.07 7.02 44.83
N PRO C 398 40.85 7.80 43.78
CA PRO C 398 41.36 9.17 43.75
C PRO C 398 40.38 10.13 44.41
N PRO C 399 40.82 11.34 44.77
CA PRO C 399 39.86 12.40 45.04
C PRO C 399 39.16 12.80 43.75
N PRO C 400 37.95 13.35 43.82
CA PRO C 400 37.23 13.71 42.61
C PRO C 400 37.90 14.84 41.85
N THR C 401 37.80 14.76 40.53
CA THR C 401 38.39 15.76 39.65
C THR C 401 37.57 17.04 39.73
N VAL C 402 38.19 18.16 39.33
CA VAL C 402 37.53 19.47 39.33
C VAL C 402 36.29 19.44 38.43
N VAL C 403 36.36 18.67 37.34
CA VAL C 403 35.19 18.42 36.50
C VAL C 403 34.12 17.66 37.29
N GLU C 404 34.52 16.63 38.06
CA GLU C 404 33.54 15.87 38.84
C GLU C 404 32.97 16.70 39.98
N TRP C 405 33.79 17.58 40.58
CA TRP C 405 33.25 18.49 41.59
C TRP C 405 32.25 19.45 40.98
N MET C 406 32.48 19.87 39.73
CA MET C 406 31.46 20.64 39.03
C MET C 406 30.24 19.81 38.63
N ILE C 407 30.38 18.50 38.45
CA ILE C 407 29.27 17.68 37.97
C ILE C 407 28.33 17.21 39.09
N LEU C 408 28.86 16.96 40.30
CA LEU C 408 28.09 16.45 41.43
C LEU C 408 26.80 17.21 41.77
N PRO C 409 26.73 18.58 41.78
CA PRO C 409 25.42 19.20 42.04
C PRO C 409 24.44 19.21 40.87
N TRP C 410 24.91 19.11 39.62
CA TRP C 410 24.01 18.73 38.52
C TRP C 410 23.33 17.40 38.80
N VAL C 411 24.11 16.41 39.25
CA VAL C 411 23.59 15.09 39.54
C VAL C 411 22.60 15.14 40.70
N LEU C 412 22.93 15.91 41.75
CA LEU C 412 22.01 16.06 42.88
C LEU C 412 20.75 16.82 42.49
N GLY C 413 20.85 17.73 41.51
CA GLY C 413 19.66 18.40 41.02
C GLY C 413 18.78 17.46 40.21
N PHE C 414 19.38 16.51 39.51
CA PHE C 414 18.59 15.51 38.80
C PHE C 414 17.89 14.57 39.77
N ILE C 415 18.60 14.11 40.81
CA ILE C 415 18.03 13.17 41.76
C ILE C 415 16.97 13.85 42.61
N TRP C 416 17.22 15.10 43.03
CA TRP C 416 16.20 15.86 43.76
C TRP C 416 15.01 16.18 42.87
N GLY C 417 15.25 16.39 41.57
CA GLY C 417 14.15 16.59 40.64
C GLY C 417 13.29 15.35 40.47
N GLU C 418 13.92 14.17 40.41
CA GLU C 418 13.16 12.95 40.20
C GLU C 418 12.43 12.51 41.48
N ILE C 419 13.05 12.73 42.64
CA ILE C 419 12.33 12.54 43.91
C ILE C 419 11.19 13.54 44.03
N LYS C 420 11.38 14.76 43.51
CA LYS C 420 10.30 15.74 43.47
C LYS C 420 9.18 15.30 42.55
N GLU C 421 9.49 14.54 41.49
CA GLU C 421 8.44 13.99 40.64
C GLU C 421 7.82 12.72 41.22
N MET C 422 8.54 11.97 42.06
CA MET C 422 7.97 10.79 42.70
C MET C 422 7.12 11.14 43.91
N TRP C 423 7.32 12.32 44.50
CA TRP C 423 6.39 12.81 45.51
C TRP C 423 5.04 13.14 44.89
N ASP C 424 5.03 13.69 43.69
CA ASP C 424 3.78 14.00 43.02
C ASP C 424 3.12 12.72 42.53
N GLY C 425 1.83 12.59 42.83
CA GLY C 425 1.09 11.38 42.48
C GLY C 425 1.59 10.16 43.24
N GLY C 426 2.04 9.16 42.49
CA GLY C 426 2.59 7.94 43.05
C GLY C 426 3.42 7.23 42.01
N PHE C 427 3.69 5.95 42.26
CA PHE C 427 4.37 5.12 41.26
C PHE C 427 3.39 4.54 40.25
N THR C 428 2.52 5.37 39.68
CA THR C 428 1.57 4.95 38.66
C THR C 428 1.82 5.67 37.34
N GLU C 429 1.81 7.00 37.37
CA GLU C 429 2.14 7.77 36.17
C GLU C 429 3.64 7.86 35.96
N TYR C 430 4.41 7.81 37.06
CA TYR C 430 5.87 7.90 36.96
C TYR C 430 6.46 6.66 36.31
N ILE C 431 6.08 5.47 36.78
CA ILE C 431 6.67 4.23 36.29
C ILE C 431 6.10 3.80 34.94
N HIS C 432 4.96 4.37 34.53
CA HIS C 432 4.41 4.06 33.22
C HIS C 432 5.12 4.81 32.10
N ASP C 433 5.79 5.92 32.43
CA ASP C 433 6.50 6.72 31.45
C ASP C 433 7.89 6.13 31.27
N TRP C 434 8.29 5.87 30.02
CA TRP C 434 9.56 5.20 29.76
C TRP C 434 10.75 6.11 30.04
N TRP C 435 10.62 7.41 29.80
CA TRP C 435 11.75 8.30 30.02
C TRP C 435 12.02 8.53 31.50
N ASN C 436 10.99 8.37 32.35
CA ASN C 436 11.21 8.45 33.78
C ASN C 436 11.84 7.18 34.32
N LEU C 437 11.53 6.03 33.72
CA LEU C 437 12.26 4.81 34.01
C LEU C 437 13.71 4.94 33.59
N MET C 438 13.96 5.62 32.48
CA MET C 438 15.33 5.89 32.05
C MET C 438 16.02 6.89 32.98
N ASP C 439 15.26 7.81 33.56
CA ASP C 439 15.81 8.66 34.60
C ASP C 439 16.14 7.87 35.85
N PHE C 440 15.36 6.84 36.18
CA PHE C 440 15.68 6.02 37.34
C PHE C 440 16.93 5.18 37.09
N ALA C 441 17.10 4.69 35.85
CA ALA C 441 18.30 3.95 35.52
C ALA C 441 19.54 4.86 35.53
N MET C 442 19.42 6.05 34.93
CA MET C 442 20.53 6.99 34.85
C MET C 442 20.95 7.49 36.23
N ASN C 443 19.98 7.95 37.02
CA ASN C 443 20.29 8.50 38.33
C ASN C 443 20.66 7.40 39.32
N SER C 444 20.14 6.19 39.11
CA SER C 444 20.57 5.07 39.94
C SER C 444 22.02 4.70 39.64
N LEU C 445 22.44 4.80 38.38
CA LEU C 445 23.85 4.61 38.06
C LEU C 445 24.70 5.77 38.54
N TYR C 446 24.11 6.96 38.69
CA TYR C 446 24.84 8.05 39.32
C TYR C 446 25.07 7.80 40.81
N LEU C 447 24.04 7.28 41.50
CA LEU C 447 24.20 6.93 42.92
C LEU C 447 25.19 5.80 43.10
N ALA C 448 25.15 4.81 42.20
CA ALA C 448 26.11 3.72 42.27
C ALA C 448 27.53 4.18 41.97
N THR C 449 27.67 5.12 41.02
CA THR C 449 29.00 5.60 40.66
C THR C 449 29.62 6.45 41.77
N ILE C 450 28.85 7.42 42.29
CA ILE C 450 29.34 8.27 43.38
C ILE C 450 29.58 7.44 44.64
N SER C 451 28.71 6.45 44.89
CA SER C 451 28.90 5.59 46.04
C SER C 451 30.16 4.73 45.91
N LEU C 452 30.47 4.26 44.70
CA LEU C 452 31.73 3.53 44.54
C LEU C 452 32.94 4.44 44.50
N LYS C 453 32.78 5.74 44.23
CA LYS C 453 33.88 6.67 44.43
C LYS C 453 34.15 6.88 45.92
N ILE C 454 33.09 6.96 46.72
CA ILE C 454 33.26 7.11 48.17
C ILE C 454 33.84 5.83 48.77
N VAL C 455 33.36 4.67 48.32
CA VAL C 455 33.91 3.40 48.80
C VAL C 455 35.36 3.23 48.34
N ALA C 456 35.67 3.67 47.12
CA ALA C 456 37.05 3.58 46.63
C ALA C 456 37.97 4.55 47.35
N TYR C 457 37.44 5.68 47.83
CA TYR C 457 38.27 6.61 48.61
C TYR C 457 38.55 6.07 50.01
N VAL C 458 37.66 5.24 50.55
CA VAL C 458 37.81 4.71 51.90
C VAL C 458 38.81 3.57 51.89
N LYS C 459 39.85 3.69 52.73
CA LYS C 459 40.88 2.68 53.06
C LYS C 459 41.55 2.04 51.82
N TYR C 460 41.58 2.78 50.71
CA TYR C 460 42.47 2.48 49.59
C TYR C 460 43.45 3.64 49.51
N ASN C 461 44.49 3.56 50.34
CA ASN C 461 45.42 4.69 50.50
C ASN C 461 46.62 4.60 49.58
N GLY C 462 47.06 3.39 49.24
CA GLY C 462 48.22 3.23 48.40
C GLY C 462 47.92 3.43 46.94
N SER C 463 48.99 3.36 46.14
CA SER C 463 48.91 3.49 44.69
C SER C 463 49.53 2.25 44.06
N ARG C 464 48.70 1.44 43.39
CA ARG C 464 49.13 0.31 42.58
C ARG C 464 48.93 0.62 41.10
N PRO C 465 49.78 0.11 40.21
CA PRO C 465 49.60 0.36 38.77
C PRO C 465 48.32 -0.25 38.24
N ARG C 466 47.86 0.28 37.09
CA ARG C 466 46.54 -0.04 36.57
C ARG C 466 46.40 -1.52 36.21
N GLU C 467 47.40 -2.11 35.59
CA GLU C 467 47.34 -3.49 35.14
C GLU C 467 47.52 -4.52 36.25
N GLU C 468 47.59 -4.10 37.52
CA GLU C 468 47.73 -5.01 38.64
C GLU C 468 46.43 -5.10 39.45
N TRP C 469 45.41 -4.34 39.07
CA TRP C 469 44.18 -4.28 39.85
C TRP C 469 43.36 -5.56 39.66
N GLU C 470 42.48 -5.84 40.63
CA GLU C 470 41.58 -6.96 40.50
C GLU C 470 40.45 -6.62 39.52
N MET C 471 39.69 -7.64 39.14
CA MET C 471 38.63 -7.45 38.15
C MET C 471 37.44 -6.70 38.75
N TRP C 472 37.11 -6.97 40.00
CA TRP C 472 36.00 -6.32 40.68
C TRP C 472 36.45 -5.16 41.56
N HIS C 473 37.54 -4.50 41.21
CA HIS C 473 37.94 -3.26 41.86
C HIS C 473 36.84 -2.22 41.65
N PRO C 474 36.33 -1.58 42.71
CA PRO C 474 35.22 -0.63 42.54
C PRO C 474 35.58 0.64 41.76
N THR C 475 36.87 0.90 41.52
CA THR C 475 37.24 2.00 40.64
C THR C 475 36.86 1.69 39.19
N LEU C 476 37.17 0.48 38.73
CA LEU C 476 36.83 0.10 37.35
C LEU C 476 35.32 -0.03 37.17
N ILE C 477 34.62 -0.49 38.21
CA ILE C 477 33.17 -0.60 38.14
C ILE C 477 32.54 0.79 38.14
N ALA C 478 33.11 1.72 38.91
CA ALA C 478 32.60 3.09 38.92
C ALA C 478 32.81 3.77 37.57
N GLU C 479 33.94 3.48 36.92
CA GLU C 479 34.18 4.06 35.61
C GLU C 479 33.29 3.43 34.53
N ALA C 480 33.03 2.12 34.63
CA ALA C 480 32.16 1.46 33.66
C ALA C 480 30.72 1.92 33.80
N LEU C 481 30.21 1.97 35.04
CA LEU C 481 28.86 2.46 35.27
C LEU C 481 28.74 3.95 34.98
N PHE C 482 29.82 4.70 35.13
CA PHE C 482 29.81 6.10 34.72
C PHE C 482 29.71 6.24 33.21
N ALA C 483 30.36 5.33 32.47
CA ALA C 483 30.26 5.35 31.01
C ALA C 483 28.86 4.98 30.53
N ILE C 484 28.25 3.97 31.15
CA ILE C 484 26.88 3.57 30.79
C ILE C 484 25.90 4.68 31.14
N SER C 485 26.12 5.35 32.27
CA SER C 485 25.28 6.49 32.60
C SER C 485 25.54 7.69 31.69
N ASN C 486 26.69 7.74 31.03
CA ASN C 486 26.90 8.77 30.01
C ASN C 486 26.14 8.45 28.73
N ILE C 487 26.02 7.16 28.39
CA ILE C 487 25.17 6.79 27.26
C ILE C 487 23.71 7.09 27.55
N LEU C 488 23.25 6.74 28.75
CA LEU C 488 21.86 6.99 29.10
C LEU C 488 21.58 8.49 29.28
N SER C 489 22.57 9.25 29.73
CA SER C 489 22.36 10.69 29.89
C SER C 489 22.44 11.42 28.56
N SER C 490 23.18 10.88 27.61
CA SER C 490 23.32 11.48 26.30
C SER C 490 22.29 10.99 25.29
N LEU C 491 21.53 9.95 25.60
CA LEU C 491 20.37 9.58 24.81
C LEU C 491 19.08 10.22 25.27
N ARG C 492 19.11 11.04 26.33
CA ARG C 492 17.92 11.79 26.71
C ARG C 492 17.59 12.94 25.78
N LEU C 493 18.51 13.31 24.88
CA LEU C 493 18.25 14.37 23.92
C LEU C 493 17.27 13.95 22.83
N ILE C 494 16.98 12.64 22.72
CA ILE C 494 15.95 12.17 21.80
C ILE C 494 14.57 12.60 22.27
N SER C 495 14.37 12.71 23.60
CA SER C 495 13.09 13.16 24.12
C SER C 495 12.82 14.64 23.86
N LEU C 496 13.85 15.41 23.50
CA LEU C 496 13.70 16.80 23.12
C LEU C 496 13.24 16.99 21.68
N PHE C 497 12.97 15.90 20.96
CA PHE C 497 12.56 16.03 19.57
C PHE C 497 11.11 16.43 19.40
N THR C 498 10.26 16.18 20.40
CA THR C 498 8.83 16.45 20.26
C THR C 498 8.53 17.93 20.17
N ALA C 499 9.42 18.79 20.67
CA ALA C 499 9.22 20.23 20.55
C ALA C 499 9.41 20.74 19.14
N ASN C 500 10.15 20.01 18.31
CA ASN C 500 10.43 20.42 16.95
C ASN C 500 9.42 19.79 16.00
N SER C 501 9.00 20.56 14.99
CA SER C 501 7.95 20.11 14.10
C SER C 501 8.43 19.13 13.05
N HIS C 502 9.75 19.04 12.82
CA HIS C 502 10.31 18.13 11.85
C HIS C 502 10.75 16.81 12.46
N LEU C 503 11.35 16.86 13.64
CA LEU C 503 11.90 15.66 14.27
C LEU C 503 10.88 14.96 15.17
N GLY C 504 9.84 15.67 15.60
CA GLY C 504 8.82 15.16 16.48
C GLY C 504 8.04 13.94 16.01
N PRO C 505 7.31 14.05 14.89
CA PRO C 505 6.54 12.89 14.41
C PRO C 505 7.41 11.73 13.96
N LEU C 506 8.65 12.02 13.56
CA LEU C 506 9.60 10.97 13.26
C LEU C 506 9.96 10.20 14.52
N GLN C 507 10.32 10.93 15.59
CA GLN C 507 10.73 10.31 16.85
C GLN C 507 9.59 9.51 17.49
N ILE C 508 8.38 10.03 17.40
CA ILE C 508 7.25 9.33 17.99
C ILE C 508 6.83 8.14 17.13
N SER C 509 7.04 8.21 15.81
CA SER C 509 6.84 7.02 14.99
C SER C 509 7.87 5.93 15.28
N LEU C 510 9.13 6.30 15.54
CA LEU C 510 10.14 5.30 15.91
C LEU C 510 9.81 4.68 17.25
N GLY C 511 9.35 5.51 18.21
CA GLY C 511 8.93 5.00 19.50
C GLY C 511 7.73 4.08 19.42
N ARG C 512 6.85 4.29 18.45
CA ARG C 512 5.72 3.39 18.26
C ARG C 512 6.07 2.15 17.46
N MET C 513 7.23 2.12 16.77
CA MET C 513 7.69 0.87 16.19
C MET C 513 8.58 0.04 17.10
N LEU C 514 9.15 0.64 18.15
CA LEU C 514 9.98 -0.12 19.09
C LEU C 514 9.19 -1.20 19.81
N LEU C 515 7.92 -0.94 20.12
CA LEU C 515 7.11 -1.95 20.80
C LEU C 515 6.78 -3.12 19.87
N ASP C 516 6.82 -2.88 18.56
CA ASP C 516 6.66 -3.97 17.59
C ASP C 516 7.96 -4.68 17.28
N ILE C 517 9.12 -4.05 17.55
CA ILE C 517 10.38 -4.79 17.49
C ILE C 517 10.52 -5.69 18.71
N LEU C 518 10.11 -5.20 19.89
CA LEU C 518 10.28 -5.97 21.12
C LEU C 518 9.41 -7.22 21.17
N LYS C 519 8.34 -7.29 20.37
CA LYS C 519 7.61 -8.53 20.22
C LYS C 519 8.39 -9.54 19.38
N PHE C 520 9.32 -9.06 18.56
CA PHE C 520 10.09 -9.91 17.66
C PHE C 520 11.41 -10.38 18.26
N LEU C 521 12.02 -9.57 19.12
CA LEU C 521 13.27 -9.96 19.76
C LEU C 521 13.10 -11.11 20.73
N PHE C 522 11.89 -11.36 21.21
CA PHE C 522 11.65 -12.54 22.05
C PHE C 522 11.78 -13.82 21.23
N ILE C 523 11.20 -13.80 20.03
CA ILE C 523 11.26 -14.95 19.13
C ILE C 523 12.69 -15.18 18.64
N TYR C 524 13.38 -14.09 18.27
CA TYR C 524 14.79 -14.20 17.89
C TYR C 524 15.66 -14.69 19.04
N CYS C 525 15.37 -14.25 20.27
CA CYS C 525 16.14 -14.74 21.41
C CYS C 525 15.89 -16.21 21.72
N LEU C 526 14.72 -16.66 21.26
CA LEU C 526 14.26 -18.05 21.28
C LEU C 526 15.11 -18.87 20.34
N VAL C 527 15.45 -18.27 19.23
CA VAL C 527 16.32 -18.86 18.20
C VAL C 527 17.78 -18.88 18.67
N LEU C 528 18.28 -17.79 19.18
CA LEU C 528 19.65 -17.82 19.53
C LEU C 528 19.82 -18.91 20.57
N LEU C 529 18.89 -19.02 21.51
CA LEU C 529 19.03 -20.02 22.56
C LEU C 529 19.08 -21.41 22.01
N ALA C 530 18.19 -21.67 21.08
CA ALA C 530 18.19 -22.94 20.37
C ALA C 530 19.55 -23.27 19.78
N PHE C 531 20.09 -22.37 18.97
CA PHE C 531 21.37 -22.66 18.34
C PHE C 531 22.54 -22.59 19.30
N ALA C 532 22.43 -21.82 20.39
CA ALA C 532 23.48 -21.84 21.40
C ALA C 532 23.45 -23.13 22.20
N ASN C 533 22.25 -23.68 22.42
CA ASN C 533 22.13 -25.00 23.04
C ASN C 533 22.80 -26.06 22.16
N GLY C 534 22.54 -26.01 20.85
CA GLY C 534 23.13 -27.00 19.97
C GLY C 534 24.63 -26.87 19.82
N LEU C 535 25.12 -25.64 19.62
CA LEU C 535 26.55 -25.46 19.39
C LEU C 535 27.37 -25.63 20.66
N ASN C 536 26.83 -25.22 21.82
CA ASN C 536 27.49 -25.54 23.09
C ASN C 536 27.53 -27.04 23.31
N GLN C 537 26.43 -27.73 22.97
CA GLN C 537 26.37 -29.17 23.15
C GLN C 537 27.35 -29.89 22.24
N LEU C 538 27.61 -29.34 21.06
CA LEU C 538 28.54 -30.00 20.17
C LEU C 538 30.00 -29.67 20.48
N TYR C 539 30.28 -28.44 20.91
CA TYR C 539 31.66 -28.00 21.08
C TYR C 539 32.11 -27.87 22.53
N PHE C 540 31.36 -28.39 23.50
CA PHE C 540 31.84 -28.21 24.86
C PHE C 540 32.98 -29.16 25.21
N TYR C 541 33.24 -30.16 24.37
CA TYR C 541 34.34 -31.09 24.57
C TYR C 541 35.70 -30.51 24.22
N TYR C 542 35.76 -29.32 23.64
CA TYR C 542 36.96 -28.81 23.02
C TYR C 542 37.41 -27.50 23.66
N GLU C 543 37.15 -27.32 24.96
CA GLU C 543 37.66 -26.16 25.66
C GLU C 543 39.17 -26.26 25.80
N THR C 544 39.84 -25.15 25.52
CA THR C 544 41.28 -25.05 25.68
C THR C 544 41.57 -23.96 26.71
N ARG C 545 42.60 -24.17 27.52
CA ARG C 545 42.97 -23.16 28.51
C ARG C 545 43.55 -21.94 27.81
N ALA C 546 43.52 -20.81 28.52
CA ALA C 546 43.98 -19.55 27.96
C ALA C 546 45.49 -19.51 27.75
N ILE C 547 46.23 -20.38 28.41
CA ILE C 547 47.68 -20.43 28.24
C ILE C 547 48.04 -21.01 26.87
N ASP C 548 47.18 -21.87 26.32
CA ASP C 548 47.48 -22.60 25.10
C ASP C 548 47.37 -21.74 23.84
N GLU C 549 46.77 -20.57 23.91
CA GLU C 549 46.65 -19.70 22.75
C GLU C 549 47.66 -18.56 22.86
N PRO C 550 48.00 -17.90 21.74
CA PRO C 550 48.92 -16.75 21.84
C PRO C 550 48.29 -15.57 22.56
N ASN C 551 49.16 -14.77 23.19
CA ASN C 551 48.85 -13.56 23.96
C ASN C 551 47.96 -13.82 25.18
N ASN C 552 47.82 -15.09 25.58
CA ASN C 552 47.07 -15.53 26.76
C ASN C 552 45.61 -15.04 26.68
N CYS C 553 45.00 -15.23 25.52
CA CYS C 553 43.69 -14.68 25.23
C CYS C 553 42.75 -15.82 24.88
N LYS C 554 41.55 -15.80 25.46
CA LYS C 554 40.56 -16.84 25.29
C LYS C 554 39.26 -16.23 24.75
N GLY C 555 38.56 -16.99 23.91
CA GLY C 555 37.27 -16.57 23.42
C GLY C 555 37.38 -15.66 22.22
N ILE C 556 36.25 -15.03 21.90
CA ILE C 556 36.19 -13.93 20.96
C ILE C 556 36.64 -12.70 21.72
N ARG C 557 36.80 -11.56 21.03
CA ARG C 557 37.54 -10.38 21.46
C ARG C 557 39.01 -10.72 21.65
N CYS C 558 39.53 -11.59 20.77
CA CYS C 558 40.95 -11.86 20.60
C CYS C 558 41.30 -11.66 19.13
N GLU C 559 42.60 -11.50 18.85
CA GLU C 559 43.05 -11.49 17.47
C GLU C 559 42.84 -12.85 16.82
N LYS C 560 43.02 -13.91 17.59
CA LYS C 560 42.73 -15.29 17.19
C LYS C 560 41.45 -15.70 17.90
N GLN C 561 40.36 -15.81 17.13
CA GLN C 561 39.06 -16.20 17.66
C GLN C 561 39.08 -17.70 17.91
N ASN C 562 39.24 -18.09 19.17
CA ASN C 562 39.68 -19.44 19.50
C ASN C 562 38.59 -20.32 20.12
N ASN C 563 37.93 -19.88 21.20
CA ASN C 563 36.93 -20.71 21.88
C ASN C 563 35.65 -19.90 21.98
N ALA C 564 34.83 -19.98 20.94
CA ALA C 564 33.57 -19.27 20.94
C ALA C 564 32.42 -20.16 21.39
N PHE C 565 32.41 -21.42 21.01
CA PHE C 565 31.32 -22.31 21.35
C PHE C 565 31.68 -23.19 22.54
N SER C 566 32.52 -22.69 23.44
CA SER C 566 33.01 -23.47 24.57
C SER C 566 32.02 -23.47 25.72
N THR C 567 31.69 -22.29 26.23
CA THR C 567 30.68 -22.15 27.28
C THR C 567 29.39 -21.60 26.68
N LEU C 568 28.34 -21.57 27.49
CA LEU C 568 27.04 -21.13 27.00
C LEU C 568 26.99 -19.62 26.83
N PHE C 569 27.63 -18.88 27.72
CA PHE C 569 27.63 -17.43 27.64
C PHE C 569 28.45 -16.97 26.45
N GLU C 570 29.56 -17.65 26.18
CA GLU C 570 30.41 -17.31 25.05
C GLU C 570 29.77 -17.73 23.74
N THR C 571 28.88 -18.74 23.79
CA THR C 571 28.18 -19.17 22.58
C THR C 571 27.03 -18.22 22.24
N LEU C 572 26.31 -17.76 23.27
CA LEU C 572 25.30 -16.72 23.07
C LEU C 572 25.94 -15.44 22.55
N GLN C 573 27.13 -15.13 23.04
CA GLN C 573 27.84 -13.98 22.52
C GLN C 573 28.22 -14.24 21.09
N SER C 574 28.73 -15.42 20.83
CA SER C 574 29.22 -15.75 19.49
C SER C 574 28.12 -15.64 18.45
N LEU C 575 26.95 -16.20 18.74
CA LEU C 575 25.84 -16.11 17.81
C LEU C 575 25.23 -14.72 17.78
N PHE C 576 25.46 -13.91 18.81
CA PHE C 576 25.11 -12.51 18.70
C PHE C 576 26.01 -11.79 17.70
N TRP C 577 27.32 -12.00 17.80
CA TRP C 577 28.22 -11.24 16.94
C TRP C 577 28.24 -11.70 15.50
N SER C 578 27.63 -12.84 15.18
CA SER C 578 27.61 -13.32 13.81
C SER C 578 26.45 -12.75 12.99
N VAL C 579 25.52 -12.04 13.62
CA VAL C 579 24.50 -11.29 12.87
C VAL C 579 25.17 -10.21 12.05
N PHE C 580 26.20 -9.61 12.62
CA PHE C 580 27.06 -8.67 11.93
C PHE C 580 28.27 -9.48 11.44
N GLY C 581 29.01 -8.92 10.51
CA GLY C 581 30.08 -9.72 9.93
C GLY C 581 31.33 -9.87 10.77
N LEU C 582 31.19 -10.23 12.04
CA LEU C 582 32.30 -10.13 12.99
C LEU C 582 32.82 -11.47 13.50
N LEU C 583 32.16 -12.58 13.22
CA LEU C 583 32.85 -13.85 13.37
C LEU C 583 33.54 -14.24 12.07
N ASN C 584 34.22 -15.37 12.12
CA ASN C 584 34.97 -15.91 11.00
C ASN C 584 34.69 -17.40 10.92
N LEU C 585 35.07 -18.01 9.81
CA LEU C 585 34.81 -19.43 9.67
C LEU C 585 35.86 -20.28 10.39
N TYR C 586 36.99 -19.71 10.79
CA TYR C 586 37.93 -20.49 11.57
C TYR C 586 37.47 -20.71 13.00
N VAL C 587 36.39 -20.03 13.42
CA VAL C 587 35.79 -20.22 14.73
C VAL C 587 35.27 -21.64 14.92
N THR C 588 34.62 -22.21 13.91
CA THR C 588 33.94 -23.49 14.06
C THR C 588 34.87 -24.70 14.00
N ASN C 589 36.18 -24.49 13.95
CA ASN C 589 37.14 -25.58 13.99
C ASN C 589 37.47 -25.98 15.41
N VAL C 590 38.04 -27.18 15.53
CA VAL C 590 38.66 -27.62 16.77
C VAL C 590 40.12 -27.94 16.45
N LYS C 591 40.94 -28.01 17.50
CA LYS C 591 42.33 -28.39 17.32
C LYS C 591 42.46 -29.86 16.95
N ALA C 592 41.48 -30.68 17.33
CA ALA C 592 41.58 -32.13 17.21
C ALA C 592 41.26 -32.65 15.81
N ARG C 593 40.93 -31.77 14.86
CA ARG C 593 40.74 -32.09 13.44
C ARG C 593 39.63 -33.11 13.20
N HIS C 594 38.48 -32.93 13.86
CA HIS C 594 37.33 -33.81 13.63
C HIS C 594 36.44 -33.20 12.56
N GLU C 595 36.55 -33.72 11.33
CA GLU C 595 35.93 -33.07 10.20
C GLU C 595 34.42 -33.25 10.16
N PHE C 596 33.89 -34.31 10.78
CA PHE C 596 32.44 -34.49 10.78
C PHE C 596 31.77 -33.53 11.75
N THR C 597 32.31 -33.41 12.97
CA THR C 597 31.72 -32.49 13.93
C THR C 597 31.97 -31.04 13.57
N GLU C 598 33.10 -30.73 12.93
CA GLU C 598 33.31 -29.38 12.43
C GLU C 598 32.38 -29.08 11.27
N PHE C 599 32.07 -30.08 10.44
CA PHE C 599 31.14 -29.85 9.35
C PHE C 599 29.72 -29.67 9.85
N VAL C 600 29.29 -30.52 10.80
CA VAL C 600 27.95 -30.42 11.38
C VAL C 600 27.80 -29.09 12.12
N GLY C 601 28.85 -28.67 12.83
CA GLY C 601 28.81 -27.37 13.49
C GLY C 601 28.77 -26.21 12.52
N ALA C 602 29.44 -26.35 11.37
CA ALA C 602 29.37 -25.30 10.36
C ALA C 602 28.02 -25.27 9.65
N THR C 603 27.32 -26.39 9.59
CA THR C 603 25.99 -26.38 9.01
C THR C 603 24.97 -25.82 9.98
N MET C 604 25.18 -26.06 11.27
CA MET C 604 24.37 -25.43 12.31
C MET C 604 24.58 -23.91 12.33
N PHE C 605 25.83 -23.48 12.17
CA PHE C 605 26.11 -22.05 12.06
C PHE C 605 25.57 -21.46 10.77
N GLY C 606 25.55 -22.25 9.69
CA GLY C 606 25.00 -21.78 8.44
C GLY C 606 23.49 -21.62 8.48
N THR C 607 22.79 -22.58 9.09
CA THR C 607 21.34 -22.44 9.23
C THR C 607 20.97 -21.35 10.22
N TYR C 608 21.81 -21.10 11.23
CA TYR C 608 21.60 -19.90 12.04
C TYR C 608 21.74 -18.64 11.22
N ASN C 609 22.69 -18.60 10.29
CA ASN C 609 22.86 -17.41 9.47
C ASN C 609 21.71 -17.22 8.49
N VAL C 610 21.16 -18.32 7.95
CA VAL C 610 20.02 -18.22 7.04
C VAL C 610 18.76 -17.80 7.79
N ILE C 611 18.51 -18.41 8.94
CA ILE C 611 17.31 -18.08 9.72
C ILE C 611 17.39 -16.66 10.26
N SER C 612 18.52 -16.30 10.86
CA SER C 612 18.61 -15.00 11.52
C SER C 612 18.78 -13.86 10.52
N LEU C 613 19.58 -14.07 9.46
CA LEU C 613 19.93 -12.94 8.60
C LEU C 613 19.05 -12.81 7.37
N VAL C 614 18.66 -13.90 6.75
CA VAL C 614 17.86 -13.86 5.54
C VAL C 614 16.37 -13.90 5.86
N VAL C 615 15.97 -14.78 6.77
CA VAL C 615 14.55 -14.95 7.07
C VAL C 615 14.08 -13.89 8.07
N LEU C 616 14.61 -13.92 9.30
CA LEU C 616 14.04 -13.13 10.39
C LEU C 616 14.31 -11.64 10.24
N LEU C 617 15.46 -11.26 9.72
CA LEU C 617 15.78 -9.84 9.57
C LEU C 617 14.87 -9.18 8.54
N ASN C 618 14.63 -9.85 7.42
CA ASN C 618 13.79 -9.29 6.39
C ASN C 618 12.31 -9.39 6.74
N MET C 619 11.93 -10.38 7.55
CA MET C 619 10.59 -10.39 8.12
C MET C 619 10.39 -9.26 9.11
N LEU C 620 11.46 -8.86 9.81
CA LEU C 620 11.41 -7.66 10.63
C LEU C 620 11.30 -6.40 9.78
N ILE C 621 11.91 -6.41 8.60
CA ILE C 621 11.79 -5.27 7.67
C ILE C 621 10.36 -5.14 7.18
N ALA C 622 9.75 -6.24 6.73
CA ALA C 622 8.36 -6.22 6.29
C ALA C 622 7.41 -5.88 7.43
N MET C 623 7.74 -6.35 8.64
CA MET C 623 6.97 -6.02 9.83
C MET C 623 6.98 -4.54 10.13
N MET C 624 8.13 -3.89 9.97
CA MET C 624 8.18 -2.47 10.22
C MET C 624 7.67 -1.64 9.06
N ASN C 625 7.63 -2.18 7.85
CA ASN C 625 6.88 -1.51 6.79
C ASN C 625 5.40 -1.46 7.11
N ASN C 626 4.83 -2.62 7.45
CA ASN C 626 3.40 -2.66 7.71
C ASN C 626 3.03 -1.96 9.00
N SER C 627 3.94 -1.90 9.98
CA SER C 627 3.63 -1.11 11.16
C SER C 627 3.80 0.38 10.90
N TYR C 628 4.82 0.76 10.12
CA TYR C 628 5.06 2.17 9.87
C TYR C 628 3.98 2.79 9.01
N GLN C 629 3.35 2.00 8.13
CA GLN C 629 2.21 2.54 7.37
C GLN C 629 1.01 2.80 8.27
N LEU C 630 0.78 1.96 9.27
CA LEU C 630 -0.32 2.19 10.20
C LEU C 630 -0.02 3.34 11.15
N ILE C 631 1.23 3.50 11.55
CA ILE C 631 1.60 4.55 12.48
C ILE C 631 1.61 5.90 11.79
N ALA C 632 2.05 5.95 10.54
CA ALA C 632 2.20 7.23 9.83
C ALA C 632 0.88 7.86 9.41
N ASP C 633 -0.27 7.23 9.64
CA ASP C 633 -1.55 7.91 9.43
C ASP C 633 -1.98 8.67 10.67
N HIS C 634 -1.88 8.05 11.85
CA HIS C 634 -2.19 8.70 13.11
C HIS C 634 -1.08 9.60 13.63
N ALA C 635 0.03 9.73 12.91
CA ALA C 635 1.02 10.74 13.25
C ALA C 635 0.46 12.14 12.99
N ASP C 636 1.06 13.13 13.64
CA ASP C 636 0.71 14.55 13.77
C ASP C 636 -0.51 14.78 14.67
N ILE C 637 -1.14 13.75 15.21
CA ILE C 637 -2.06 13.95 16.32
C ILE C 637 -1.51 13.11 17.47
N GLU C 638 -0.78 12.06 17.11
CA GLU C 638 0.00 11.34 18.09
C GLU C 638 1.21 12.16 18.52
N TRP C 639 1.79 12.91 17.56
CA TRP C 639 2.88 13.82 17.88
C TRP C 639 2.43 15.00 18.73
N LYS C 640 1.27 15.60 18.40
CA LYS C 640 0.85 16.80 19.12
C LYS C 640 0.39 16.48 20.52
N PHE C 641 -0.05 15.26 20.78
CA PHE C 641 -0.41 14.87 22.15
C PHE C 641 0.83 14.85 23.03
N ALA C 642 1.92 14.29 22.52
CA ALA C 642 3.18 14.27 23.27
C ALA C 642 3.80 15.66 23.34
N ARG C 643 3.57 16.50 22.34
CA ARG C 643 4.09 17.85 22.39
C ARG C 643 3.32 18.68 23.41
N THR C 644 2.01 18.42 23.59
CA THR C 644 1.28 19.09 24.64
C THR C 644 1.56 18.52 26.02
N LYS C 645 2.00 17.27 26.11
CA LYS C 645 2.49 16.78 27.39
C LYS C 645 3.82 17.43 27.75
N LEU C 646 4.71 17.59 26.76
CA LEU C 646 5.99 18.26 27.01
C LEU C 646 5.78 19.74 27.31
N TRP C 647 4.90 20.40 26.56
CA TRP C 647 4.57 21.79 26.84
C TRP C 647 3.94 21.96 28.20
N MET C 648 2.99 21.10 28.52
CA MET C 648 2.20 21.26 29.73
C MET C 648 2.96 20.78 30.96
N SER C 649 4.11 20.14 30.78
CA SER C 649 5.01 19.91 31.90
C SER C 649 5.72 21.18 32.37
N TYR C 650 5.82 22.20 31.52
CA TYR C 650 6.50 23.43 31.88
C TYR C 650 5.55 24.55 32.28
N PHE C 651 4.28 24.24 32.52
CA PHE C 651 3.33 25.26 32.97
C PHE C 651 3.27 25.36 34.49
N ASP C 652 3.84 24.40 35.22
CA ASP C 652 3.64 24.32 36.65
C ASP C 652 4.51 25.34 37.39
N GLU C 653 4.29 25.39 38.71
CA GLU C 653 4.98 26.37 39.54
C GLU C 653 6.45 26.01 39.73
N GLY C 654 6.79 24.73 39.64
CA GLY C 654 8.14 24.29 39.91
C GLY C 654 9.10 24.50 38.76
N GLY C 655 9.48 25.75 38.53
CA GLY C 655 10.36 26.09 37.43
C GLY C 655 11.83 26.15 37.79
N THR C 656 12.20 25.69 38.97
CA THR C 656 13.59 25.77 39.42
C THR C 656 14.48 24.80 38.64
N LEU C 657 15.67 25.25 38.23
CA LEU C 657 16.58 24.40 37.41
C LEU C 657 17.37 23.25 38.11
N PRO C 658 17.84 22.37 37.22
CA PRO C 658 18.60 21.15 37.49
C PRO C 658 20.06 21.33 37.19
N PRO C 659 20.46 22.55 36.86
CA PRO C 659 21.87 22.83 36.61
C PRO C 659 22.62 22.79 37.94
N PRO C 660 21.84 22.75 39.04
CA PRO C 660 22.16 22.69 40.47
C PRO C 660 21.46 23.79 41.26
N PHE C 661 20.84 24.69 40.50
CA PHE C 661 20.08 25.82 41.02
C PHE C 661 18.79 25.28 41.68
N ASN C 662 18.61 23.98 41.54
CA ASN C 662 17.50 23.21 42.01
C ASN C 662 17.63 22.88 43.49
N ILE C 663 18.59 23.50 44.19
CA ILE C 663 18.80 23.17 45.58
C ILE C 663 18.96 24.43 46.42
N LEU C 707 -20.34 28.35 41.24
CA LEU C 707 -21.62 28.17 40.55
C LEU C 707 -21.69 29.03 39.30
N ILE C 708 -20.97 30.16 39.31
CA ILE C 708 -20.95 31.06 38.16
C ILE C 708 -20.21 30.40 37.00
N GLN C 709 -19.12 29.68 37.30
CA GLN C 709 -18.37 28.95 36.30
C GLN C 709 -19.20 27.83 35.67
N ASN C 710 -20.04 27.19 36.47
CA ASN C 710 -20.90 26.14 35.93
C ASN C 710 -22.05 26.73 35.11
N GLN C 711 -22.54 27.92 35.46
CA GLN C 711 -23.57 28.55 34.65
C GLN C 711 -23.02 29.00 33.30
N HIS C 712 -21.81 29.57 33.30
CA HIS C 712 -21.17 29.92 32.03
C HIS C 712 -20.83 28.68 31.22
N TYR C 713 -20.46 27.59 31.89
CA TYR C 713 -20.07 26.38 31.18
C TYR C 713 -21.28 25.68 30.57
N GLN C 714 -22.41 25.64 31.28
CA GLN C 714 -23.62 25.10 30.68
C GLN C 714 -24.14 26.03 29.58
N GLU C 715 -23.90 27.34 29.73
CA GLU C 715 -24.28 28.29 28.70
C GLU C 715 -23.46 28.10 27.42
N VAL C 716 -22.21 27.65 27.54
CA VAL C 716 -21.42 27.34 26.35
C VAL C 716 -21.78 25.96 25.79
N ILE C 717 -21.91 24.97 26.67
CA ILE C 717 -22.21 23.59 26.29
C ILE C 717 -23.55 23.47 25.57
N ARG C 718 -24.54 24.26 25.98
CA ARG C 718 -25.84 24.25 25.29
C ARG C 718 -25.72 24.72 23.84
N ASN C 719 -24.91 25.74 23.60
CA ASN C 719 -24.69 26.24 22.24
C ASN C 719 -23.89 25.23 21.41
N LEU C 720 -22.89 24.59 22.03
CA LEU C 720 -22.07 23.63 21.31
C LEU C 720 -22.85 22.38 20.95
N VAL C 721 -23.70 21.92 21.84
CA VAL C 721 -24.56 20.78 21.56
C VAL C 721 -25.57 21.12 20.46
N LYS C 722 -26.12 22.34 20.52
CA LYS C 722 -27.15 22.72 19.55
C LYS C 722 -26.58 22.86 18.14
N ARG C 723 -25.45 23.56 18.01
CA ARG C 723 -24.87 23.67 16.67
C ARG C 723 -24.11 22.42 16.25
N TYR C 724 -23.69 21.59 17.21
CA TYR C 724 -23.14 20.27 16.88
C TYR C 724 -24.19 19.39 16.22
N VAL C 725 -25.37 19.28 16.86
CA VAL C 725 -26.42 18.42 16.35
C VAL C 725 -26.97 18.96 15.03
N ALA C 726 -27.02 20.29 14.89
CA ALA C 726 -27.38 20.88 13.60
C ALA C 726 -26.36 20.55 12.52
N ALA C 727 -25.06 20.56 12.87
CA ALA C 727 -24.03 20.20 11.92
C ALA C 727 -24.07 18.72 11.56
N MET C 728 -24.49 17.87 12.50
CA MET C 728 -24.50 16.43 12.23
C MET C 728 -25.69 16.02 11.37
N ILE C 729 -26.86 16.64 11.59
CA ILE C 729 -27.99 16.38 10.70
C ILE C 729 -27.74 16.98 9.32
N ARG C 730 -27.05 18.13 9.27
CA ARG C 730 -26.59 18.68 7.99
C ARG C 730 -25.65 17.72 7.27
N ASN C 731 -24.69 17.14 7.99
CA ASN C 731 -23.78 16.18 7.38
C ASN C 731 -24.47 14.88 7.00
N SER C 732 -25.53 14.49 7.72
CA SER C 732 -26.27 13.31 7.31
C SER C 732 -27.11 13.59 6.08
N LYS C 733 -27.54 14.84 5.87
CA LYS C 733 -28.25 15.14 4.65
C LYS C 733 -27.31 15.21 3.45
N THR C 734 -26.10 15.74 3.64
CA THR C 734 -25.17 15.84 2.52
C THR C 734 -24.52 14.48 2.19
N ASN C 735 -24.08 13.75 3.21
CA ASN C 735 -23.15 12.65 2.97
C ASN C 735 -23.81 11.28 2.88
N GLU C 736 -25.08 11.14 3.20
CA GLU C 736 -25.74 9.84 3.07
C GLU C 736 -26.11 9.58 1.62
N GLY C 737 -25.59 8.49 1.07
CA GLY C 737 -25.97 8.09 -0.27
C GLY C 737 -27.34 7.41 -0.29
N LEU C 738 -27.99 7.48 -1.44
CA LEU C 738 -29.33 6.90 -1.56
C LEU C 738 -29.26 5.38 -1.64
N THR C 739 -30.33 4.75 -1.17
CA THR C 739 -30.40 3.30 -1.04
C THR C 739 -31.74 2.80 -1.55
N GLU C 740 -31.95 1.48 -1.42
CA GLU C 740 -33.11 0.84 -2.03
C GLU C 740 -34.41 1.21 -1.31
N GLU C 741 -34.37 1.39 0.01
CA GLU C 741 -35.59 1.72 0.74
C GLU C 741 -36.08 3.13 0.42
N ASN C 742 -35.16 4.06 0.14
CA ASN C 742 -35.53 5.38 -0.36
C ASN C 742 -36.18 5.29 -1.74
N PHE C 743 -35.77 4.31 -2.54
CA PHE C 743 -36.44 4.06 -3.81
C PHE C 743 -37.86 3.51 -3.59
N LYS C 744 -38.03 2.64 -2.58
CA LYS C 744 -39.36 2.12 -2.29
C LYS C 744 -40.29 3.20 -1.75
N GLU C 745 -39.75 4.23 -1.10
CA GLU C 745 -40.60 5.31 -0.58
C GLU C 745 -41.17 6.16 -1.72
N LEU C 746 -40.34 6.53 -2.69
CA LEU C 746 -40.83 7.21 -3.88
C LEU C 746 -41.79 6.35 -4.69
N LYS C 747 -41.50 5.05 -4.78
CA LYS C 747 -42.36 4.15 -5.53
C LYS C 747 -43.74 4.03 -4.88
N GLN C 748 -43.80 4.05 -3.55
CA GLN C 748 -45.09 4.00 -2.88
C GLN C 748 -45.79 5.35 -2.92
N ASP C 749 -45.03 6.45 -2.97
CA ASP C 749 -45.68 7.76 -3.05
C ASP C 749 -46.37 7.95 -4.41
N ILE C 750 -45.68 7.57 -5.48
CA ILE C 750 -46.28 7.68 -6.81
C ILE C 750 -47.38 6.63 -6.98
N SER C 751 -47.19 5.45 -6.39
CA SER C 751 -48.20 4.39 -6.50
C SER C 751 -49.46 4.74 -5.71
N SER C 752 -49.29 5.23 -4.48
CA SER C 752 -50.43 5.56 -3.64
C SER C 752 -51.18 6.77 -4.17
N PHE C 753 -50.44 7.77 -4.66
CA PHE C 753 -51.06 8.91 -5.30
C PHE C 753 -51.77 8.50 -6.59
N ARG C 754 -51.23 7.48 -7.28
CA ARG C 754 -51.89 6.95 -8.46
C ARG C 754 -53.23 6.30 -8.12
N TYR C 755 -53.24 5.40 -7.14
CA TYR C 755 -54.50 4.75 -6.78
C TYR C 755 -55.49 5.72 -6.15
N GLU C 756 -55.00 6.80 -5.53
CA GLU C 756 -55.91 7.76 -4.95
C GLU C 756 -56.58 8.62 -6.03
N VAL C 757 -55.82 9.01 -7.06
CA VAL C 757 -56.41 9.77 -8.16
C VAL C 757 -57.34 8.88 -8.99
N LEU C 758 -56.96 7.62 -9.21
CA LEU C 758 -57.84 6.69 -9.91
C LEU C 758 -59.11 6.38 -9.12
N ASP C 759 -59.02 6.39 -7.79
CA ASP C 759 -60.22 6.20 -6.98
C ASP C 759 -61.07 7.47 -6.88
N LEU C 760 -60.50 8.65 -7.07
CA LEU C 760 -61.36 9.83 -7.15
C LEU C 760 -62.02 9.95 -8.52
N LEU C 761 -61.34 9.54 -9.59
CA LEU C 761 -61.89 9.68 -10.93
C LEU C 761 -62.70 8.47 -11.37
N GLY C 762 -62.84 7.47 -10.51
CA GLY C 762 -63.63 6.29 -10.85
C GLY C 762 -64.94 6.21 -10.09
N LEU D 29 -36.86 -2.96 -39.26
CA LEU D 29 -38.14 -2.73 -38.58
C LEU D 29 -39.02 -1.73 -39.32
N SER D 30 -40.32 -1.98 -39.30
CA SER D 30 -41.27 -1.04 -39.86
C SER D 30 -41.43 0.16 -38.95
N ALA D 31 -41.98 1.25 -39.50
CA ALA D 31 -42.23 2.44 -38.71
C ALA D 31 -43.36 2.22 -37.72
N GLU D 32 -44.33 1.38 -38.05
CA GLU D 32 -45.39 1.04 -37.11
C GLU D 32 -44.93 0.05 -36.06
N GLU D 33 -43.95 -0.80 -36.40
CA GLU D 33 -43.35 -1.69 -35.41
C GLU D 33 -42.53 -0.90 -34.41
N LYS D 34 -41.80 0.12 -34.89
CA LYS D 34 -41.10 1.03 -34.00
C LYS D 34 -42.07 1.92 -33.22
N ALA D 35 -43.25 2.19 -33.79
CA ALA D 35 -44.26 2.92 -33.05
C ALA D 35 -44.86 2.06 -31.94
N PHE D 36 -44.95 0.74 -32.15
CA PHE D 36 -45.43 -0.15 -31.10
C PHE D 36 -44.36 -0.36 -30.03
N LEU D 37 -43.10 -0.52 -30.43
CA LEU D 37 -42.04 -0.71 -29.47
C LEU D 37 -41.64 0.58 -28.77
N SER D 38 -42.06 1.73 -29.30
CA SER D 38 -41.98 2.99 -28.58
C SER D 38 -43.27 3.32 -27.84
N ALA D 39 -44.37 2.61 -28.13
CA ALA D 39 -45.55 2.71 -27.29
C ALA D 39 -45.30 2.06 -25.94
N VAL D 40 -44.75 0.84 -25.95
CA VAL D 40 -44.11 0.28 -24.76
C VAL D 40 -42.77 0.99 -24.58
N GLU D 41 -42.23 0.92 -23.34
CA GLU D 41 -41.10 1.64 -22.74
C GLU D 41 -41.53 3.07 -22.38
N LYS D 42 -42.75 3.46 -22.71
CA LYS D 42 -43.31 4.72 -22.21
C LYS D 42 -44.46 4.50 -21.25
N GLY D 43 -45.02 3.31 -21.17
CA GLY D 43 -46.06 3.03 -20.20
C GLY D 43 -47.48 3.22 -20.68
N ASP D 44 -47.70 3.27 -22.00
CA ASP D 44 -49.04 3.39 -22.54
C ASP D 44 -49.87 2.16 -22.26
N TYR D 45 -51.10 2.36 -21.81
CA TYR D 45 -52.09 1.30 -21.80
C TYR D 45 -53.14 1.50 -22.88
N ALA D 46 -53.11 2.64 -23.57
CA ALA D 46 -54.07 2.92 -24.64
C ALA D 46 -53.53 2.53 -26.01
N THR D 47 -52.37 3.10 -26.40
CA THR D 47 -51.86 2.85 -27.74
C THR D 47 -51.29 1.45 -27.88
N VAL D 48 -50.82 0.87 -26.79
CA VAL D 48 -50.38 -0.53 -26.82
C VAL D 48 -51.58 -1.45 -27.03
N LYS D 49 -52.68 -1.18 -26.32
CA LYS D 49 -53.88 -1.99 -26.46
C LYS D 49 -54.54 -1.78 -27.82
N GLN D 50 -54.47 -0.55 -28.35
CA GLN D 50 -54.98 -0.30 -29.69
C GLN D 50 -54.14 -0.99 -30.76
N ALA D 51 -52.82 -1.04 -30.55
CA ALA D 51 -51.98 -1.77 -31.50
C ALA D 51 -52.17 -3.28 -31.40
N LEU D 52 -52.46 -3.79 -30.20
CA LEU D 52 -52.71 -5.22 -30.04
C LEU D 52 -54.10 -5.64 -30.48
N GLN D 53 -55.04 -4.70 -30.56
CA GLN D 53 -56.34 -4.98 -31.15
C GLN D 53 -56.34 -4.77 -32.66
N GLU D 54 -55.48 -3.89 -33.17
CA GLU D 54 -55.31 -3.81 -34.62
C GLU D 54 -54.49 -4.98 -35.16
N ALA D 55 -53.63 -5.57 -34.32
CA ALA D 55 -52.88 -6.75 -34.74
C ALA D 55 -53.80 -7.95 -34.98
N GLU D 56 -54.90 -8.04 -34.24
CA GLU D 56 -55.86 -9.12 -34.47
C GLU D 56 -56.64 -8.92 -35.76
N ILE D 57 -57.05 -7.68 -36.04
CA ILE D 57 -57.91 -7.40 -37.19
C ILE D 57 -57.11 -7.49 -38.48
N TYR D 58 -55.98 -6.78 -38.54
CA TYR D 58 -55.10 -6.81 -39.69
C TYR D 58 -53.72 -7.31 -39.30
N TYR D 59 -53.06 -7.99 -40.23
CA TYR D 59 -51.68 -8.45 -40.04
C TYR D 59 -50.72 -7.34 -40.43
N ASN D 60 -50.78 -6.25 -39.65
CA ASN D 60 -50.02 -5.04 -39.92
C ASN D 60 -48.71 -5.00 -39.15
N VAL D 61 -48.74 -5.35 -37.87
CA VAL D 61 -47.56 -5.37 -37.01
C VAL D 61 -47.51 -6.71 -36.31
N ASN D 62 -46.38 -7.39 -36.39
CA ASN D 62 -46.18 -8.58 -35.58
C ASN D 62 -45.84 -8.17 -34.15
N ILE D 63 -46.50 -8.82 -33.19
CA ILE D 63 -46.28 -8.48 -31.79
C ILE D 63 -44.89 -8.93 -31.36
N ASN D 64 -44.40 -10.04 -31.91
CA ASN D 64 -43.05 -10.53 -31.63
C ASN D 64 -42.04 -9.88 -32.55
N CYS D 65 -41.99 -8.55 -32.47
CA CYS D 65 -41.05 -7.76 -33.25
C CYS D 65 -39.91 -7.33 -32.33
N MET D 66 -38.70 -7.55 -32.78
CA MET D 66 -37.52 -7.36 -31.96
C MET D 66 -36.99 -5.94 -32.15
N ASP D 67 -36.28 -5.45 -31.15
CA ASP D 67 -35.44 -4.28 -31.33
C ASP D 67 -34.22 -4.68 -32.16
N PRO D 68 -33.39 -3.71 -32.58
CA PRO D 68 -32.06 -4.08 -33.11
C PRO D 68 -31.10 -4.72 -32.09
N LEU D 69 -31.51 -4.94 -30.83
CA LEU D 69 -30.66 -5.54 -29.80
C LEU D 69 -31.44 -6.64 -29.09
N GLY D 70 -32.05 -7.53 -29.89
CA GLY D 70 -32.98 -8.49 -29.32
C GLY D 70 -34.24 -7.77 -28.91
N ARG D 71 -34.69 -7.99 -27.68
CA ARG D 71 -35.63 -7.11 -26.97
C ARG D 71 -37.01 -7.07 -27.62
N SER D 72 -37.78 -8.15 -27.45
CA SER D 72 -39.20 -8.15 -27.76
C SER D 72 -39.99 -7.19 -26.87
N ALA D 73 -41.25 -6.93 -27.23
CA ALA D 73 -42.09 -6.03 -26.45
C ALA D 73 -42.32 -6.53 -25.03
N LEU D 74 -42.39 -7.86 -24.87
CA LEU D 74 -42.53 -8.45 -23.54
C LEU D 74 -41.30 -8.18 -22.67
N LEU D 75 -40.11 -8.26 -23.26
CA LEU D 75 -38.88 -8.00 -22.50
C LEU D 75 -38.73 -6.53 -22.17
N ILE D 76 -39.24 -5.66 -23.04
CA ILE D 76 -39.30 -4.23 -22.75
C ILE D 76 -40.26 -3.97 -21.60
N ALA D 77 -41.38 -4.68 -21.56
CA ALA D 77 -42.29 -4.59 -20.43
C ALA D 77 -41.80 -5.33 -19.19
N ILE D 78 -40.69 -6.06 -19.27
CA ILE D 78 -40.08 -6.68 -18.11
C ILE D 78 -38.97 -5.83 -17.52
N GLU D 79 -38.12 -5.19 -18.36
CA GLU D 79 -37.07 -4.33 -17.81
C GLU D 79 -37.65 -3.09 -17.15
N ASN D 80 -38.81 -2.63 -17.62
CA ASN D 80 -39.56 -1.61 -16.92
C ASN D 80 -40.68 -2.33 -16.20
N GLU D 81 -40.64 -2.31 -14.87
CA GLU D 81 -41.44 -3.24 -14.06
C GLU D 81 -42.91 -2.81 -14.07
N ASN D 82 -43.56 -3.05 -15.19
CA ASN D 82 -44.96 -2.71 -15.40
C ASN D 82 -45.73 -4.00 -15.65
N LEU D 83 -46.60 -4.36 -14.72
CA LEU D 83 -47.31 -5.62 -14.81
C LEU D 83 -48.56 -5.53 -15.67
N GLU D 84 -49.06 -4.32 -15.93
CA GLU D 84 -50.28 -4.17 -16.73
C GLU D 84 -50.01 -4.40 -18.20
N ILE D 85 -48.87 -3.93 -18.70
CA ILE D 85 -48.48 -4.22 -20.08
C ILE D 85 -48.08 -5.68 -20.22
N MET D 86 -47.56 -6.29 -19.14
CA MET D 86 -47.26 -7.72 -19.18
C MET D 86 -48.53 -8.57 -19.25
N GLU D 87 -49.56 -8.21 -18.47
CA GLU D 87 -50.83 -8.93 -18.57
C GLU D 87 -51.51 -8.66 -19.91
N LEU D 88 -51.37 -7.43 -20.41
CA LEU D 88 -51.99 -7.06 -21.69
C LEU D 88 -51.33 -7.81 -22.85
N LEU D 89 -50.02 -8.03 -22.79
CA LEU D 89 -49.34 -8.81 -23.82
C LEU D 89 -49.63 -10.29 -23.65
N LEU D 90 -49.53 -10.80 -22.42
CA LEU D 90 -49.73 -12.23 -22.19
C LEU D 90 -51.17 -12.68 -22.39
N ASN D 91 -52.13 -11.76 -22.40
CA ASN D 91 -53.47 -12.14 -22.86
C ASN D 91 -53.49 -12.44 -24.35
N HIS D 92 -52.59 -11.85 -25.12
CA HIS D 92 -52.44 -12.18 -26.52
C HIS D 92 -51.42 -13.30 -26.71
N SER D 93 -51.32 -13.79 -27.94
CA SER D 93 -50.44 -14.92 -28.26
C SER D 93 -49.03 -14.40 -28.58
N VAL D 94 -48.39 -13.89 -27.53
CA VAL D 94 -46.99 -13.48 -27.60
C VAL D 94 -46.12 -14.70 -27.36
N TYR D 95 -45.00 -14.78 -28.07
CA TYR D 95 -43.98 -15.79 -27.82
C TYR D 95 -43.34 -15.51 -26.46
N VAL D 96 -43.62 -16.38 -25.47
CA VAL D 96 -43.12 -16.18 -24.12
C VAL D 96 -41.75 -16.84 -23.93
N GLY D 97 -41.27 -17.55 -24.95
CA GLY D 97 -40.08 -18.40 -24.88
C GLY D 97 -38.79 -17.75 -24.43
N ASP D 98 -38.21 -18.34 -23.37
CA ASP D 98 -36.96 -17.91 -22.73
C ASP D 98 -37.00 -16.48 -22.20
N ALA D 99 -38.20 -16.00 -21.84
CA ALA D 99 -38.38 -14.66 -21.30
C ALA D 99 -38.71 -14.66 -19.81
N LEU D 100 -38.91 -15.85 -19.22
CA LEU D 100 -39.07 -15.94 -17.78
C LEU D 100 -37.74 -15.71 -17.06
N LEU D 101 -36.64 -16.10 -17.72
CA LEU D 101 -35.30 -15.92 -17.17
C LEU D 101 -34.95 -14.44 -17.05
N TYR D 102 -35.38 -13.63 -18.01
CA TYR D 102 -35.17 -12.18 -17.95
C TYR D 102 -35.90 -11.57 -16.76
N ALA D 103 -37.07 -12.10 -16.43
CA ALA D 103 -37.78 -11.65 -15.23
C ALA D 103 -37.09 -12.11 -13.97
N ILE D 104 -36.38 -13.25 -14.02
CA ILE D 104 -35.66 -13.67 -12.83
C ILE D 104 -34.38 -12.86 -12.61
N ARG D 105 -33.75 -12.37 -13.71
CA ARG D 105 -32.50 -11.60 -13.59
C ARG D 105 -32.70 -10.33 -12.77
N LYS D 106 -33.79 -9.63 -13.02
CA LYS D 106 -34.03 -8.34 -12.39
C LYS D 106 -34.74 -8.46 -11.06
N GLU D 107 -34.94 -9.68 -10.57
CA GLU D 107 -35.57 -9.97 -9.27
C GLU D 107 -36.99 -9.44 -9.19
N VAL D 108 -37.68 -9.41 -10.33
CA VAL D 108 -39.06 -8.97 -10.38
C VAL D 108 -39.93 -10.13 -9.89
N VAL D 109 -40.97 -9.82 -9.13
CA VAL D 109 -41.86 -10.83 -8.60
C VAL D 109 -43.10 -10.80 -9.49
N GLY D 110 -42.91 -10.32 -10.71
CA GLY D 110 -43.84 -10.52 -11.80
C GLY D 110 -43.49 -11.75 -12.59
N ALA D 111 -42.69 -12.64 -11.98
CA ALA D 111 -42.52 -14.00 -12.44
C ALA D 111 -43.69 -14.89 -12.04
N VAL D 112 -44.59 -14.40 -11.19
CA VAL D 112 -45.82 -15.13 -10.88
C VAL D 112 -46.73 -15.17 -12.10
N GLU D 113 -46.74 -14.09 -12.90
CA GLU D 113 -47.50 -14.09 -14.15
C GLU D 113 -46.90 -15.05 -15.16
N LEU D 114 -45.58 -15.12 -15.23
CA LEU D 114 -44.93 -15.99 -16.20
C LEU D 114 -44.94 -17.45 -15.77
N LEU D 115 -45.13 -17.72 -14.48
CA LEU D 115 -45.40 -19.07 -14.02
C LEU D 115 -46.88 -19.41 -14.02
N LEU D 116 -47.75 -18.41 -14.12
CA LEU D 116 -49.19 -18.65 -14.14
C LEU D 116 -49.64 -19.08 -15.53
N SER D 117 -49.32 -18.29 -16.55
CA SER D 117 -49.73 -18.61 -17.92
C SER D 117 -48.76 -19.60 -18.55
N GLN D 135 -32.92 -17.77 -31.48
CA GLN D 135 -33.49 -16.43 -31.56
C GLN D 135 -32.79 -15.49 -30.60
N PHE D 136 -31.47 -15.48 -30.68
CA PHE D 136 -30.66 -14.63 -29.81
C PHE D 136 -30.98 -14.73 -28.32
N SER D 137 -30.92 -15.93 -27.77
CA SER D 137 -31.14 -16.07 -26.34
C SER D 137 -29.96 -15.35 -25.74
N GLU D 138 -30.07 -14.91 -24.51
CA GLU D 138 -28.97 -14.21 -23.84
C GLU D 138 -28.29 -15.05 -22.75
N PHE D 139 -28.47 -16.38 -22.83
CA PHE D 139 -27.95 -17.35 -21.89
C PHE D 139 -27.46 -18.57 -22.63
N THR D 140 -26.49 -19.26 -22.04
CA THR D 140 -26.17 -20.61 -22.45
C THR D 140 -27.41 -21.48 -22.22
N PRO D 141 -27.79 -22.33 -23.19
CA PRO D 141 -29.06 -23.06 -23.08
C PRO D 141 -29.12 -24.14 -22.00
N ASP D 142 -28.09 -24.28 -21.16
CA ASP D 142 -28.17 -25.14 -19.99
C ASP D 142 -28.98 -24.54 -18.86
N ILE D 143 -29.26 -23.23 -18.91
CA ILE D 143 -29.83 -22.51 -17.77
C ILE D 143 -31.30 -22.87 -17.62
N THR D 144 -31.63 -23.46 -16.48
CA THR D 144 -32.99 -23.64 -15.96
C THR D 144 -33.34 -22.44 -15.10
N PRO D 145 -34.64 -22.19 -14.84
CA PRO D 145 -35.00 -21.03 -14.01
C PRO D 145 -34.50 -21.08 -12.57
N ILE D 146 -34.29 -22.25 -12.00
CA ILE D 146 -33.83 -22.31 -10.62
C ILE D 146 -32.31 -22.10 -10.51
N MET D 147 -31.55 -22.45 -11.56
CA MET D 147 -30.14 -22.11 -11.58
C MET D 147 -29.95 -20.60 -11.62
N LEU D 148 -30.73 -19.92 -12.44
CA LEU D 148 -30.61 -18.47 -12.55
C LEU D 148 -31.19 -17.78 -11.33
N ALA D 149 -32.22 -18.38 -10.72
CA ALA D 149 -32.76 -17.84 -9.47
C ALA D 149 -31.75 -17.94 -8.35
N ALA D 150 -30.97 -19.02 -8.32
CA ALA D 150 -29.89 -19.12 -7.36
C ALA D 150 -28.71 -18.23 -7.72
N HIS D 151 -28.48 -17.95 -8.99
CA HIS D 151 -27.43 -17.00 -9.36
C HIS D 151 -27.79 -15.58 -8.93
N THR D 152 -29.08 -15.26 -8.92
CA THR D 152 -29.49 -13.93 -8.48
C THR D 152 -29.69 -13.83 -6.97
N ASN D 153 -29.74 -14.97 -6.27
CA ASN D 153 -29.77 -15.06 -4.80
C ASN D 153 -31.00 -14.37 -4.20
N ASN D 154 -32.12 -14.39 -4.90
CA ASN D 154 -33.35 -13.80 -4.38
C ASN D 154 -34.18 -14.89 -3.73
N TYR D 155 -34.52 -14.69 -2.46
CA TYR D 155 -35.16 -15.74 -1.68
C TYR D 155 -36.60 -16.00 -2.11
N GLU D 156 -37.30 -14.96 -2.58
CA GLU D 156 -38.71 -15.11 -2.92
C GLU D 156 -38.89 -15.89 -4.21
N ILE D 157 -38.06 -15.64 -5.21
CA ILE D 157 -38.16 -16.35 -6.49
C ILE D 157 -37.71 -17.79 -6.33
N ILE D 158 -36.68 -18.02 -5.51
CA ILE D 158 -36.24 -19.38 -5.22
C ILE D 158 -37.33 -20.15 -4.48
N LYS D 159 -38.06 -19.47 -3.58
CA LYS D 159 -39.18 -20.15 -2.94
C LYS D 159 -40.33 -20.41 -3.92
N LEU D 160 -40.59 -19.47 -4.84
CA LEU D 160 -41.62 -19.64 -5.85
C LEU D 160 -41.29 -20.73 -6.87
N LEU D 161 -40.02 -21.08 -7.02
CA LEU D 161 -39.64 -22.14 -7.96
C LEU D 161 -39.42 -23.48 -7.27
N VAL D 162 -38.97 -23.47 -6.01
CA VAL D 162 -38.89 -24.70 -5.23
C VAL D 162 -40.29 -25.20 -4.90
N GLN D 163 -41.27 -24.29 -4.73
CA GLN D 163 -42.65 -24.73 -4.61
C GLN D 163 -43.26 -25.27 -5.91
N LYS D 164 -42.52 -25.25 -7.02
CA LYS D 164 -42.95 -25.90 -8.26
C LYS D 164 -42.31 -27.27 -8.46
N ARG D 165 -41.54 -27.75 -7.49
CA ARG D 165 -40.95 -29.10 -7.46
C ARG D 165 -40.01 -29.35 -8.65
N VAL D 166 -39.14 -28.39 -8.93
CA VAL D 166 -38.13 -28.57 -9.97
C VAL D 166 -36.84 -29.12 -9.37
N THR D 167 -35.98 -29.67 -10.24
CA THR D 167 -34.79 -30.39 -9.81
C THR D 167 -33.54 -29.72 -10.38
N ILE D 168 -32.37 -30.16 -9.90
CA ILE D 168 -31.06 -29.70 -10.34
C ILE D 168 -30.16 -30.91 -10.56
N PRO D 169 -29.41 -30.99 -11.67
CA PRO D 169 -28.58 -32.17 -11.92
C PRO D 169 -27.40 -32.27 -10.96
N ARG D 170 -26.94 -33.51 -10.76
CA ARG D 170 -25.72 -33.77 -10.01
C ARG D 170 -24.52 -33.73 -10.95
N PRO D 171 -23.40 -33.11 -10.52
CA PRO D 171 -22.36 -32.72 -11.47
C PRO D 171 -21.46 -33.84 -11.99
N HIS D 172 -21.31 -34.93 -11.24
CA HIS D 172 -20.28 -35.92 -11.56
C HIS D 172 -20.61 -36.73 -12.81
N GLN D 173 -19.55 -37.23 -13.46
CA GLN D 173 -19.60 -37.85 -14.77
C GLN D 173 -18.91 -39.21 -14.67
N ILE D 174 -18.92 -39.98 -15.76
CA ILE D 174 -18.37 -41.33 -15.79
C ILE D 174 -16.85 -41.33 -15.56
N ASP D 188 -18.41 -28.47 -26.81
CA ASP D 188 -18.13 -29.84 -26.38
C ASP D 188 -17.44 -29.82 -25.03
N SER D 189 -16.54 -28.85 -24.85
CA SER D 189 -15.78 -28.74 -23.62
C SER D 189 -15.94 -27.40 -22.90
N LEU D 190 -16.40 -26.34 -23.57
CA LEU D 190 -16.77 -25.12 -22.85
C LEU D 190 -18.14 -25.25 -22.24
N ARG D 191 -19.05 -25.97 -22.89
CA ARG D 191 -20.38 -26.18 -22.34
C ARG D 191 -20.33 -27.09 -21.14
N HIS D 192 -19.34 -27.98 -21.07
CA HIS D 192 -19.28 -28.92 -19.96
C HIS D 192 -18.74 -28.26 -18.70
N SER D 193 -17.66 -27.50 -18.82
CA SER D 193 -17.12 -26.77 -17.67
C SER D 193 -17.99 -25.56 -17.33
N ARG D 194 -18.58 -24.94 -18.34
CA ARG D 194 -19.51 -23.83 -18.09
C ARG D 194 -20.78 -24.32 -17.40
N SER D 195 -21.28 -25.49 -17.81
CA SER D 195 -22.47 -26.03 -17.17
C SER D 195 -22.17 -26.54 -15.77
N ARG D 196 -20.98 -27.12 -15.55
CA ARG D 196 -20.60 -27.52 -14.21
C ARG D 196 -20.41 -26.32 -13.30
N LEU D 197 -19.89 -25.21 -13.85
CA LEU D 197 -19.74 -24.00 -13.06
C LEU D 197 -21.07 -23.33 -12.79
N ASN D 198 -22.05 -23.53 -13.68
CA ASN D 198 -23.40 -23.04 -13.39
C ASN D 198 -24.10 -23.89 -12.33
N ILE D 199 -23.86 -25.20 -12.35
CA ILE D 199 -24.49 -26.07 -11.36
C ILE D 199 -23.91 -25.83 -9.98
N TYR D 200 -22.58 -25.79 -9.87
CA TYR D 200 -21.95 -25.44 -8.61
C TYR D 200 -22.18 -23.98 -8.22
N LYS D 201 -22.39 -23.10 -9.19
CA LYS D 201 -22.70 -21.72 -8.86
C LYS D 201 -24.12 -21.58 -8.32
N ALA D 202 -25.02 -22.47 -8.74
CA ALA D 202 -26.38 -22.43 -8.21
C ALA D 202 -26.49 -23.15 -6.87
N LEU D 203 -25.74 -24.23 -6.68
CA LEU D 203 -25.77 -24.95 -5.41
C LEU D 203 -25.10 -24.16 -4.29
N ALA D 204 -24.16 -23.29 -4.62
CA ALA D 204 -23.42 -22.51 -3.64
C ALA D 204 -24.13 -21.22 -3.25
N SER D 205 -25.39 -21.07 -3.60
CA SER D 205 -26.08 -19.86 -3.19
C SER D 205 -26.66 -20.03 -1.80
N PRO D 206 -26.60 -18.99 -0.97
CA PRO D 206 -27.06 -19.10 0.42
C PRO D 206 -28.57 -19.10 0.59
N SER D 207 -29.35 -19.23 -0.48
CA SER D 207 -30.80 -19.40 -0.36
C SER D 207 -31.29 -20.76 -0.82
N LEU D 208 -30.56 -21.44 -1.72
CA LEU D 208 -30.80 -22.87 -1.95
C LEU D 208 -30.13 -23.74 -0.90
N ILE D 209 -29.23 -23.17 -0.11
CA ILE D 209 -28.75 -23.90 1.05
C ILE D 209 -29.68 -23.65 2.23
N ALA D 210 -30.27 -22.46 2.32
CA ALA D 210 -31.19 -22.14 3.40
C ALA D 210 -32.51 -22.87 3.23
N LEU D 211 -32.95 -23.03 1.99
CA LEU D 211 -34.08 -23.89 1.65
C LEU D 211 -33.57 -25.26 1.21
N SER D 212 -34.50 -26.22 1.17
CA SER D 212 -34.35 -27.50 0.46
C SER D 212 -33.18 -28.35 0.93
N SER D 213 -32.69 -28.10 2.13
CA SER D 213 -31.55 -28.81 2.68
C SER D 213 -31.82 -29.15 4.13
N GLU D 214 -31.29 -30.30 4.55
CA GLU D 214 -31.57 -30.79 5.90
C GLU D 214 -30.91 -29.92 6.95
N ASP D 215 -29.61 -29.73 6.84
CA ASP D 215 -28.93 -28.71 7.63
C ASP D 215 -28.00 -27.90 6.72
N PRO D 216 -28.14 -26.56 6.72
CA PRO D 216 -27.33 -25.74 5.82
C PRO D 216 -25.87 -25.60 6.23
N ILE D 217 -25.51 -25.96 7.46
CA ILE D 217 -24.13 -25.78 7.92
C ILE D 217 -23.22 -26.85 7.34
N LEU D 218 -23.66 -28.12 7.38
CA LEU D 218 -22.87 -29.17 6.73
C LEU D 218 -22.88 -29.04 5.22
N THR D 219 -23.96 -28.53 4.64
CA THR D 219 -24.00 -28.31 3.20
C THR D 219 -23.05 -27.20 2.80
N ALA D 220 -22.97 -26.13 3.60
CA ALA D 220 -22.01 -25.07 3.33
C ALA D 220 -20.58 -25.54 3.55
N PHE D 221 -20.37 -26.46 4.50
CA PHE D 221 -19.03 -26.99 4.74
C PHE D 221 -18.57 -27.87 3.59
N ARG D 222 -19.40 -28.84 3.21
CA ARG D 222 -19.05 -29.78 2.14
C ARG D 222 -18.98 -29.10 0.79
N LEU D 223 -19.85 -28.10 0.54
CA LEU D 223 -19.73 -27.35 -0.70
C LEU D 223 -18.51 -26.45 -0.72
N GLY D 224 -18.15 -25.87 0.43
CA GLY D 224 -16.91 -25.10 0.49
C GLY D 224 -15.68 -25.96 0.22
N TRP D 225 -15.69 -27.20 0.72
CA TRP D 225 -14.60 -28.12 0.46
C TRP D 225 -14.57 -28.57 -1.00
N GLU D 226 -15.73 -28.93 -1.57
CA GLU D 226 -15.77 -29.42 -2.94
C GLU D 226 -15.44 -28.32 -3.94
N LEU D 227 -15.79 -27.07 -3.62
CA LEU D 227 -15.42 -25.94 -4.46
C LEU D 227 -13.97 -25.54 -4.28
N LYS D 228 -13.39 -25.77 -3.09
CA LYS D 228 -11.97 -25.48 -2.90
C LYS D 228 -11.09 -26.50 -3.64
N GLU D 229 -11.39 -27.79 -3.46
CA GLU D 229 -10.69 -28.82 -4.22
C GLU D 229 -10.95 -28.71 -5.72
N LEU D 230 -12.17 -28.31 -6.09
CA LEU D 230 -12.50 -28.16 -7.50
C LEU D 230 -11.80 -26.95 -8.11
N SER D 231 -11.50 -25.94 -7.29
CA SER D 231 -10.64 -24.84 -7.74
C SER D 231 -9.19 -25.28 -7.86
N LYS D 232 -8.74 -26.17 -6.97
CA LYS D 232 -7.37 -26.66 -7.08
C LYS D 232 -7.18 -27.61 -8.26
N VAL D 233 -8.22 -28.32 -8.69
CA VAL D 233 -8.09 -29.24 -9.82
C VAL D 233 -7.98 -28.46 -11.12
N GLU D 234 -8.90 -27.54 -11.36
CA GLU D 234 -8.98 -26.83 -12.63
C GLU D 234 -8.18 -25.54 -12.53
N ASN D 235 -7.11 -25.45 -13.32
CA ASN D 235 -6.26 -24.26 -13.32
C ASN D 235 -7.01 -23.06 -13.86
N GLU D 236 -7.76 -23.27 -14.95
CA GLU D 236 -8.70 -22.27 -15.41
C GLU D 236 -9.90 -22.24 -14.48
N PHE D 237 -10.57 -21.08 -14.42
CA PHE D 237 -11.75 -20.81 -13.61
C PHE D 237 -11.49 -20.94 -12.11
N LYS D 238 -10.24 -20.79 -11.69
CA LYS D 238 -9.89 -20.97 -10.29
C LYS D 238 -10.44 -19.86 -9.41
N ALA D 239 -10.38 -18.62 -9.91
CA ALA D 239 -10.81 -17.46 -9.15
C ALA D 239 -12.32 -17.36 -8.99
N GLU D 240 -13.08 -18.18 -9.70
CA GLU D 240 -14.53 -18.21 -9.53
C GLU D 240 -14.99 -19.30 -8.59
N TYR D 241 -14.39 -20.49 -8.66
CA TYR D 241 -14.70 -21.53 -7.69
C TYR D 241 -14.18 -21.17 -6.30
N GLU D 242 -13.07 -20.43 -6.22
CA GLU D 242 -12.64 -19.93 -4.92
C GLU D 242 -13.59 -18.87 -4.37
N GLU D 243 -14.19 -18.07 -5.25
CA GLU D 243 -15.19 -17.11 -4.83
C GLU D 243 -16.45 -17.80 -4.34
N LEU D 244 -16.84 -18.89 -4.98
CA LEU D 244 -18.01 -19.65 -4.53
C LEU D 244 -17.73 -20.36 -3.21
N SER D 245 -16.48 -20.81 -3.01
CA SER D 245 -16.14 -21.44 -1.73
C SER D 245 -16.13 -20.43 -0.60
N GLN D 246 -15.64 -19.21 -0.86
CA GLN D 246 -15.70 -18.16 0.15
C GLN D 246 -17.13 -17.72 0.41
N GLN D 247 -17.99 -17.81 -0.59
CA GLN D 247 -19.42 -17.58 -0.39
C GLN D 247 -20.03 -18.62 0.55
N CYS D 248 -19.65 -19.90 0.36
CA CYS D 248 -20.14 -20.97 1.23
C CYS D 248 -19.61 -20.84 2.65
N LYS D 249 -18.38 -20.37 2.83
CA LYS D 249 -17.86 -20.19 4.18
C LYS D 249 -18.51 -19.01 4.88
N LEU D 250 -18.68 -17.91 4.14
CA LEU D 250 -19.31 -16.69 4.67
C LEU D 250 -20.76 -16.93 5.05
N PHE D 251 -21.45 -17.83 4.32
CA PHE D 251 -22.82 -18.18 4.67
C PHE D 251 -22.92 -18.88 6.02
N ALA D 252 -22.06 -19.87 6.27
CA ALA D 252 -22.12 -20.61 7.53
C ALA D 252 -21.69 -19.74 8.70
N LYS D 253 -20.70 -18.87 8.48
CA LYS D 253 -20.30 -17.91 9.50
C LYS D 253 -21.44 -16.95 9.82
N ASP D 254 -22.20 -16.53 8.80
CA ASP D 254 -23.34 -15.66 9.06
C ASP D 254 -24.52 -16.42 9.67
N LEU D 255 -24.55 -17.74 9.55
CA LEU D 255 -25.50 -18.50 10.36
C LEU D 255 -25.10 -18.53 11.83
N LEU D 256 -23.80 -18.60 12.15
CA LEU D 256 -23.43 -18.47 13.57
C LEU D 256 -23.62 -17.07 14.11
N ASP D 257 -23.58 -16.05 13.25
CA ASP D 257 -23.77 -14.69 13.74
C ASP D 257 -25.20 -14.45 14.23
N GLN D 258 -26.16 -15.25 13.78
CA GLN D 258 -27.55 -15.05 14.15
C GLN D 258 -27.96 -15.78 15.42
N ALA D 259 -27.06 -16.47 16.09
CA ALA D 259 -27.39 -17.14 17.34
C ALA D 259 -27.46 -16.13 18.46
N ARG D 260 -28.64 -15.99 19.07
CA ARG D 260 -28.87 -14.97 20.09
C ARG D 260 -29.01 -15.56 21.49
N SER D 261 -28.53 -16.78 21.71
CA SER D 261 -28.45 -17.36 23.04
C SER D 261 -27.38 -18.45 23.00
N SER D 262 -27.06 -18.98 24.18
CA SER D 262 -26.03 -20.01 24.27
C SER D 262 -26.61 -21.42 24.25
N ARG D 263 -27.91 -21.58 24.51
CA ARG D 263 -28.54 -22.87 24.25
C ARG D 263 -28.55 -23.17 22.77
N GLU D 264 -28.86 -22.15 21.94
CA GLU D 264 -28.81 -22.32 20.49
C GLU D 264 -27.39 -22.62 20.02
N LEU D 265 -26.40 -21.92 20.58
CA LEU D 265 -25.03 -22.11 20.17
C LEU D 265 -24.50 -23.47 20.57
N GLU D 266 -24.88 -23.96 21.75
CA GLU D 266 -24.49 -25.31 22.14
C GLU D 266 -25.25 -26.38 21.38
N ILE D 267 -26.47 -26.11 20.91
CA ILE D 267 -27.14 -27.07 20.05
C ILE D 267 -26.46 -27.14 18.69
N ILE D 268 -26.00 -26.00 18.17
CA ILE D 268 -25.26 -25.98 16.90
C ILE D 268 -23.96 -26.74 17.02
N LEU D 269 -23.11 -26.34 17.97
CA LEU D 269 -21.74 -26.83 17.96
C LEU D 269 -21.59 -28.26 18.49
N ASN D 270 -22.65 -28.86 19.02
CA ASN D 270 -22.57 -30.22 19.55
C ASN D 270 -23.30 -31.24 18.67
N HIS D 271 -23.79 -30.83 17.50
CA HIS D 271 -24.68 -31.67 16.71
C HIS D 271 -23.88 -32.75 16.01
N ARG D 272 -24.02 -33.98 16.49
CA ARG D 272 -23.45 -35.14 15.83
C ARG D 272 -24.38 -35.62 14.73
N ASP D 273 -23.85 -35.80 13.52
CA ASP D 273 -24.64 -36.26 12.40
C ASP D 273 -24.86 -37.77 12.50
N ASP D 286 -18.60 -33.70 23.83
CA ASP D 286 -17.88 -33.53 22.57
C ASP D 286 -18.37 -32.29 21.86
N LEU D 287 -17.63 -31.87 20.83
CA LEU D 287 -17.99 -30.76 19.95
C LEU D 287 -17.89 -31.28 18.53
N ALA D 288 -18.97 -31.88 18.04
CA ALA D 288 -18.89 -32.54 16.73
C ALA D 288 -18.83 -31.54 15.59
N LYS D 289 -19.60 -30.46 15.68
CA LYS D 289 -19.69 -29.53 14.56
C LYS D 289 -18.43 -28.66 14.46
N LEU D 290 -17.72 -28.45 15.56
CA LEU D 290 -16.41 -27.81 15.47
C LEU D 290 -15.35 -28.73 14.91
N LYS D 291 -15.41 -30.03 15.23
CA LYS D 291 -14.47 -30.97 14.62
C LYS D 291 -14.68 -31.07 13.12
N VAL D 292 -15.92 -31.02 12.69
CA VAL D 292 -16.22 -31.02 11.26
C VAL D 292 -15.82 -29.68 10.64
N ALA D 293 -15.95 -28.58 11.40
CA ALA D 293 -15.58 -27.27 10.89
C ALA D 293 -14.06 -27.13 10.76
N ILE D 294 -13.29 -27.73 11.66
CA ILE D 294 -11.84 -27.71 11.53
C ILE D 294 -11.39 -28.72 10.49
N LYS D 295 -12.14 -29.82 10.35
CA LYS D 295 -11.86 -30.82 9.33
C LYS D 295 -12.01 -30.27 7.92
N TYR D 296 -13.03 -29.45 7.69
CA TYR D 296 -13.23 -28.82 6.39
C TYR D 296 -12.60 -27.45 6.28
N HIS D 297 -11.74 -27.07 7.24
CA HIS D 297 -10.92 -25.84 7.21
C HIS D 297 -11.79 -24.58 7.13
N GLN D 298 -12.76 -24.50 8.02
CA GLN D 298 -13.70 -23.38 8.04
C GLN D 298 -13.22 -22.38 9.07
N LYS D 299 -12.31 -21.51 8.63
CA LYS D 299 -11.58 -20.67 9.56
C LYS D 299 -12.41 -19.50 10.08
N GLU D 300 -13.33 -18.99 9.26
CA GLU D 300 -14.19 -17.91 9.72
C GLU D 300 -15.30 -18.41 10.63
N PHE D 301 -15.72 -19.66 10.46
CA PHE D 301 -16.71 -20.28 11.33
C PHE D 301 -16.17 -20.44 12.74
N VAL D 302 -14.93 -20.92 12.85
CA VAL D 302 -14.36 -21.20 14.16
C VAL D 302 -13.95 -19.90 14.85
N ALA D 303 -13.42 -18.94 14.11
CA ALA D 303 -12.97 -17.70 14.70
C ALA D 303 -14.10 -16.72 15.00
N GLN D 304 -15.35 -17.11 14.77
CA GLN D 304 -16.50 -16.30 15.15
C GLN D 304 -16.54 -16.16 16.66
N PRO D 305 -16.75 -14.95 17.20
CA PRO D 305 -16.41 -14.71 18.61
C PRO D 305 -17.33 -15.37 19.63
N ASN D 306 -18.54 -15.74 19.25
CA ASN D 306 -19.38 -16.49 20.17
C ASN D 306 -18.85 -17.89 20.36
N CYS D 307 -18.38 -18.50 19.27
CA CYS D 307 -17.68 -19.78 19.32
C CYS D 307 -16.39 -19.66 20.12
N GLN D 308 -15.71 -18.51 20.03
CA GLN D 308 -14.49 -18.32 20.81
C GLN D 308 -14.80 -18.11 22.28
N GLN D 309 -15.96 -17.55 22.62
CA GLN D 309 -16.36 -17.49 24.02
C GLN D 309 -16.71 -18.87 24.56
N LEU D 310 -17.37 -19.70 23.76
CA LEU D 310 -17.69 -21.06 24.23
C LEU D 310 -16.43 -21.89 24.41
N LEU D 311 -15.50 -21.81 23.45
CA LEU D 311 -14.23 -22.51 23.57
C LEU D 311 -13.37 -21.93 24.68
N ALA D 312 -13.52 -20.65 24.97
CA ALA D 312 -12.77 -20.07 26.08
C ALA D 312 -13.33 -20.49 27.43
N THR D 313 -14.65 -20.68 27.54
CA THR D 313 -15.18 -21.18 28.80
C THR D 313 -14.92 -22.67 28.97
N LEU D 314 -14.85 -23.42 27.87
CA LEU D 314 -14.41 -24.81 27.98
C LEU D 314 -12.92 -24.89 28.29
N TRP D 315 -12.17 -23.89 27.85
CA TRP D 315 -10.73 -23.88 28.03
C TRP D 315 -10.33 -23.50 29.45
N TYR D 316 -10.94 -22.46 30.00
CA TYR D 316 -10.60 -21.95 31.32
C TYR D 316 -11.54 -22.45 32.41
N ASP D 317 -12.05 -23.68 32.30
CA ASP D 317 -12.87 -24.22 33.38
C ASP D 317 -12.06 -24.40 34.65
N GLY D 318 -12.68 -24.11 35.78
CA GLY D 318 -11.92 -23.98 37.00
C GLY D 318 -11.22 -22.65 37.14
N PHE D 319 -11.64 -21.64 36.38
CA PHE D 319 -11.12 -20.28 36.50
C PHE D 319 -12.28 -19.31 36.31
N PRO D 320 -12.70 -18.64 37.36
CA PRO D 320 -13.72 -17.64 37.16
C PRO D 320 -12.97 -16.40 36.67
N GLY D 321 -13.34 -15.84 35.53
CA GLY D 321 -12.68 -14.64 35.04
C GLY D 321 -11.16 -14.57 34.89
N TRP D 322 -10.55 -15.51 34.19
CA TRP D 322 -9.10 -15.48 34.03
C TRP D 322 -8.65 -14.21 33.31
N ARG D 323 -9.39 -13.80 32.28
CA ARG D 323 -9.05 -12.60 31.54
C ARG D 323 -9.25 -11.33 32.35
N ARG D 324 -10.06 -11.38 33.41
CA ARG D 324 -10.22 -10.25 34.30
C ARG D 324 -9.00 -10.02 35.19
N LYS D 325 -8.16 -11.05 35.36
CA LYS D 325 -7.03 -10.95 36.25
C LYS D 325 -5.90 -10.13 35.62
N HIS D 326 -5.01 -9.63 36.47
CA HIS D 326 -3.83 -8.91 36.02
C HIS D 326 -2.77 -9.92 35.60
N TRP D 327 -1.89 -9.49 34.69
CA TRP D 327 -0.94 -10.42 34.07
C TRP D 327 0.15 -10.87 35.04
N VAL D 328 0.36 -10.15 36.14
CA VAL D 328 1.29 -10.64 37.16
C VAL D 328 0.66 -11.80 37.92
N VAL D 329 -0.64 -11.72 38.21
CA VAL D 329 -1.35 -12.84 38.83
C VAL D 329 -1.44 -14.01 37.84
N LYS D 330 -1.59 -13.70 36.55
CA LYS D 330 -1.54 -14.72 35.51
C LYS D 330 -0.18 -15.42 35.50
N LEU D 331 0.89 -14.63 35.61
CA LEU D 331 2.25 -15.20 35.62
C LEU D 331 2.49 -16.05 36.86
N LEU D 332 1.95 -15.63 38.01
CA LEU D 332 2.13 -16.42 39.23
C LEU D 332 1.33 -17.71 39.19
N THR D 333 0.14 -17.69 38.59
CA THR D 333 -0.59 -18.94 38.44
C THR D 333 0.07 -19.86 37.41
N CYS D 334 0.63 -19.29 36.35
CA CYS D 334 1.35 -20.10 35.35
C CYS D 334 2.61 -20.73 35.95
N MET D 335 3.33 -19.99 36.79
CA MET D 335 4.53 -20.54 37.39
C MET D 335 4.22 -21.56 38.48
N THR D 336 3.33 -21.20 39.41
CA THR D 336 3.04 -22.10 40.54
C THR D 336 2.28 -23.35 40.10
N ILE D 337 1.45 -23.26 39.07
CA ILE D 337 0.89 -24.48 38.49
C ILE D 337 1.97 -25.18 37.66
N GLY D 338 2.93 -24.43 37.14
CA GLY D 338 4.02 -25.04 36.38
C GLY D 338 4.97 -25.89 37.21
N PHE D 339 5.23 -25.50 38.46
CA PHE D 339 6.13 -26.30 39.29
C PHE D 339 5.51 -27.61 39.76
N LEU D 340 4.17 -27.71 39.76
CA LEU D 340 3.49 -28.81 40.42
C LEU D 340 3.07 -29.92 39.46
N PHE D 341 3.79 -30.10 38.35
CA PHE D 341 3.40 -31.18 37.45
C PHE D 341 3.67 -32.60 37.98
N PRO D 342 4.66 -32.87 38.85
CA PRO D 342 4.58 -34.14 39.59
C PRO D 342 3.48 -34.13 40.64
N MET D 343 3.24 -33.01 41.32
CA MET D 343 2.18 -32.98 42.32
C MET D 343 0.79 -33.00 41.72
N LEU D 344 0.66 -32.73 40.42
CA LEU D 344 -0.61 -32.87 39.73
C LEU D 344 -0.66 -34.07 38.80
N SER D 345 0.47 -34.74 38.56
CA SER D 345 0.51 -35.89 37.68
C SER D 345 0.73 -37.21 38.40
N ILE D 346 1.15 -37.20 39.66
CA ILE D 346 1.08 -38.40 40.49
C ILE D 346 -0.37 -38.70 40.86
N ALA D 347 -1.11 -37.68 41.26
CA ALA D 347 -2.57 -37.75 41.19
C ALA D 347 -2.97 -37.82 39.72
N TYR D 348 -4.08 -38.51 39.45
CA TYR D 348 -4.64 -39.04 38.19
C TYR D 348 -3.90 -40.32 37.78
N LEU D 349 -2.85 -40.72 38.48
CA LEU D 349 -2.32 -42.08 38.37
C LEU D 349 -2.74 -42.97 39.53
N ILE D 350 -2.78 -42.44 40.74
CA ILE D 350 -3.21 -43.19 41.92
C ILE D 350 -4.69 -42.97 42.21
N SER D 351 -5.12 -41.71 42.23
CA SER D 351 -6.52 -41.36 42.48
C SER D 351 -7.01 -40.53 41.30
N PRO D 352 -7.53 -41.18 40.24
CA PRO D 352 -8.14 -40.40 39.15
C PRO D 352 -9.41 -39.70 39.58
N ARG D 353 -10.32 -40.40 40.26
CA ARG D 353 -11.57 -39.82 40.73
C ARG D 353 -11.37 -39.20 42.11
N SER D 354 -10.69 -38.06 42.10
CA SER D 354 -10.37 -37.34 43.33
C SER D 354 -10.41 -35.85 43.08
N ASN D 355 -10.16 -35.08 44.13
CA ASN D 355 -10.15 -33.62 44.01
C ASN D 355 -8.94 -33.13 43.22
N LEU D 356 -7.84 -33.87 43.23
CA LEU D 356 -6.67 -33.53 42.44
C LEU D 356 -6.57 -34.31 41.13
N GLY D 357 -7.18 -35.51 41.06
CA GLY D 357 -7.21 -36.24 39.82
C GLY D 357 -8.11 -35.62 38.77
N LEU D 358 -9.13 -34.87 39.20
CA LEU D 358 -9.96 -34.10 38.29
C LEU D 358 -9.44 -32.69 38.05
N PHE D 359 -8.25 -32.36 38.56
CA PHE D 359 -7.70 -31.02 38.37
C PHE D 359 -6.74 -30.94 37.20
N ILE D 360 -6.11 -32.05 36.81
CA ILE D 360 -5.31 -32.07 35.58
C ILE D 360 -6.18 -32.38 34.37
N LYS D 361 -7.43 -32.78 34.58
CA LYS D 361 -8.37 -32.96 33.48
C LYS D 361 -8.79 -31.64 32.84
N LYS D 362 -8.55 -30.52 33.51
CA LYS D 362 -8.84 -29.21 32.93
C LYS D 362 -7.85 -28.92 31.83
N PRO D 363 -8.29 -28.44 30.66
CA PRO D 363 -7.36 -28.33 29.52
C PRO D 363 -6.36 -27.20 29.64
N PHE D 364 -6.68 -26.11 30.32
CA PHE D 364 -5.65 -25.11 30.56
C PHE D 364 -4.67 -25.56 31.62
N ILE D 365 -5.09 -26.45 32.54
CA ILE D 365 -4.16 -27.12 33.44
C ILE D 365 -3.55 -28.34 32.77
N LYS D 366 -3.99 -28.69 31.56
CA LYS D 366 -3.15 -29.56 30.75
C LYS D 366 -2.04 -28.78 30.08
N PHE D 367 -2.38 -27.65 29.43
CA PHE D 367 -1.41 -26.91 28.63
C PHE D 367 -0.26 -26.38 29.46
N ILE D 368 -0.57 -25.61 30.50
CA ILE D 368 0.38 -25.46 31.58
C ILE D 368 0.56 -26.81 32.23
N CYS D 369 1.80 -27.19 32.50
CA CYS D 369 2.34 -28.42 33.10
C CYS D 369 2.41 -29.58 32.10
N HIS D 370 2.00 -29.41 30.86
CA HIS D 370 2.57 -30.17 29.74
C HIS D 370 3.74 -29.46 29.10
N THR D 371 3.74 -28.14 29.13
CA THR D 371 4.75 -27.32 28.50
C THR D 371 5.81 -26.83 29.48
N ALA D 372 5.47 -26.65 30.76
CA ALA D 372 6.50 -26.41 31.77
C ALA D 372 7.32 -27.67 32.01
N SER D 373 6.69 -28.83 31.85
CA SER D 373 7.40 -30.10 31.80
C SER D 373 8.37 -30.17 30.63
N TYR D 374 7.97 -29.62 29.48
CA TYR D 374 8.85 -29.57 28.34
C TYR D 374 10.00 -28.60 28.58
N LEU D 375 9.74 -27.53 29.32
CA LEU D 375 10.82 -26.64 29.71
C LEU D 375 11.76 -27.27 30.73
N THR D 376 11.27 -28.22 31.54
CA THR D 376 12.20 -28.97 32.38
C THR D 376 13.02 -29.94 31.57
N PHE D 377 12.46 -30.51 30.51
CA PHE D 377 13.23 -31.40 29.62
C PHE D 377 14.32 -30.62 28.88
N LEU D 378 13.98 -29.45 28.36
CA LEU D 378 15.00 -28.59 27.75
C LEU D 378 15.97 -28.05 28.77
N PHE D 379 15.55 -27.95 30.04
CA PHE D 379 16.50 -27.62 31.09
C PHE D 379 17.47 -28.77 31.33
N MET D 380 17.01 -30.00 31.17
CA MET D 380 17.90 -31.15 31.26
C MET D 380 18.84 -31.22 30.06
N LEU D 381 18.39 -30.72 28.90
CA LEU D 381 19.30 -30.68 27.75
C LEU D 381 20.32 -29.58 27.88
N LEU D 382 19.96 -28.46 28.51
CA LEU D 382 20.96 -27.45 28.86
C LEU D 382 21.92 -27.97 29.92
N LEU D 383 21.41 -28.79 30.85
CA LEU D 383 22.26 -29.35 31.89
C LEU D 383 23.20 -30.41 31.33
N ALA D 384 22.79 -31.07 30.25
CA ALA D 384 23.54 -32.18 29.67
C ALA D 384 24.85 -31.75 29.04
N SER D 385 24.99 -30.49 28.65
CA SER D 385 26.23 -29.98 28.06
C SER D 385 27.22 -29.48 29.10
N GLN D 386 27.02 -29.80 30.37
CA GLN D 386 27.94 -29.40 31.43
C GLN D 386 28.32 -30.61 32.29
N HIS D 394 39.80 -40.77 26.98
CA HIS D 394 38.36 -40.67 27.10
C HIS D 394 37.73 -41.99 26.67
N VAL D 395 36.57 -42.33 27.24
CA VAL D 395 35.96 -43.62 26.97
C VAL D 395 35.37 -43.60 25.58
N GLN D 396 35.59 -44.69 24.82
CA GLN D 396 35.06 -44.80 23.47
C GLN D 396 33.53 -44.83 23.49
N GLY D 397 32.95 -45.79 24.19
CA GLY D 397 31.55 -45.77 24.46
C GLY D 397 31.30 -45.81 25.95
N PRO D 398 30.81 -44.71 26.51
CA PRO D 398 30.67 -44.62 27.96
C PRO D 398 29.33 -45.17 28.42
N PRO D 399 29.18 -45.48 29.70
CA PRO D 399 27.85 -45.65 30.26
C PRO D 399 27.13 -44.32 30.26
N PRO D 400 25.79 -44.32 30.23
CA PRO D 400 25.05 -43.04 30.19
C PRO D 400 25.21 -42.25 31.47
N THR D 401 25.23 -40.93 31.29
CA THR D 401 25.38 -40.00 32.40
C THR D 401 24.08 -39.99 33.20
N VAL D 402 24.17 -39.54 34.47
CA VAL D 402 23.01 -39.44 35.35
C VAL D 402 21.97 -38.49 34.74
N VAL D 403 22.42 -37.46 34.04
CA VAL D 403 21.53 -36.60 33.27
C VAL D 403 20.85 -37.39 32.15
N GLU D 404 21.61 -38.23 31.44
CA GLU D 404 21.01 -39.02 30.36
C GLU D 404 20.07 -40.10 30.90
N TRP D 405 20.40 -40.66 32.06
CA TRP D 405 19.47 -41.59 32.69
C TRP D 405 18.17 -40.89 33.09
N MET D 406 18.27 -39.64 33.52
CA MET D 406 17.07 -38.84 33.74
C MET D 406 16.35 -38.46 32.44
N ILE D 407 17.07 -38.37 31.31
CA ILE D 407 16.45 -37.91 30.07
C ILE D 407 15.74 -39.02 29.29
N LEU D 408 16.27 -40.25 29.35
CA LEU D 408 15.72 -41.39 28.60
C LEU D 408 14.21 -41.64 28.73
N PRO D 409 13.55 -41.55 29.92
CA PRO D 409 12.08 -41.74 29.92
C PRO D 409 11.27 -40.52 29.46
N TRP D 410 11.81 -39.30 29.53
CA TRP D 410 11.23 -38.20 28.74
C TRP D 410 11.19 -38.54 27.26
N VAL D 411 12.29 -39.08 26.74
CA VAL D 411 12.38 -39.43 25.33
C VAL D 411 11.40 -40.56 24.99
N LEU D 412 11.30 -41.56 25.87
CA LEU D 412 10.34 -42.64 25.65
C LEU D 412 8.90 -42.17 25.77
N GLY D 413 8.66 -41.14 26.58
CA GLY D 413 7.33 -40.56 26.64
C GLY D 413 6.98 -39.78 25.39
N PHE D 414 7.98 -39.17 24.76
CA PHE D 414 7.74 -38.50 23.48
C PHE D 414 7.48 -39.50 22.38
N ILE D 415 8.25 -40.59 22.33
CA ILE D 415 8.09 -41.57 21.26
C ILE D 415 6.78 -42.34 21.45
N TRP D 416 6.44 -42.68 22.69
CA TRP D 416 5.16 -43.34 22.95
C TRP D 416 4.00 -42.38 22.69
N GLY D 417 4.21 -41.08 22.93
CA GLY D 417 3.18 -40.11 22.59
C GLY D 417 2.96 -39.98 21.10
N GLU D 418 4.03 -40.02 20.31
CA GLU D 418 3.90 -39.86 18.86
C GLU D 418 3.37 -41.14 18.20
N ILE D 419 3.75 -42.30 18.73
CA ILE D 419 3.13 -43.55 18.29
C ILE D 419 1.65 -43.57 18.68
N LYS D 420 1.32 -43.00 19.85
CA LYS D 420 -0.07 -42.86 20.26
C LYS D 420 -0.83 -41.92 19.33
N GLU D 421 -0.16 -40.93 18.75
CA GLU D 421 -0.81 -40.07 17.76
C GLU D 421 -0.85 -40.71 16.37
N MET D 422 0.07 -41.62 16.04
CA MET D 422 0.02 -42.30 14.76
C MET D 422 -0.95 -43.47 14.75
N TRP D 423 -1.33 -43.98 15.93
CA TRP D 423 -2.43 -44.93 16.00
C TRP D 423 -3.75 -44.25 15.67
N ASP D 424 -3.93 -43.01 16.12
CA ASP D 424 -5.15 -42.28 15.82
C ASP D 424 -5.16 -41.86 14.36
N GLY D 425 -6.28 -42.12 13.69
CA GLY D 425 -6.39 -41.81 12.27
C GLY D 425 -5.46 -42.66 11.43
N GLY D 426 -4.57 -41.99 10.69
CA GLY D 426 -3.59 -42.65 9.86
C GLY D 426 -2.47 -41.68 9.54
N PHE D 427 -1.68 -42.03 8.52
CA PHE D 427 -0.65 -41.11 8.03
C PHE D 427 -1.22 -40.10 7.04
N THR D 428 -2.32 -39.45 7.38
CA THR D 428 -2.94 -38.43 6.55
C THR D 428 -2.96 -37.07 7.25
N GLU D 429 -3.55 -37.01 8.45
CA GLU D 429 -3.51 -35.78 9.24
C GLU D 429 -2.19 -35.62 9.96
N TYR D 430 -1.54 -36.74 10.30
CA TYR D 430 -0.26 -36.69 11.01
C TYR D 430 0.84 -36.13 10.12
N ILE D 431 0.99 -36.67 8.91
CA ILE D 431 2.09 -36.28 8.03
C ILE D 431 1.84 -34.95 7.34
N HIS D 432 0.61 -34.46 7.34
CA HIS D 432 0.32 -33.15 6.77
C HIS D 432 0.69 -32.01 7.72
N ASP D 433 0.79 -32.29 9.01
CA ASP D 433 1.15 -31.28 10.00
C ASP D 433 2.66 -31.20 10.08
N TRP D 434 3.19 -29.98 9.95
CA TRP D 434 4.64 -29.81 9.91
C TRP D 434 5.31 -30.06 11.25
N TRP D 435 4.63 -29.75 12.36
CA TRP D 435 5.25 -29.95 13.66
C TRP D 435 5.31 -31.42 14.03
N ASN D 436 4.40 -32.24 13.49
CA ASN D 436 4.49 -33.67 13.72
C ASN D 436 5.57 -34.31 12.87
N LEU D 437 5.82 -33.77 11.68
CA LEU D 437 6.99 -34.17 10.91
C LEU D 437 8.27 -33.79 11.64
N MET D 438 8.26 -32.63 12.32
CA MET D 438 9.40 -32.24 13.14
C MET D 438 9.53 -33.13 14.37
N ASP D 439 8.40 -33.63 14.89
CA ASP D 439 8.46 -34.64 15.94
C ASP D 439 9.05 -35.95 15.44
N PHE D 440 8.77 -36.30 14.18
CA PHE D 440 9.35 -37.52 13.63
C PHE D 440 10.84 -37.36 13.41
N ALA D 441 11.28 -36.18 13.00
CA ALA D 441 12.72 -35.93 12.84
C ALA D 441 13.41 -35.93 14.20
N MET D 442 12.84 -35.24 15.19
CA MET D 442 13.43 -35.15 16.52
C MET D 442 13.50 -36.51 17.21
N ASN D 443 12.39 -37.23 17.24
CA ASN D 443 12.35 -38.52 17.91
C ASN D 443 13.10 -39.59 17.12
N SER D 444 13.17 -39.44 15.80
CA SER D 444 14.00 -40.35 15.02
C SER D 444 15.48 -40.12 15.31
N LEU D 445 15.88 -38.87 15.54
CA LEU D 445 17.27 -38.62 15.96
C LEU D 445 17.49 -39.06 17.40
N TYR D 446 16.44 -39.11 18.21
CA TYR D 446 16.59 -39.69 19.55
C TYR D 446 16.80 -41.21 19.48
N LEU D 447 16.07 -41.89 18.59
CA LEU D 447 16.28 -43.33 18.41
C LEU D 447 17.65 -43.62 17.83
N ALA D 448 18.10 -42.78 16.89
CA ALA D 448 19.43 -42.95 16.33
C ALA D 448 20.52 -42.67 17.35
N THR D 449 20.31 -41.67 18.22
CA THR D 449 21.31 -41.32 19.23
C THR D 449 21.42 -42.40 20.30
N ILE D 450 20.29 -42.83 20.85
CA ILE D 450 20.29 -43.88 21.88
C ILE D 450 20.79 -45.20 21.29
N SER D 451 20.43 -45.48 20.03
CA SER D 451 20.91 -46.69 19.37
C SER D 451 22.41 -46.66 19.15
N LEU D 452 22.98 -45.49 18.83
CA LEU D 452 24.43 -45.42 18.71
C LEU D 452 25.13 -45.37 20.07
N LYS D 453 24.43 -45.01 21.14
CA LYS D 453 25.01 -45.19 22.47
C LYS D 453 25.07 -46.67 22.84
N ILE D 454 24.03 -47.43 22.47
CA ILE D 454 24.03 -48.87 22.74
C ILE D 454 25.08 -49.57 21.89
N VAL D 455 25.19 -49.19 20.61
CA VAL D 455 26.20 -49.75 19.72
C VAL D 455 27.61 -49.35 20.19
N ALA D 456 27.76 -48.12 20.67
CA ALA D 456 29.06 -47.69 21.17
C ALA D 456 29.43 -48.37 22.48
N TYR D 457 28.43 -48.77 23.28
CA TYR D 457 28.74 -49.52 24.51
C TYR D 457 29.13 -50.96 24.21
N VAL D 458 28.66 -51.51 23.09
CA VAL D 458 28.95 -52.90 22.74
C VAL D 458 30.35 -53.00 22.15
N LYS D 459 31.18 -53.86 22.74
CA LYS D 459 32.53 -54.29 22.30
C LYS D 459 33.47 -53.12 21.98
N TYR D 460 33.25 -51.96 22.60
CA TYR D 460 34.24 -50.90 22.68
C TYR D 460 34.62 -50.79 24.15
N ASN D 461 35.54 -51.64 24.58
CA ASN D 461 35.87 -51.77 25.98
C ASN D 461 37.04 -50.90 26.39
N GLY D 462 37.99 -50.65 25.49
CA GLY D 462 39.15 -49.87 25.82
C GLY D 462 38.89 -48.38 25.82
N SER D 463 39.92 -47.62 26.18
CA SER D 463 39.88 -46.16 26.20
C SER D 463 41.01 -45.63 25.33
N ARG D 464 40.66 -45.00 24.21
CA ARG D 464 41.58 -44.27 23.36
C ARG D 464 41.34 -42.77 23.49
N PRO D 465 42.39 -41.95 23.37
CA PRO D 465 42.21 -40.49 23.45
C PRO D 465 41.35 -39.95 22.32
N ARG D 466 40.78 -38.76 22.55
CA ARG D 466 39.75 -38.21 21.65
C ARG D 466 40.29 -37.94 20.25
N GLU D 467 41.49 -37.39 20.15
CA GLU D 467 42.06 -37.02 18.86
C GLU D 467 42.60 -38.21 18.06
N GLU D 468 42.40 -39.44 18.51
CA GLU D 468 42.86 -40.63 17.80
C GLU D 468 41.69 -41.40 17.19
N TRP D 469 40.46 -40.94 17.40
CA TRP D 469 39.29 -41.66 16.95
C TRP D 469 39.13 -41.53 15.44
N GLU D 470 38.40 -42.47 14.84
CA GLU D 470 38.07 -42.39 13.44
C GLU D 470 36.97 -41.36 13.21
N MET D 471 36.76 -41.01 11.94
CA MET D 471 35.78 -39.97 11.62
C MET D 471 34.36 -40.48 11.78
N TRP D 472 34.10 -41.74 11.45
CA TRP D 472 32.78 -42.34 11.58
C TRP D 472 32.63 -43.16 12.85
N HIS D 473 33.34 -42.80 13.91
CA HIS D 473 33.12 -43.39 15.22
C HIS D 473 31.70 -43.07 15.66
N PRO D 474 30.89 -44.07 16.06
CA PRO D 474 29.49 -43.80 16.43
C PRO D 474 29.31 -42.97 17.69
N THR D 475 30.37 -42.76 18.47
CA THR D 475 30.28 -41.82 19.59
C THR D 475 30.16 -40.38 19.08
N LEU D 476 30.98 -40.00 18.11
CA LEU D 476 30.93 -38.65 17.57
C LEU D 476 29.64 -38.42 16.79
N ILE D 477 29.15 -39.45 16.11
CA ILE D 477 27.90 -39.35 15.37
C ILE D 477 26.73 -39.24 16.34
N ALA D 478 26.79 -39.97 17.46
CA ALA D 478 25.72 -39.87 18.47
C ALA D 478 25.70 -38.50 19.12
N GLU D 479 26.88 -37.90 19.31
CA GLU D 479 26.92 -36.56 19.90
C GLU D 479 26.47 -35.50 18.90
N ALA D 480 26.78 -35.67 17.61
CA ALA D 480 26.36 -34.72 16.60
C ALA D 480 24.84 -34.77 16.39
N LEU D 481 24.30 -35.99 16.26
CA LEU D 481 22.85 -36.14 16.12
C LEU D 481 22.11 -35.75 17.39
N PHE D 482 22.76 -35.89 18.55
CA PHE D 482 22.17 -35.41 19.78
C PHE D 482 22.10 -33.88 19.79
N ALA D 483 23.12 -33.23 19.23
CA ALA D 483 23.11 -31.76 19.15
C ALA D 483 22.04 -31.26 18.18
N ILE D 484 21.89 -31.92 17.03
CA ILE D 484 20.86 -31.53 16.06
C ILE D 484 19.47 -31.78 16.65
N SER D 485 19.31 -32.88 17.39
CA SER D 485 18.04 -33.11 18.06
C SER D 485 17.81 -32.13 19.21
N ASN D 486 18.86 -31.51 19.73
CA ASN D 486 18.65 -30.44 20.71
C ASN D 486 18.19 -29.15 20.04
N ILE D 487 18.66 -28.89 18.82
CA ILE D 487 18.14 -27.74 18.06
C ILE D 487 16.67 -27.98 17.70
N LEU D 488 16.34 -29.18 17.23
CA LEU D 488 14.95 -29.47 16.87
C LEU D 488 14.05 -29.54 18.09
N SER D 489 14.57 -29.98 19.24
CA SER D 489 13.75 -30.04 20.45
C SER D 489 13.58 -28.66 21.08
N SER D 490 14.54 -27.78 20.87
CA SER D 490 14.48 -26.45 21.43
C SER D 490 13.83 -25.43 20.49
N LEU D 491 13.57 -25.79 19.24
CA LEU D 491 12.75 -24.97 18.36
C LEU D 491 11.28 -25.35 18.40
N ARG D 492 10.89 -26.35 19.19
CA ARG D 492 9.46 -26.65 19.36
C ARG D 492 8.73 -25.62 20.22
N LEU D 493 9.45 -24.75 20.91
CA LEU D 493 8.81 -23.71 21.70
C LEU D 493 8.17 -22.61 20.85
N ILE D 494 8.49 -22.57 19.55
CA ILE D 494 7.83 -21.65 18.64
C ILE D 494 6.37 -22.05 18.44
N SER D 495 6.06 -23.35 18.50
CA SER D 495 4.68 -23.81 18.36
C SER D 495 3.82 -23.44 19.57
N LEU D 496 4.42 -23.08 20.70
CA LEU D 496 3.70 -22.60 21.87
C LEU D 496 3.30 -21.15 21.77
N PHE D 497 3.57 -20.48 20.66
CA PHE D 497 3.23 -19.06 20.53
C PHE D 497 1.76 -18.83 20.24
N THR D 498 1.05 -19.82 19.70
CA THR D 498 -0.34 -19.60 19.30
C THR D 498 -1.26 -19.41 20.49
N ALA D 499 -0.86 -19.88 21.67
CA ALA D 499 -1.66 -19.67 22.87
C ALA D 499 -1.62 -18.23 23.35
N ASN D 500 -0.59 -17.48 22.99
CA ASN D 500 -0.44 -16.11 23.43
C ASN D 500 -1.03 -15.17 22.39
N SER D 501 -1.68 -14.10 22.86
CA SER D 501 -2.37 -13.20 21.95
C SER D 501 -1.44 -12.22 21.24
N HIS D 502 -0.22 -12.06 21.72
CA HIS D 502 0.75 -11.16 21.11
C HIS D 502 1.68 -11.87 20.14
N LEU D 503 2.13 -13.07 20.49
CA LEU D 503 3.10 -13.79 19.68
C LEU D 503 2.45 -14.69 18.65
N GLY D 504 1.18 -15.03 18.85
CA GLY D 504 0.42 -15.90 17.98
C GLY D 504 0.29 -15.49 16.52
N PRO D 505 -0.35 -14.34 16.26
CA PRO D 505 -0.51 -13.90 14.86
C PRO D 505 0.80 -13.57 14.18
N LEU D 506 1.81 -13.19 14.96
CA LEU D 506 3.14 -12.98 14.42
C LEU D 506 3.72 -14.31 13.94
N GLN D 507 3.67 -15.34 14.80
CA GLN D 507 4.23 -16.65 14.47
C GLN D 507 3.51 -17.30 13.29
N ILE D 508 2.20 -17.13 13.22
CA ILE D 508 1.47 -17.74 12.12
C ILE D 508 1.66 -16.93 10.83
N SER D 509 1.89 -15.62 10.94
CA SER D 509 2.28 -14.86 9.74
C SER D 509 3.65 -15.27 9.23
N LEU D 510 4.62 -15.53 10.13
CA LEU D 510 5.93 -16.01 9.69
C LEU D 510 5.83 -17.38 9.04
N GLY D 511 5.00 -18.25 9.62
CA GLY D 511 4.78 -19.56 9.03
C GLY D 511 4.11 -19.50 7.67
N ARG D 512 3.26 -18.48 7.45
CA ARG D 512 2.66 -18.33 6.13
C ARG D 512 3.57 -17.61 5.14
N MET D 513 4.65 -16.96 5.59
CA MET D 513 5.65 -16.47 4.64
C MET D 513 6.76 -17.47 4.32
N LEU D 514 6.94 -18.49 5.16
CA LEU D 514 7.96 -19.50 4.88
C LEU D 514 7.69 -20.28 3.59
N LEU D 515 6.41 -20.52 3.27
CA LEU D 515 6.08 -21.23 2.05
C LEU D 515 6.35 -20.36 0.82
N ASP D 516 6.36 -19.04 0.98
CA ASP D 516 6.73 -18.14 -0.10
C ASP D 516 8.24 -17.92 -0.18
N ILE D 517 8.99 -18.18 0.90
CA ILE D 517 10.45 -18.22 0.78
C ILE D 517 10.90 -19.50 0.09
N LEU D 518 10.25 -20.63 0.40
CA LEU D 518 10.66 -21.92 -0.17
C LEU D 518 10.42 -22.00 -1.67
N LYS D 519 9.54 -21.18 -2.23
CA LYS D 519 9.43 -21.08 -3.68
C LYS D 519 10.62 -20.33 -4.28
N PHE D 520 11.30 -19.52 -3.47
CA PHE D 520 12.41 -18.70 -3.94
C PHE D 520 13.77 -19.36 -3.76
N LEU D 521 13.90 -20.20 -2.72
CA LEU D 521 15.17 -20.90 -2.49
C LEU D 521 15.47 -21.94 -3.57
N PHE D 522 14.45 -22.40 -4.30
CA PHE D 522 14.70 -23.29 -5.42
C PHE D 522 15.42 -22.57 -6.55
N ILE D 523 14.96 -21.35 -6.85
CA ILE D 523 15.57 -20.52 -7.88
C ILE D 523 16.98 -20.10 -7.48
N TYR D 524 17.15 -19.69 -6.22
CA TYR D 524 18.48 -19.36 -5.73
C TYR D 524 19.40 -20.57 -5.73
N CYS D 525 18.88 -21.75 -5.42
CA CYS D 525 19.72 -22.95 -5.46
C CYS D 525 20.12 -23.34 -6.88
N LEU D 526 19.30 -22.90 -7.83
CA LEU D 526 19.53 -23.02 -9.26
C LEU D 526 20.69 -22.13 -9.65
N VAL D 527 20.77 -20.97 -9.03
CA VAL D 527 21.86 -20.01 -9.22
C VAL D 527 23.16 -20.53 -8.58
N LEU D 528 23.07 -21.09 -7.40
CA LEU D 528 24.25 -21.57 -6.78
C LEU D 528 24.81 -22.67 -7.66
N LEU D 529 23.95 -23.52 -8.19
CA LEU D 529 24.38 -24.64 -9.01
C LEU D 529 25.10 -24.19 -10.24
N ALA D 530 24.60 -23.12 -10.82
CA ALA D 530 25.19 -22.49 -11.99
C ALA D 530 26.60 -21.98 -11.71
N PHE D 531 26.74 -21.13 -10.69
CA PHE D 531 28.06 -20.56 -10.42
C PHE D 531 29.03 -21.56 -9.80
N ALA D 532 28.52 -22.59 -9.12
CA ALA D 532 29.42 -23.64 -8.63
C ALA D 532 29.90 -24.52 -9.77
N ASN D 533 29.05 -24.73 -10.78
CA ASN D 533 29.49 -25.42 -11.99
C ASN D 533 30.58 -24.64 -12.69
N GLY D 534 30.41 -23.32 -12.81
CA GLY D 534 31.42 -22.52 -13.48
C GLY D 534 32.73 -22.41 -12.71
N LEU D 535 32.65 -22.15 -11.41
CA LEU D 535 33.87 -21.96 -10.62
C LEU D 535 34.60 -23.28 -10.36
N ASN D 536 33.86 -24.39 -10.19
CA ASN D 536 34.53 -25.69 -10.14
C ASN D 536 35.20 -26.01 -11.46
N GLN D 537 34.53 -25.67 -12.57
CA GLN D 537 35.09 -25.94 -13.88
C GLN D 537 36.34 -25.11 -14.14
N LEU D 538 36.40 -23.91 -13.57
CA LEU D 538 37.58 -23.09 -13.80
C LEU D 538 38.72 -23.44 -12.85
N TYR D 539 38.43 -23.79 -11.59
CA TYR D 539 39.46 -23.99 -10.59
C TYR D 539 39.72 -25.44 -10.22
N PHE D 540 39.21 -26.41 -10.97
CA PHE D 540 39.49 -27.78 -10.55
C PHE D 540 40.91 -28.22 -10.89
N TYR D 541 41.63 -27.46 -11.71
CA TYR D 541 43.01 -27.75 -12.07
C TYR D 541 44.00 -27.41 -10.96
N TYR D 542 43.56 -26.76 -9.90
CA TYR D 542 44.47 -26.16 -8.92
C TYR D 542 44.26 -26.73 -7.52
N GLU D 543 43.88 -28.00 -7.44
CA GLU D 543 43.78 -28.65 -6.14
C GLU D 543 45.17 -28.84 -5.55
N THR D 544 45.31 -28.52 -4.27
CA THR D 544 46.55 -28.73 -3.55
C THR D 544 46.27 -29.70 -2.40
N ARG D 545 47.25 -30.55 -2.11
CA ARG D 545 47.08 -31.49 -1.00
C ARG D 545 47.12 -30.74 0.32
N ALA D 546 46.54 -31.37 1.35
CA ALA D 546 46.45 -30.74 2.67
C ALA D 546 47.79 -30.58 3.35
N ILE D 547 48.81 -31.34 2.92
CA ILE D 547 50.15 -31.22 3.50
C ILE D 547 50.80 -29.90 3.09
N ASP D 548 50.43 -29.37 1.92
CA ASP D 548 51.08 -28.20 1.34
C ASP D 548 50.68 -26.89 2.01
N GLU D 549 49.63 -26.87 2.80
CA GLU D 549 49.22 -25.65 3.48
C GLU D 549 49.63 -25.72 4.95
N PRO D 550 49.71 -24.58 5.66
CA PRO D 550 50.02 -24.64 7.09
C PRO D 550 48.91 -25.27 7.90
N ASN D 551 49.30 -25.88 9.02
CA ASN D 551 48.45 -26.55 10.00
C ASN D 551 47.70 -27.75 9.44
N ASN D 552 48.10 -28.23 8.25
CA ASN D 552 47.53 -29.41 7.58
C ASN D 552 46.02 -29.26 7.37
N CYS D 553 45.63 -28.07 6.90
CA CYS D 553 44.23 -27.71 6.79
C CYS D 553 43.90 -27.40 5.34
N LYS D 554 42.78 -27.94 4.87
CA LYS D 554 42.35 -27.80 3.49
C LYS D 554 40.96 -27.18 3.46
N GLY D 555 40.71 -26.37 2.42
CA GLY D 555 39.39 -25.81 2.21
C GLY D 555 39.16 -24.55 3.04
N ILE D 556 37.90 -24.16 3.09
CA ILE D 556 37.41 -23.15 4.01
C ILE D 556 37.24 -23.85 5.35
N ARG D 557 36.93 -23.09 6.41
CA ARG D 557 37.06 -23.47 7.81
C ARG D 557 38.51 -23.72 8.17
N CYS D 558 39.41 -22.94 7.57
CA CYS D 558 40.81 -22.82 7.94
C CYS D 558 41.12 -21.36 8.23
N GLU D 559 42.24 -21.12 8.92
CA GLU D 559 42.72 -19.75 9.07
C GLU D 559 43.16 -19.18 7.73
N LYS D 560 43.73 -20.02 6.88
CA LYS D 560 44.10 -19.70 5.50
C LYS D 560 43.09 -20.38 4.59
N GLN D 561 42.20 -19.59 4.00
CA GLN D 561 41.18 -20.11 3.10
C GLN D 561 41.83 -20.44 1.77
N ASN D 562 42.06 -21.73 1.54
CA ASN D 562 43.03 -22.16 0.53
C ASN D 562 42.40 -22.79 -0.70
N ASN D 563 41.56 -23.81 -0.56
CA ASN D 563 40.98 -24.50 -1.71
C ASN D 563 39.47 -24.52 -1.55
N ALA D 564 38.83 -23.45 -2.01
CA ALA D 564 37.38 -23.37 -1.94
C ALA D 564 36.71 -23.83 -3.21
N PHE D 565 37.29 -23.53 -4.36
CA PHE D 565 36.66 -23.89 -5.63
C PHE D 565 37.30 -25.14 -6.22
N SER D 566 37.78 -26.04 -5.35
CA SER D 566 38.50 -27.23 -5.80
C SER D 566 37.54 -28.35 -6.18
N THR D 567 36.69 -28.77 -5.25
CA THR D 567 35.67 -29.77 -5.52
C THR D 567 34.31 -29.09 -5.61
N LEU D 568 33.31 -29.86 -6.02
CA LEU D 568 31.98 -29.30 -6.21
C LEU D 568 31.28 -29.04 -4.88
N PHE D 569 31.48 -29.91 -3.90
CA PHE D 569 30.86 -29.73 -2.59
C PHE D 569 31.47 -28.54 -1.87
N GLU D 570 32.77 -28.35 -2.01
CA GLU D 570 33.45 -27.24 -1.38
C GLU D 570 33.14 -25.94 -2.10
N THR D 571 32.78 -26.02 -3.38
CA THR D 571 32.40 -24.82 -4.13
C THR D 571 30.98 -24.38 -3.79
N LEU D 572 30.07 -25.35 -3.66
CA LEU D 572 28.72 -25.05 -3.17
C LEU D 572 28.77 -24.47 -1.77
N GLN D 573 29.65 -25.00 -0.95
CA GLN D 573 29.83 -24.46 0.37
C GLN D 573 30.38 -23.06 0.27
N SER D 574 31.36 -22.86 -0.60
CA SER D 574 32.02 -21.56 -0.73
C SER D 574 31.05 -20.48 -1.16
N LEU D 575 30.22 -20.76 -2.16
CA LEU D 575 29.25 -19.78 -2.60
C LEU D 575 28.10 -19.64 -1.62
N PHE D 576 27.89 -20.63 -0.75
CA PHE D 576 26.96 -20.42 0.35
C PHE D 576 27.53 -19.41 1.35
N TRP D 577 28.79 -19.57 1.74
CA TRP D 577 29.32 -18.70 2.78
C TRP D 577 29.62 -17.29 2.32
N SER D 578 29.59 -17.02 1.02
CA SER D 578 29.85 -15.68 0.52
C SER D 578 28.62 -14.78 0.49
N VAL D 579 27.42 -15.33 0.74
CA VAL D 579 26.24 -14.51 0.93
C VAL D 579 26.41 -13.65 2.16
N PHE D 580 27.04 -14.20 3.18
CA PHE D 580 27.45 -13.49 4.38
C PHE D 580 28.91 -13.10 4.16
N GLY D 581 29.40 -12.15 4.95
CA GLY D 581 30.74 -11.66 4.67
C GLY D 581 31.87 -12.56 5.12
N LEU D 582 31.83 -13.85 4.78
CA LEU D 582 32.73 -14.82 5.39
C LEU D 582 33.75 -15.43 4.45
N LEU D 583 33.66 -15.19 3.15
CA LEU D 583 34.83 -15.45 2.31
C LEU D 583 35.70 -14.21 2.21
N ASN D 584 36.79 -14.35 1.49
CA ASN D 584 37.76 -13.29 1.30
C ASN D 584 38.16 -13.30 -0.17
N LEU D 585 38.83 -12.24 -0.59
CA LEU D 585 39.24 -12.18 -1.99
C LEU D 585 40.50 -12.99 -2.27
N TYR D 586 41.24 -13.39 -1.24
CA TYR D 586 42.38 -14.25 -1.50
C TYR D 586 41.97 -15.68 -1.84
N VAL D 587 40.69 -16.01 -1.69
CA VAL D 587 40.16 -17.32 -2.07
C VAL D 587 40.30 -17.58 -3.55
N THR D 588 40.02 -16.58 -4.40
CA THR D 588 39.96 -16.79 -5.84
C THR D 588 41.32 -16.84 -6.52
N ASN D 589 42.41 -16.81 -5.77
CA ASN D 589 43.74 -16.96 -6.32
C ASN D 589 44.13 -18.41 -6.48
N VAL D 590 45.16 -18.63 -7.29
CA VAL D 590 45.84 -19.91 -7.36
C VAL D 590 47.30 -19.66 -7.03
N LYS D 591 48.01 -20.75 -6.70
CA LYS D 591 49.43 -20.63 -6.44
C LYS D 591 50.22 -20.36 -7.71
N ALA D 592 49.67 -20.76 -8.86
CA ALA D 592 50.40 -20.72 -10.12
C ALA D 592 50.42 -19.36 -10.79
N ARG D 593 49.79 -18.34 -10.19
CA ARG D 593 49.84 -16.94 -10.61
C ARG D 593 49.30 -16.72 -12.03
N HIS D 594 48.16 -17.32 -12.34
CA HIS D 594 47.52 -17.12 -13.64
C HIS D 594 46.52 -15.98 -13.53
N GLU D 595 46.91 -14.79 -13.99
CA GLU D 595 46.13 -13.59 -13.73
C GLU D 595 44.86 -13.52 -14.56
N PHE D 596 44.81 -14.17 -15.72
CA PHE D 596 43.59 -14.15 -16.51
C PHE D 596 42.51 -15.03 -15.90
N THR D 597 42.87 -16.25 -15.51
CA THR D 597 41.88 -17.14 -14.91
C THR D 597 41.50 -16.70 -13.50
N GLU D 598 42.41 -16.08 -12.76
CA GLU D 598 42.04 -15.51 -11.48
C GLU D 598 41.14 -14.30 -11.66
N PHE D 599 41.37 -13.52 -12.72
CA PHE D 599 40.48 -12.38 -12.97
C PHE D 599 39.10 -12.83 -13.42
N VAL D 600 39.03 -13.80 -14.32
CA VAL D 600 37.74 -14.34 -14.79
C VAL D 600 36.99 -14.99 -13.64
N GLY D 601 37.70 -15.70 -12.76
CA GLY D 601 37.07 -16.28 -11.60
C GLY D 601 36.58 -15.24 -10.60
N ALA D 602 37.31 -14.12 -10.48
CA ALA D 602 36.86 -13.04 -9.61
C ALA D 602 35.67 -12.29 -10.21
N THR D 603 35.53 -12.27 -11.53
CA THR D 603 34.37 -11.65 -12.14
C THR D 603 33.15 -12.55 -12.04
N MET D 604 33.36 -13.87 -12.10
CA MET D 604 32.30 -14.83 -11.84
C MET D 604 31.83 -14.76 -10.39
N PHE D 605 32.77 -14.61 -9.46
CA PHE D 605 32.42 -14.43 -8.05
C PHE D 605 31.74 -13.07 -7.81
N GLY D 606 32.13 -12.06 -8.58
CA GLY D 606 31.50 -10.76 -8.45
C GLY D 606 30.08 -10.73 -8.96
N THR D 607 29.83 -11.38 -10.10
CA THR D 607 28.46 -11.46 -10.60
C THR D 607 27.59 -12.37 -9.75
N TYR D 608 28.19 -13.39 -9.11
CA TYR D 608 27.43 -14.12 -8.10
C TYR D 608 27.05 -13.22 -6.93
N ASN D 609 27.95 -12.33 -6.53
CA ASN D 609 27.62 -11.44 -5.41
C ASN D 609 26.57 -10.41 -5.80
N VAL D 610 26.58 -9.92 -7.04
CA VAL D 610 25.56 -8.97 -7.48
C VAL D 610 24.21 -9.64 -7.62
N ILE D 611 24.18 -10.82 -8.24
CA ILE D 611 22.92 -11.54 -8.44
C ILE D 611 22.34 -11.99 -7.10
N SER D 612 23.16 -12.61 -6.27
CA SER D 612 22.64 -13.18 -5.03
C SER D 612 22.36 -12.12 -3.97
N LEU D 613 23.22 -11.11 -3.84
CA LEU D 613 23.09 -10.19 -2.72
C LEU D 613 22.32 -8.92 -3.03
N VAL D 614 22.48 -8.37 -4.22
CA VAL D 614 21.82 -7.12 -4.58
C VAL D 614 20.48 -7.40 -5.25
N VAL D 615 20.45 -8.35 -6.18
CA VAL D 615 19.23 -8.61 -6.94
C VAL D 615 18.29 -9.52 -6.16
N LEU D 616 18.71 -10.77 -5.90
CA LEU D 616 17.78 -11.78 -5.40
C LEU D 616 17.38 -11.55 -3.94
N LEU D 617 18.29 -11.04 -3.11
CA LEU D 617 17.96 -10.82 -1.71
C LEU D 617 16.92 -9.72 -1.55
N ASN D 618 17.07 -8.64 -2.32
CA ASN D 618 16.12 -7.54 -2.22
C ASN D 618 14.81 -7.86 -2.94
N MET D 619 14.86 -8.70 -3.97
CA MET D 619 13.63 -9.23 -4.54
C MET D 619 12.89 -10.14 -3.57
N LEU D 620 13.64 -10.85 -2.71
CA LEU D 620 13.02 -11.60 -1.62
C LEU D 620 12.43 -10.67 -0.57
N ILE D 621 13.04 -9.50 -0.36
CA ILE D 621 12.50 -8.51 0.57
C ILE D 621 11.18 -7.96 0.04
N ALA D 622 11.15 -7.56 -1.23
CA ALA D 622 9.91 -7.07 -1.84
C ALA D 622 8.85 -8.15 -1.91
N MET D 623 9.27 -9.40 -2.14
CA MET D 623 8.36 -10.54 -2.13
C MET D 623 7.72 -10.74 -0.78
N MET D 624 8.49 -10.58 0.30
CA MET D 624 7.90 -10.75 1.62
C MET D 624 7.14 -9.52 2.09
N ASN D 625 7.40 -8.34 1.53
CA ASN D 625 6.50 -7.22 1.76
C ASN D 625 5.14 -7.49 1.18
N ASN D 626 5.10 -7.88 -0.11
CA ASN D 626 3.82 -8.09 -0.77
C ASN D 626 3.10 -9.32 -0.23
N SER D 627 3.84 -10.32 0.26
CA SER D 627 3.15 -11.44 0.88
C SER D 627 2.67 -11.09 2.28
N TYR D 628 3.47 -10.33 3.03
CA TYR D 628 3.09 -10.00 4.41
C TYR D 628 1.89 -9.07 4.45
N GLN D 629 1.71 -8.22 3.43
CA GLN D 629 0.52 -7.39 3.37
C GLN D 629 -0.73 -8.22 3.13
N LEU D 630 -0.63 -9.28 2.31
CA LEU D 630 -1.78 -10.14 2.07
C LEU D 630 -2.07 -11.02 3.28
N ILE D 631 -1.03 -11.46 3.98
CA ILE D 631 -1.20 -12.34 5.13
C ILE D 631 -1.75 -11.56 6.33
N ALA D 632 -1.30 -10.32 6.50
CA ALA D 632 -1.68 -9.54 7.68
C ALA D 632 -3.12 -9.05 7.66
N ASP D 633 -3.90 -9.27 6.60
CA ASP D 633 -5.31 -8.98 6.63
C ASP D 633 -6.11 -10.15 7.19
N HIS D 634 -5.81 -11.36 6.73
CA HIS D 634 -6.46 -12.57 7.22
C HIS D 634 -5.88 -13.06 8.54
N ALA D 635 -4.90 -12.39 9.11
CA ALA D 635 -4.46 -12.69 10.47
C ALA D 635 -5.57 -12.33 11.46
N ASP D 636 -5.49 -12.94 12.64
CA ASP D 636 -6.45 -12.97 13.78
C ASP D 636 -7.69 -13.80 13.49
N ILE D 637 -7.84 -14.38 12.30
CA ILE D 637 -8.80 -15.45 12.13
C ILE D 637 -8.03 -16.67 11.65
N GLU D 638 -6.88 -16.41 11.02
CA GLU D 638 -5.92 -17.46 10.76
C GLU D 638 -5.23 -17.87 12.04
N TRP D 639 -4.97 -16.89 12.93
CA TRP D 639 -4.41 -17.19 14.23
C TRP D 639 -5.38 -17.94 15.13
N LYS D 640 -6.66 -17.54 15.15
CA LYS D 640 -7.60 -18.15 16.07
C LYS D 640 -7.96 -19.57 15.64
N PHE D 641 -7.84 -19.89 14.36
CA PHE D 641 -8.06 -21.26 13.92
C PHE D 641 -7.00 -22.19 14.47
N ALA D 642 -5.74 -21.76 14.42
CA ALA D 642 -4.66 -22.55 14.99
C ALA D 642 -4.70 -22.56 16.51
N ARG D 643 -5.21 -21.49 17.13
CA ARG D 643 -5.34 -21.49 18.57
C ARG D 643 -6.46 -22.42 19.02
N THR D 644 -7.52 -22.56 18.22
CA THR D 644 -8.54 -23.55 18.55
C THR D 644 -8.11 -24.97 18.21
N LYS D 645 -7.17 -25.15 17.28
CA LYS D 645 -6.61 -26.48 17.11
C LYS D 645 -5.72 -26.84 18.29
N LEU D 646 -4.93 -25.88 18.79
CA LEU D 646 -4.09 -26.13 19.96
C LEU D 646 -4.93 -26.32 21.21
N TRP D 647 -5.96 -25.51 21.38
CA TRP D 647 -6.89 -25.68 22.51
C TRP D 647 -7.61 -27.01 22.43
N MET D 648 -8.11 -27.35 21.26
CA MET D 648 -8.95 -28.52 21.10
C MET D 648 -8.13 -29.81 21.05
N SER D 649 -6.81 -29.70 20.97
CA SER D 649 -5.96 -30.86 21.21
C SER D 649 -5.90 -31.28 22.68
N TYR D 650 -6.21 -30.37 23.61
CA TYR D 650 -6.16 -30.67 25.04
C TYR D 650 -7.52 -30.98 25.63
N PHE D 651 -8.54 -31.19 24.81
CA PHE D 651 -9.86 -31.55 25.33
C PHE D 651 -10.05 -33.05 25.45
N ASP D 652 -9.17 -33.85 24.87
CA ASP D 652 -9.40 -35.28 24.76
C ASP D 652 -9.11 -35.99 26.08
N GLU D 653 -9.39 -37.29 26.10
CA GLU D 653 -9.25 -38.09 27.31
C GLU D 653 -7.78 -38.35 27.64
N GLY D 654 -6.91 -38.34 26.64
CA GLY D 654 -5.53 -38.69 26.84
C GLY D 654 -4.69 -37.56 27.40
N GLY D 655 -4.87 -37.27 28.69
CA GLY D 655 -4.17 -36.18 29.33
C GLY D 655 -2.90 -36.58 30.05
N THR D 656 -2.43 -37.81 29.84
CA THR D 656 -1.25 -38.30 30.54
C THR D 656 0.02 -37.61 30.03
N LEU D 657 0.90 -37.28 30.97
CA LEU D 657 1.99 -36.35 30.73
C LEU D 657 3.25 -37.05 30.20
N PRO D 658 3.81 -36.43 29.17
CA PRO D 658 4.95 -36.88 28.38
C PRO D 658 6.25 -36.62 29.08
N PRO D 659 6.17 -36.24 30.34
CA PRO D 659 7.35 -36.00 31.15
C PRO D 659 7.81 -37.32 31.74
N PRO D 660 7.35 -38.41 31.10
CA PRO D 660 7.57 -39.83 31.38
C PRO D 660 6.49 -40.49 32.24
N PHE D 661 5.58 -39.66 32.73
CA PHE D 661 4.42 -40.09 33.52
C PHE D 661 3.45 -40.82 32.59
N ASN D 662 3.73 -40.70 31.30
CA ASN D 662 3.00 -41.22 30.18
C ASN D 662 3.17 -42.72 30.02
N ILE D 663 3.96 -43.36 30.89
CA ILE D 663 4.21 -44.79 30.73
C ILE D 663 3.76 -45.54 31.97
N LEU D 707 -32.97 -38.78 18.09
CA LEU D 707 -33.99 -38.05 17.34
C LEU D 707 -34.35 -36.75 18.02
N ILE D 708 -34.20 -36.71 19.35
CA ILE D 708 -34.50 -35.51 20.12
C ILE D 708 -33.49 -34.42 19.80
N GLN D 709 -32.22 -34.81 19.65
CA GLN D 709 -31.16 -33.87 19.28
C GLN D 709 -31.38 -33.30 17.89
N ASN D 710 -31.90 -34.11 16.96
CA ASN D 710 -32.19 -33.59 15.64
C ASN D 710 -33.43 -32.70 15.62
N GLN D 711 -34.40 -32.95 16.50
CA GLN D 711 -35.56 -32.07 16.58
C GLN D 711 -35.19 -30.72 17.17
N HIS D 712 -34.35 -30.72 18.21
CA HIS D 712 -33.85 -29.46 18.75
C HIS D 712 -32.95 -28.74 17.75
N TYR D 713 -32.18 -29.50 16.96
CA TYR D 713 -31.27 -28.88 16.01
C TYR D 713 -32.01 -28.27 14.83
N GLN D 714 -33.06 -28.94 14.34
CA GLN D 714 -33.88 -28.33 13.30
C GLN D 714 -34.69 -27.16 13.86
N GLU D 715 -35.03 -27.23 15.14
CA GLU D 715 -35.74 -26.13 15.79
C GLU D 715 -34.85 -24.90 15.93
N VAL D 716 -33.53 -25.09 16.07
CA VAL D 716 -32.63 -23.94 16.10
C VAL D 716 -32.32 -23.46 14.67
N ILE D 717 -32.05 -24.40 13.76
CA ILE D 717 -31.69 -24.09 12.37
C ILE D 717 -32.80 -23.34 11.65
N ARG D 718 -34.07 -23.65 11.94
CA ARG D 718 -35.19 -22.93 11.34
C ARG D 718 -35.19 -21.46 11.75
N ASN D 719 -34.90 -21.18 13.02
CA ASN D 719 -34.84 -19.80 13.49
C ASN D 719 -33.64 -19.08 12.92
N LEU D 720 -32.49 -19.76 12.81
CA LEU D 720 -31.29 -19.13 12.27
C LEU D 720 -31.43 -18.81 10.79
N VAL D 721 -32.05 -19.71 10.04
CA VAL D 721 -32.30 -19.46 8.62
C VAL D 721 -33.30 -18.33 8.45
N LYS D 722 -34.32 -18.27 9.31
CA LYS D 722 -35.36 -17.26 9.16
C LYS D 722 -34.83 -15.86 9.47
N ARG D 723 -34.11 -15.72 10.59
CA ARG D 723 -33.56 -14.41 10.89
C ARG D 723 -32.31 -14.09 10.09
N TYR D 724 -31.62 -15.11 9.56
CA TYR D 724 -30.55 -14.87 8.60
C TYR D 724 -31.06 -14.25 7.32
N VAL D 725 -32.10 -14.84 6.74
CA VAL D 725 -32.66 -14.36 5.47
C VAL D 725 -33.30 -12.99 5.67
N ALA D 726 -33.92 -12.77 6.84
CA ALA D 726 -34.42 -11.43 7.16
C ALA D 726 -33.30 -10.41 7.27
N ALA D 727 -32.16 -10.80 7.86
CA ALA D 727 -31.01 -9.90 7.95
C ALA D 727 -30.38 -9.65 6.58
N MET D 728 -30.45 -10.61 5.67
CA MET D 728 -29.82 -10.43 4.37
C MET D 728 -30.66 -9.57 3.45
N ILE D 729 -31.99 -9.70 3.50
CA ILE D 729 -32.84 -8.79 2.73
C ILE D 729 -32.80 -7.39 3.32
N ARG D 730 -32.67 -7.29 4.65
CA ARG D 730 -32.43 -6.00 5.29
C ARG D 730 -31.11 -5.37 4.81
N ASN D 731 -30.04 -6.17 4.74
CA ASN D 731 -28.77 -5.64 4.26
C ASN D 731 -28.80 -5.32 2.77
N SER D 732 -29.63 -6.03 1.99
CA SER D 732 -29.76 -5.66 0.59
C SER D 732 -30.57 -4.39 0.42
N LYS D 733 -31.48 -4.09 1.34
CA LYS D 733 -32.19 -2.82 1.26
C LYS D 733 -31.30 -1.66 1.67
N THR D 734 -30.45 -1.86 2.70
CA THR D 734 -29.59 -0.76 3.13
C THR D 734 -28.40 -0.55 2.19
N ASN D 735 -27.74 -1.62 1.77
CA ASN D 735 -26.41 -1.48 1.18
C ASN D 735 -26.39 -1.46 -0.34
N GLU D 736 -27.51 -1.74 -1.02
CA GLU D 736 -27.53 -1.68 -2.47
C GLU D 736 -27.66 -0.23 -2.93
N GLY D 737 -26.68 0.24 -3.70
CA GLY D 737 -26.78 1.56 -4.28
C GLY D 737 -27.70 1.58 -5.49
N LEU D 738 -28.26 2.76 -5.76
CA LEU D 738 -29.19 2.89 -6.87
C LEU D 738 -28.47 2.88 -8.21
N THR D 739 -29.19 2.40 -9.23
CA THR D 739 -28.63 2.18 -10.56
C THR D 739 -29.58 2.72 -11.62
N GLU D 740 -29.21 2.50 -12.88
CA GLU D 740 -29.94 3.11 -13.99
C GLU D 740 -31.31 2.46 -14.20
N GLU D 741 -31.42 1.16 -13.96
CA GLU D 741 -32.71 0.49 -14.17
C GLU D 741 -33.74 0.91 -13.13
N ASN D 742 -33.30 1.21 -11.90
CA ASN D 742 -34.18 1.81 -10.91
C ASN D 742 -34.64 3.20 -11.32
N PHE D 743 -33.80 3.92 -12.06
CA PHE D 743 -34.23 5.20 -12.64
C PHE D 743 -35.27 5.00 -13.73
N LYS D 744 -35.11 3.95 -14.54
CA LYS D 744 -36.09 3.66 -15.59
C LYS D 744 -37.43 3.23 -15.00
N GLU D 745 -37.43 2.63 -13.81
CA GLU D 745 -38.68 2.20 -13.20
C GLU D 745 -39.51 3.41 -12.73
N LEU D 746 -38.85 4.38 -12.07
CA LEU D 746 -39.54 5.63 -11.72
C LEU D 746 -39.98 6.40 -12.95
N LYS D 747 -39.14 6.40 -13.99
CA LYS D 747 -39.48 7.13 -15.21
C LYS D 747 -40.70 6.52 -15.90
N GLN D 748 -40.84 5.20 -15.85
CA GLN D 748 -42.03 4.57 -16.43
C GLN D 748 -43.24 4.72 -15.52
N ASP D 749 -43.04 4.81 -14.21
CA ASP D 749 -44.17 5.00 -13.32
C ASP D 749 -44.79 6.38 -13.50
N ILE D 750 -43.96 7.41 -13.59
CA ILE D 750 -44.46 8.76 -13.82
C ILE D 750 -44.99 8.91 -15.24
N SER D 751 -44.34 8.24 -16.19
CA SER D 751 -44.77 8.31 -17.59
C SER D 751 -46.10 7.59 -17.79
N SER D 752 -46.23 6.39 -17.23
CA SER D 752 -47.46 5.61 -17.39
C SER D 752 -48.63 6.24 -16.65
N PHE D 753 -48.36 6.76 -15.46
CA PHE D 753 -49.39 7.51 -14.73
C PHE D 753 -49.77 8.79 -15.46
N ARG D 754 -48.80 9.40 -16.16
CA ARG D 754 -49.09 10.56 -16.99
C ARG D 754 -50.03 10.23 -18.14
N TYR D 755 -49.71 9.19 -18.91
CA TYR D 755 -50.58 8.83 -20.03
C TYR D 755 -51.92 8.30 -19.57
N GLU D 756 -51.99 7.73 -18.36
CA GLU D 756 -53.27 7.24 -17.87
C GLU D 756 -54.17 8.40 -17.44
N VAL D 757 -53.59 9.42 -16.79
CA VAL D 757 -54.40 10.60 -16.43
C VAL D 757 -54.81 11.40 -17.66
N LEU D 758 -53.89 11.51 -18.64
CA LEU D 758 -54.24 12.20 -19.88
C LEU D 758 -55.28 11.43 -20.68
N ASP D 759 -55.29 10.10 -20.58
CA ASP D 759 -56.33 9.32 -21.23
C ASP D 759 -57.65 9.34 -20.48
N LEU D 760 -57.64 9.58 -19.17
CA LEU D 760 -58.92 9.77 -18.49
C LEU D 760 -59.50 11.16 -18.72
N LEU D 761 -58.64 12.17 -18.83
CA LEU D 761 -59.12 13.54 -19.01
C LEU D 761 -59.29 13.93 -20.47
N GLY D 762 -59.04 13.02 -21.40
CA GLY D 762 -59.20 13.30 -22.81
C GLY D 762 -60.39 12.58 -23.43
#